data_1GL9
#
_entry.id   1GL9
#
_cell.length_a   132.410
_cell.length_b   68.690
_cell.length_c   134.000
_cell.angle_alpha   90.00
_cell.angle_beta   99.70
_cell.angle_gamma   90.00
#
_symmetry.space_group_name_H-M   'P 1 21 1'
#
loop_
_entity.id
_entity.type
_entity.pdbx_description
1 polymer 'REVERSE GYRASE'
2 non-polymer 'PHOSPHOAMINOPHOSPHONIC ACID-ADENYLATE ESTER'
3 non-polymer 'MAGNESIUM ION'
#
_entity_poly.entity_id   1
_entity_poly.type   'polypeptide(L)'
_entity_poly.pdbx_seq_one_letter_code
;MIPVVYSNLCPVCGGDLESKEIEKHVCFRKKRSLCLFPEDFLLKEFVEFFRKCVGEPRAIQKMWAKRILRKESFAATAPT
GVGKTSFGLAMSLFLALKGKRCYVIFPTSLLVIQAAETIRKYAEKAGVGTENLIGYYHGRIPKREKENFMQNLRNFKIVI
TTTQFLSKHYRELGHFDFIFVDDVDAILKASKNVDKLLHLLGFHYDLKTKSWVGEARGCLMVSTATAKKGKKAELFRQLL
NFDIGSSRITVRNVEDVAVNDESISTLSSILEKLGTGGIIYARTGEEAEEIYESLKNKFRIGIVTATKKGDYEKFVEGEI
DHLIGTAHYYGTLVRGLDLPERIRFAVFVGCPSFRVTIEDIDSLSPQMVKLLAYLYRNVDEIERLLPAVERHIDEVREIL
KKVMGKERPQAKDVVVREGEVIFPDLRTYIQGSGRTSRLFAGGLTKGASFLLEDDSELLSAFIERAKLYDIEFKSIDEVD
FEKLSRELDESRDRYRRRQEFDLIKPALFIVESPTKARQISRFFGKPSVKVLDGAVVYEIPMQKYVLMVTASIGHVVDLI
TNRGFHGVLVNGRFVPVYASIKRCRDCGYQFTEDRESCPKCGSENVDNSRSRIEALRKLAHDAEFVIVGTDPDTEGEKIA
WDLKNLLSGCGAVKRAEFHEVTRRAILEALESLRDVDENLVKAQVVRRIEDRWIGFVLSQKLWERFNNRNLSAGRAQTLV
LGWIIDRFQESRERRKIAIVRDFDLVLEHDEEEFDLTIKLVEEREELRTPLPPYTTETMLSDANRILKFSVKQTMQIAQE
LFENGLITYHRTDSTRVSDVGQRIAKEYLGDDFVGREWGESGAHECIRPTRPLTRDDVQRLIQEGVLVVEGLRWEHFALY
DLIFRRFMASQCRPFKVVVKKYSIEFDGKTAEEERIVRAEGRAYELYRAVWVKNELPTGTFRVKAEVKSVPKVLPFTQSE
IIQMMKERGIGRPSTYATIVDRLFMRNYVVEKYGRMIPTKLGIDVFRFLVRRYAKFVSEDRTRDLESRMDAIERGELDYL
KALEDMYAEIKSID
;
_entity_poly.pdbx_strand_id   B,C
#
# COMPACT_ATOMS: atom_id res chain seq x y z
N ILE A 2 13.46 40.46 35.93
CA ILE A 2 13.44 41.78 36.65
C ILE A 2 12.72 42.78 35.77
N PRO A 3 11.38 42.76 35.88
CA PRO A 3 10.51 43.60 35.07
C PRO A 3 9.45 44.33 35.83
N VAL A 4 9.44 45.66 35.68
CA VAL A 4 8.47 46.55 36.31
C VAL A 4 7.85 47.44 35.22
N VAL A 5 7.05 48.43 35.62
CA VAL A 5 6.40 49.35 34.67
C VAL A 5 5.64 48.64 33.56
N TYR A 6 5.03 49.41 32.67
CA TYR A 6 4.25 48.85 31.57
C TYR A 6 3.59 49.95 30.71
N PRO A 11 11.20 40.11 36.77
CA PRO A 11 10.75 38.85 36.18
C PRO A 11 9.37 38.52 36.76
N VAL A 12 8.41 38.34 35.86
CA VAL A 12 6.99 38.05 36.14
C VAL A 12 6.18 39.30 35.81
N CYS A 13 5.70 39.39 34.57
CA CYS A 13 4.89 40.53 34.14
C CYS A 13 3.44 40.19 34.45
N GLY A 14 2.67 41.17 34.93
CA GLY A 14 1.27 40.94 35.27
C GLY A 14 0.45 42.03 34.61
N GLY A 15 -0.87 41.83 34.52
CA GLY A 15 -1.78 42.79 33.88
C GLY A 15 -1.87 44.15 34.60
N LEU A 17 9.77 38.99 32.09
CA LEU A 17 8.85 38.00 31.51
C LEU A 17 9.00 36.55 32.00
N GLU A 18 9.56 36.40 33.21
CA GLU A 18 9.76 35.10 33.87
C GLU A 18 8.52 34.28 33.69
N SER A 19 7.41 34.84 34.14
CA SER A 19 6.12 34.19 33.99
C SER A 19 5.11 35.31 33.74
N LYS A 20 4.18 35.09 32.83
CA LYS A 20 3.21 36.13 32.60
C LYS A 20 2.06 35.68 33.52
N GLU A 21 1.71 36.54 34.46
CA GLU A 21 0.62 36.26 35.38
C GLU A 21 -0.45 37.22 34.85
N ILE A 22 -1.44 36.66 34.19
CA ILE A 22 -2.46 37.51 33.59
C ILE A 22 -3.94 37.26 33.96
N GLU A 23 -4.74 38.33 33.96
CA GLU A 23 -6.15 38.17 34.22
C GLU A 23 -6.83 38.15 32.84
N LYS A 24 -7.08 39.34 32.28
CA LYS A 24 -7.76 39.50 30.97
C LYS A 24 -8.83 40.57 31.13
N HIS A 25 -8.78 41.62 30.32
CA HIS A 25 -9.75 42.71 30.41
C HIS A 25 -9.58 43.39 31.77
N LYS A 31 10.77 51.71 37.57
CA LYS A 31 9.99 52.79 36.97
C LYS A 31 10.27 52.89 35.47
N ARG A 32 11.35 52.23 35.05
CA ARG A 32 11.78 52.20 33.66
C ARG A 32 10.65 51.79 32.69
N SER A 33 11.02 51.42 31.47
CA SER A 33 10.04 51.00 30.46
C SER A 33 10.23 49.53 30.11
N LEU A 34 9.24 48.96 29.43
CA LEU A 34 9.28 47.55 29.07
C LEU A 34 9.95 47.21 27.73
N CYS A 35 9.75 48.05 26.74
CA CYS A 35 10.33 47.77 25.43
C CYS A 35 11.47 48.70 25.16
N LEU A 36 12.49 48.66 26.00
CA LEU A 36 13.62 49.54 25.82
C LEU A 36 14.88 48.74 25.55
N PHE A 37 15.62 49.15 24.54
CA PHE A 37 16.85 48.45 24.20
C PHE A 37 18.01 49.41 24.39
N PRO A 38 19.20 48.87 24.64
CA PRO A 38 20.39 49.69 24.84
C PRO A 38 20.59 50.82 23.84
N GLU A 39 20.81 50.46 22.59
CA GLU A 39 21.06 51.45 21.57
C GLU A 39 19.94 52.46 21.42
N ASP A 40 18.91 52.37 22.26
CA ASP A 40 17.78 53.30 22.18
C ASP A 40 18.16 54.75 22.47
N PHE A 41 19.18 54.95 23.30
CA PHE A 41 19.61 56.29 23.61
C PHE A 41 20.62 56.75 22.59
N LEU A 42 21.17 55.78 21.86
CA LEU A 42 22.15 56.08 20.82
C LEU A 42 21.35 56.42 19.58
N LEU A 43 20.16 55.83 19.48
CA LEU A 43 19.31 56.10 18.35
C LEU A 43 18.77 57.51 18.39
N LYS A 44 17.93 57.82 19.37
CA LYS A 44 17.31 59.14 19.44
C LYS A 44 18.27 60.27 19.09
N GLU A 45 19.54 60.11 19.45
CA GLU A 45 20.55 61.11 19.14
C GLU A 45 20.65 61.18 17.63
N PHE A 46 20.84 60.01 17.03
CA PHE A 46 20.95 59.88 15.59
C PHE A 46 19.77 60.55 14.88
N VAL A 47 18.56 60.26 15.34
CA VAL A 47 17.38 60.84 14.72
C VAL A 47 17.56 62.33 14.67
N GLU A 48 17.70 62.96 15.82
CA GLU A 48 17.86 64.40 15.89
C GLU A 48 18.93 64.80 14.89
N PHE A 49 20.04 64.08 14.90
CA PHE A 49 21.12 64.35 13.98
C PHE A 49 20.60 64.37 12.56
N PHE A 50 19.86 63.32 12.21
CA PHE A 50 19.29 63.18 10.88
C PHE A 50 18.41 64.37 10.59
N ARG A 51 17.63 64.76 11.60
CA ARG A 51 16.72 65.89 11.48
C ARG A 51 17.47 67.17 11.10
N LYS A 52 18.77 67.21 11.37
CA LYS A 52 19.55 68.39 11.08
C LYS A 52 20.29 68.35 9.73
N CYS A 53 20.45 67.17 9.16
CA CYS A 53 21.14 67.08 7.87
C CYS A 53 20.22 66.70 6.71
N VAL A 54 19.09 66.07 7.01
CA VAL A 54 18.18 65.67 5.95
C VAL A 54 16.74 65.96 6.27
N GLY A 55 16.29 65.56 7.45
CA GLY A 55 14.91 65.80 7.79
C GLY A 55 14.38 64.82 8.82
N GLU A 56 13.10 64.48 8.73
CA GLU A 56 12.52 63.58 9.70
C GLU A 56 12.65 62.13 9.26
N PRO A 57 13.54 61.39 9.92
CA PRO A 57 13.78 59.97 9.63
C PRO A 57 12.50 59.22 9.36
N ARG A 58 12.45 58.48 8.24
CA ARG A 58 11.31 57.65 7.86
C ARG A 58 11.23 56.39 8.72
N ALA A 59 10.03 55.89 8.96
CA ALA A 59 9.91 54.70 9.80
C ALA A 59 10.99 53.67 9.46
N ILE A 60 11.03 53.20 8.22
CA ILE A 60 12.01 52.22 7.77
C ILE A 60 13.47 52.70 7.92
N GLN A 61 13.69 54.00 7.83
CA GLN A 61 15.05 54.51 8.02
C GLN A 61 15.44 54.33 9.49
N LYS A 62 14.48 54.52 10.38
CA LYS A 62 14.73 54.36 11.79
C LYS A 62 15.02 52.90 12.09
N MET A 63 14.27 51.99 11.47
CA MET A 63 14.51 50.58 11.72
C MET A 63 15.93 50.20 11.30
N TRP A 64 16.41 50.71 10.17
CA TRP A 64 17.76 50.33 9.76
C TRP A 64 18.74 50.72 10.83
N ALA A 65 18.72 52.00 11.20
CA ALA A 65 19.61 52.51 12.24
C ALA A 65 19.75 51.45 13.34
N LYS A 66 18.67 51.15 14.05
CA LYS A 66 18.70 50.12 15.09
C LYS A 66 19.62 48.99 14.66
N ARG A 67 19.28 48.37 13.54
CA ARG A 67 20.06 47.28 12.99
C ARG A 67 21.54 47.63 13.07
N ILE A 68 21.91 48.77 12.51
CA ILE A 68 23.31 49.15 12.54
C ILE A 68 23.85 49.45 13.94
N LEU A 69 23.11 50.24 14.72
CA LEU A 69 23.57 50.56 16.07
C LEU A 69 23.72 49.31 16.92
N ARG A 70 23.28 48.16 16.40
CA ARG A 70 23.43 46.92 17.15
C ARG A 70 24.40 46.04 16.39
N LYS A 71 25.03 46.61 15.37
CA LYS A 71 25.99 45.87 14.56
C LYS A 71 25.39 44.61 13.91
N GLU A 72 24.31 44.77 13.15
CA GLU A 72 23.65 43.64 12.47
C GLU A 72 23.70 43.83 10.95
N SER A 73 24.35 42.89 10.26
CA SER A 73 24.44 42.97 8.80
C SER A 73 23.18 42.39 8.17
N PHE A 74 22.71 43.01 7.10
CA PHE A 74 21.49 42.58 6.45
C PHE A 74 21.38 43.21 5.08
N ALA A 75 20.42 42.72 4.30
CA ALA A 75 20.21 43.20 2.95
C ALA A 75 19.05 44.19 2.91
N ALA A 76 19.37 45.47 2.84
CA ALA A 76 18.35 46.51 2.81
C ALA A 76 17.40 46.34 1.65
N THR A 77 16.18 45.94 1.95
CA THR A 77 15.11 45.75 0.96
C THR A 77 13.97 46.68 1.34
N ALA A 78 13.55 47.54 0.39
CA ALA A 78 12.47 48.51 0.60
C ALA A 78 12.11 49.28 -0.68
N PRO A 79 10.92 49.90 -0.72
CA PRO A 79 10.38 50.68 -1.85
C PRO A 79 11.33 51.76 -2.25
N THR A 80 11.29 52.17 -3.51
CA THR A 80 12.18 53.24 -3.93
C THR A 80 11.62 54.50 -3.30
N GLY A 81 12.34 55.61 -3.45
CA GLY A 81 11.86 56.85 -2.87
C GLY A 81 12.21 56.93 -1.40
N VAL A 82 12.47 55.80 -0.76
CA VAL A 82 12.85 55.81 0.65
C VAL A 82 14.30 56.25 0.73
N GLY A 83 14.63 57.06 1.72
CA GLY A 83 16.01 57.53 1.82
C GLY A 83 17.10 56.53 2.18
N LYS A 84 17.36 55.56 1.32
CA LYS A 84 18.40 54.57 1.62
C LYS A 84 19.78 55.22 1.47
N THR A 85 20.08 55.73 0.29
CA THR A 85 21.37 56.33 0.07
C THR A 85 21.68 57.40 1.12
N SER A 86 20.71 58.25 1.40
CA SER A 86 20.91 59.31 2.38
C SER A 86 21.26 58.67 3.70
N PHE A 87 20.45 57.72 4.13
CA PHE A 87 20.69 57.03 5.39
C PHE A 87 22.15 56.60 5.50
N GLY A 88 22.55 55.67 4.64
CA GLY A 88 23.91 55.22 4.66
C GLY A 88 24.86 56.39 4.87
N LEU A 89 24.91 57.34 3.94
CA LEU A 89 25.81 58.49 4.07
C LEU A 89 25.70 59.11 5.46
N ALA A 90 24.48 59.52 5.78
CA ALA A 90 24.19 60.13 7.06
C ALA A 90 24.69 59.25 8.21
N MET A 91 24.27 57.99 8.23
CA MET A 91 24.68 57.08 9.28
C MET A 91 26.17 56.94 9.29
N SER A 92 26.78 57.06 8.12
CA SER A 92 28.21 56.93 8.04
C SER A 92 28.83 58.06 8.82
N LEU A 93 28.40 59.28 8.46
CA LEU A 93 28.88 60.50 9.10
C LEU A 93 28.71 60.49 10.62
N PHE A 94 27.63 59.89 11.09
CA PHE A 94 27.30 59.79 12.50
C PHE A 94 28.26 58.87 13.22
N LEU A 95 28.60 57.76 12.57
CA LEU A 95 29.51 56.82 13.18
C LEU A 95 30.90 57.39 13.20
N ALA A 96 31.21 58.25 12.25
CA ALA A 96 32.53 58.84 12.19
C ALA A 96 32.64 59.81 13.35
N LEU A 97 31.57 60.56 13.61
CA LEU A 97 31.57 61.51 14.71
C LEU A 97 31.71 60.76 16.01
N LYS A 98 31.56 59.45 15.94
CA LYS A 98 31.72 58.62 17.11
C LYS A 98 33.06 57.96 16.95
N GLY A 99 33.79 58.37 15.92
CA GLY A 99 35.09 57.77 15.66
C GLY A 99 34.96 56.26 15.55
N LYS A 100 34.20 55.82 14.54
CA LYS A 100 33.98 54.41 14.34
C LYS A 100 34.47 54.00 12.95
N ARG A 101 34.54 54.95 12.04
CA ARG A 101 35.00 54.69 10.67
C ARG A 101 34.04 53.85 9.83
N CYS A 102 33.75 54.32 8.62
CA CYS A 102 32.82 53.65 7.73
C CYS A 102 33.29 53.63 6.28
N TYR A 103 32.82 52.64 5.52
CA TYR A 103 33.18 52.53 4.10
C TYR A 103 31.93 52.44 3.24
N VAL A 104 31.79 53.37 2.30
CA VAL A 104 30.65 53.42 1.40
C VAL A 104 31.14 53.14 -0.01
N ILE A 105 30.62 52.06 -0.59
CA ILE A 105 30.99 51.59 -1.92
C ILE A 105 29.92 51.84 -2.98
N PHE A 106 30.28 52.55 -4.04
CA PHE A 106 29.34 52.84 -5.12
C PHE A 106 29.77 52.19 -6.44
N PRO A 107 28.88 52.17 -7.44
CA PRO A 107 29.23 51.56 -8.73
C PRO A 107 29.62 52.50 -9.89
N THR A 108 29.57 53.81 -9.69
CA THR A 108 29.95 54.72 -10.75
C THR A 108 30.72 55.92 -10.21
N SER A 109 31.69 56.40 -10.97
CA SER A 109 32.48 57.55 -10.53
C SER A 109 31.59 58.63 -9.94
N LEU A 110 30.74 59.23 -10.76
CA LEU A 110 29.87 60.32 -10.31
C LEU A 110 29.17 60.11 -8.97
N LEU A 111 28.61 58.93 -8.77
CA LEU A 111 27.94 58.65 -7.51
C LEU A 111 28.93 58.87 -6.39
N VAL A 112 30.17 58.42 -6.58
CA VAL A 112 31.18 58.61 -5.55
C VAL A 112 31.29 60.11 -5.31
N ILE A 113 31.34 60.89 -6.38
CA ILE A 113 31.46 62.31 -6.19
C ILE A 113 30.23 62.93 -5.55
N GLN A 114 29.04 62.59 -6.05
CA GLN A 114 27.81 63.13 -5.49
C GLN A 114 27.81 62.84 -4.00
N ALA A 115 28.25 61.62 -3.68
CA ALA A 115 28.32 61.15 -2.31
C ALA A 115 29.20 62.04 -1.43
N ALA A 116 30.42 62.29 -1.87
CA ALA A 116 31.32 63.14 -1.11
C ALA A 116 30.64 64.46 -0.77
N GLU A 117 30.03 65.11 -1.76
CA GLU A 117 29.33 66.39 -1.57
C GLU A 117 28.28 66.25 -0.47
N THR A 118 27.40 65.27 -0.65
CA THR A 118 26.33 65.01 0.30
C THR A 118 26.80 64.93 1.76
N ILE A 119 28.06 64.58 1.98
CA ILE A 119 28.54 64.51 3.35
C ILE A 119 28.86 65.94 3.79
N ARG A 120 29.81 66.58 3.10
CA ARG A 120 30.16 67.94 3.44
C ARG A 120 28.90 68.72 3.74
N LYS A 121 27.94 68.67 2.83
CA LYS A 121 26.69 69.40 3.01
C LYS A 121 26.15 69.15 4.41
N TYR A 122 25.98 67.89 4.77
CA TYR A 122 25.47 67.56 6.09
C TYR A 122 26.36 68.25 7.12
N ALA A 123 27.65 67.93 7.08
CA ALA A 123 28.60 68.51 8.02
C ALA A 123 28.37 70.00 8.15
N GLU A 124 27.84 70.62 7.10
CA GLU A 124 27.57 72.04 7.14
C GLU A 124 26.29 72.31 7.95
N LYS A 125 26.15 71.58 9.05
CA LYS A 125 25.03 71.73 9.96
C LYS A 125 25.50 71.26 11.33
N ALA A 126 26.24 72.14 12.01
CA ALA A 126 26.78 71.88 13.34
C ALA A 126 27.83 70.79 13.30
N GLY A 127 28.19 70.36 12.10
CA GLY A 127 29.19 69.32 11.98
C GLY A 127 30.57 69.90 11.81
N VAL A 128 31.58 69.09 12.09
CA VAL A 128 32.95 69.55 11.95
C VAL A 128 33.27 69.74 10.46
N GLY A 129 33.84 68.72 9.83
CA GLY A 129 34.15 68.82 8.40
C GLY A 129 35.63 68.64 8.12
N THR A 130 36.42 68.77 9.17
CA THR A 130 37.86 68.65 9.10
C THR A 130 38.36 67.62 8.09
N GLU A 131 39.58 67.84 7.59
CA GLU A 131 40.18 66.95 6.61
C GLU A 131 40.30 65.55 7.22
N ASN A 132 40.72 65.49 8.48
CA ASN A 132 40.83 64.20 9.15
C ASN A 132 39.41 63.71 9.37
N LEU A 133 38.72 63.37 8.28
CA LEU A 133 37.34 62.91 8.41
C LEU A 133 36.84 62.17 7.19
N ILE A 134 36.87 62.83 6.04
CA ILE A 134 36.37 62.22 4.81
C ILE A 134 37.43 62.10 3.73
N GLY A 135 37.40 60.98 3.03
CA GLY A 135 38.33 60.76 1.95
C GLY A 135 37.71 59.94 0.83
N TYR A 136 37.74 60.43 -0.39
CA TYR A 136 37.14 59.70 -1.51
C TYR A 136 38.13 59.47 -2.64
N TYR A 137 37.85 58.46 -3.48
CA TYR A 137 38.72 58.16 -4.62
C TYR A 137 38.02 57.50 -5.82
N HIS A 138 38.32 57.96 -7.02
CA HIS A 138 37.77 57.39 -8.25
C HIS A 138 38.68 57.70 -9.42
N GLY A 139 38.43 57.02 -10.54
CA GLY A 139 39.21 57.17 -11.77
C GLY A 139 39.68 58.52 -12.31
N ARG A 140 39.21 59.61 -11.72
CA ARG A 140 39.63 60.93 -12.18
C ARG A 140 40.86 61.30 -11.37
N ILE A 141 40.75 62.35 -10.56
CA ILE A 141 41.83 62.83 -9.69
C ILE A 141 43.25 62.75 -10.25
N PRO A 142 44.03 63.82 -10.08
CA PRO A 142 45.41 63.85 -10.58
C PRO A 142 46.50 63.30 -9.67
N LYS A 143 47.74 63.64 -10.01
CA LYS A 143 48.95 63.25 -9.31
C LYS A 143 48.94 63.54 -7.81
N ARG A 144 48.59 64.78 -7.46
CA ARG A 144 48.60 65.20 -6.07
C ARG A 144 47.49 64.65 -5.20
N GLU A 145 46.23 64.79 -5.60
CA GLU A 145 45.14 64.27 -4.77
C GLU A 145 45.03 62.76 -4.70
N LYS A 146 45.71 62.07 -5.61
CA LYS A 146 45.67 60.61 -5.58
C LYS A 146 46.63 60.17 -4.48
N GLU A 147 47.76 60.85 -4.37
CA GLU A 147 48.76 60.54 -3.37
C GLU A 147 48.16 60.87 -2.01
N ASN A 148 47.71 62.11 -1.86
CA ASN A 148 47.10 62.59 -0.64
C ASN A 148 46.10 61.57 -0.09
N PHE A 149 45.45 60.83 -0.97
CA PHE A 149 44.47 59.84 -0.55
C PHE A 149 45.14 58.59 0.02
N MET A 150 45.95 57.92 -0.78
CA MET A 150 46.60 56.73 -0.30
C MET A 150 47.46 56.96 0.93
N GLN A 151 48.31 57.98 0.87
CA GLN A 151 49.20 58.29 1.98
C GLN A 151 48.50 58.62 3.30
N ASN A 152 47.20 58.93 3.24
CA ASN A 152 46.47 59.26 4.46
C ASN A 152 45.31 58.31 4.72
N LEU A 153 44.95 57.53 3.72
CA LEU A 153 43.87 56.57 3.86
C LEU A 153 44.20 55.68 5.06
N ARG A 154 43.28 55.67 6.04
CA ARG A 154 43.36 54.89 7.28
C ARG A 154 43.20 55.81 8.47
N ASN A 155 43.27 57.11 8.20
CA ASN A 155 43.04 58.10 9.23
C ASN A 155 41.73 58.79 8.89
N PHE A 156 41.10 58.29 7.82
CA PHE A 156 39.81 58.78 7.37
C PHE A 156 38.72 58.01 8.12
N LYS A 157 37.81 58.75 8.71
CA LYS A 157 36.72 58.14 9.43
C LYS A 157 35.65 57.72 8.42
N ILE A 158 35.75 58.29 7.23
CA ILE A 158 34.79 58.01 6.17
C ILE A 158 35.53 57.84 4.86
N VAL A 159 35.35 56.68 4.22
CA VAL A 159 35.99 56.39 2.95
C VAL A 159 34.96 55.98 1.90
N ILE A 160 34.82 56.79 0.85
CA ILE A 160 33.88 56.51 -0.23
C ILE A 160 34.64 56.18 -1.51
N THR A 161 34.26 55.12 -2.20
CA THR A 161 34.96 54.74 -3.43
C THR A 161 34.06 53.88 -4.31
N THR A 162 34.44 53.70 -5.57
CA THR A 162 33.63 52.85 -6.44
C THR A 162 33.82 51.41 -6.04
N THR A 163 32.98 50.56 -6.60
CA THR A 163 33.05 49.14 -6.32
C THR A 163 34.27 48.52 -6.97
N GLN A 164 34.96 49.29 -7.80
CA GLN A 164 36.13 48.80 -8.49
C GLN A 164 37.34 48.77 -7.57
N PHE A 165 37.70 49.94 -7.08
CA PHE A 165 38.83 50.14 -6.19
C PHE A 165 38.93 49.02 -5.16
N LEU A 166 37.80 48.42 -4.84
CA LEU A 166 37.78 47.35 -3.86
C LEU A 166 38.55 46.14 -4.32
N SER A 167 38.18 45.64 -5.49
CA SER A 167 38.83 44.47 -6.05
C SER A 167 40.33 44.70 -6.11
N LYS A 168 40.69 45.86 -6.65
CA LYS A 168 42.09 46.25 -6.81
C LYS A 168 42.83 46.42 -5.51
N HIS A 169 42.23 47.10 -4.53
CA HIS A 169 42.92 47.30 -3.28
C HIS A 169 42.22 46.89 -1.97
N TYR A 170 41.72 45.66 -1.88
CA TYR A 170 41.08 45.24 -0.63
C TYR A 170 42.12 45.37 0.48
N ARG A 171 43.24 44.65 0.37
CA ARG A 171 44.32 44.72 1.35
C ARG A 171 44.65 46.19 1.42
N GLU A 172 45.21 46.62 2.53
CA GLU A 172 45.55 48.03 2.66
C GLU A 172 44.33 48.91 2.40
N LEU A 173 43.45 48.99 3.39
CA LEU A 173 42.24 49.79 3.30
C LEU A 173 41.68 49.88 4.72
N GLY A 174 42.46 49.33 5.65
CA GLY A 174 42.07 49.31 7.03
C GLY A 174 40.90 48.39 7.16
N HIS A 175 40.13 48.58 8.22
CA HIS A 175 38.92 47.81 8.44
C HIS A 175 37.91 48.88 8.74
N PHE A 176 36.64 48.51 8.74
CA PHE A 176 35.62 49.51 8.98
C PHE A 176 34.62 48.92 9.92
N ASP A 177 33.97 49.78 10.69
CA ASP A 177 32.97 49.34 11.64
C ASP A 177 31.66 49.18 10.89
N PHE A 178 31.47 50.02 9.87
CA PHE A 178 30.26 50.01 9.06
C PHE A 178 30.58 50.23 7.61
N ILE A 179 30.17 49.28 6.76
CA ILE A 179 30.43 49.36 5.34
C ILE A 179 29.14 49.29 4.58
N PHE A 180 28.90 50.30 3.75
CA PHE A 180 27.67 50.42 2.98
C PHE A 180 27.83 50.20 1.48
N VAL A 181 27.09 49.24 0.96
CA VAL A 181 27.15 48.95 -0.47
C VAL A 181 25.88 49.45 -1.12
N ASP A 182 26.02 50.39 -2.06
CA ASP A 182 24.86 50.93 -2.76
C ASP A 182 24.23 49.86 -3.65
N ASP A 183 24.94 49.48 -4.70
CA ASP A 183 24.48 48.47 -5.63
C ASP A 183 25.23 47.18 -5.34
N VAL A 184 24.48 46.12 -5.07
CA VAL A 184 25.06 44.83 -4.69
C VAL A 184 25.43 43.94 -5.87
N ASP A 185 25.02 44.34 -7.07
CA ASP A 185 25.36 43.53 -8.21
C ASP A 185 26.74 44.02 -8.67
N ALA A 186 27.09 45.22 -8.23
CA ALA A 186 28.36 45.81 -8.58
C ALA A 186 29.46 45.06 -7.84
N ILE A 187 29.04 44.16 -6.97
CA ILE A 187 29.95 43.37 -6.15
C ILE A 187 29.87 41.90 -6.49
N LEU A 188 28.66 41.35 -6.50
CA LEU A 188 28.46 39.94 -6.78
C LEU A 188 28.99 39.53 -8.14
N LYS A 189 29.34 40.52 -8.95
CA LYS A 189 29.89 40.30 -10.29
C LYS A 189 31.13 39.41 -10.21
N ALA A 190 32.07 39.81 -9.36
CA ALA A 190 33.29 39.05 -9.16
C ALA A 190 33.30 38.41 -7.77
N SER A 191 33.37 37.08 -7.73
CA SER A 191 33.38 36.33 -6.48
C SER A 191 34.29 36.91 -5.41
N LYS A 192 35.55 37.15 -5.77
CA LYS A 192 36.53 37.70 -4.83
C LYS A 192 36.01 38.94 -4.08
N ASN A 193 35.26 39.79 -4.77
CA ASN A 193 34.70 40.98 -4.15
C ASN A 193 34.18 40.58 -2.78
N VAL A 194 33.36 39.54 -2.76
CA VAL A 194 32.83 39.04 -1.51
C VAL A 194 34.01 38.89 -0.57
N ASP A 195 34.76 37.81 -0.68
CA ASP A 195 35.92 37.61 0.18
C ASP A 195 36.44 38.97 0.62
N LYS A 196 37.07 39.67 -0.31
CA LYS A 196 37.62 40.97 -0.02
C LYS A 196 36.78 41.83 0.93
N LEU A 197 35.46 41.65 0.91
CA LEU A 197 34.63 42.44 1.81
C LEU A 197 34.73 41.88 3.20
N LEU A 198 34.40 40.61 3.37
CA LEU A 198 34.49 40.04 4.70
C LEU A 198 35.86 40.37 5.29
N HIS A 199 36.92 40.24 4.48
CA HIS A 199 38.25 40.54 4.97
C HIS A 199 38.23 41.87 5.69
N LEU A 200 37.68 42.87 5.02
CA LEU A 200 37.61 44.21 5.59
C LEU A 200 36.84 44.22 6.92
N LEU A 201 36.07 43.17 7.15
CA LEU A 201 35.31 43.07 8.38
C LEU A 201 35.96 42.17 9.43
N GLY A 202 37.09 41.53 9.11
CA GLY A 202 37.74 40.66 10.07
C GLY A 202 37.49 39.16 9.92
N PHE A 203 37.28 38.70 8.70
CA PHE A 203 37.03 37.27 8.45
C PHE A 203 38.10 36.66 7.54
N HIS A 204 39.29 36.43 8.11
CA HIS A 204 40.41 35.87 7.37
C HIS A 204 40.28 34.37 7.06
N TYR A 205 40.34 34.06 5.77
CA TYR A 205 40.24 32.68 5.29
C TYR A 205 41.37 31.87 5.90
N ASP A 206 41.15 30.57 6.02
CA ASP A 206 42.17 29.67 6.57
C ASP A 206 42.46 28.50 5.65
N LEU A 207 43.32 28.73 4.66
CA LEU A 207 43.69 27.71 3.69
C LEU A 207 43.75 26.32 4.34
N LYS A 208 44.46 26.23 5.46
CA LYS A 208 44.60 24.96 6.17
C LYS A 208 43.24 24.28 6.25
N THR A 209 42.38 24.78 7.13
CA THR A 209 41.06 24.23 7.33
C THR A 209 40.20 24.42 6.07
N LYS A 210 40.72 25.21 5.14
CA LYS A 210 40.03 25.52 3.89
C LYS A 210 38.68 26.20 4.11
N SER A 211 38.42 26.56 5.36
CA SER A 211 37.22 27.27 5.75
C SER A 211 37.81 28.44 6.51
N TRP A 212 36.97 29.36 6.98
CA TRP A 212 37.48 30.52 7.71
C TRP A 212 37.31 30.32 9.19
N VAL A 213 37.16 31.45 9.86
CA VAL A 213 36.98 31.56 11.30
C VAL A 213 37.27 33.03 11.48
N GLY A 214 36.51 33.69 12.33
CA GLY A 214 36.74 35.10 12.52
C GLY A 214 35.59 35.71 13.27
N GLU A 215 35.84 36.88 13.82
CA GLU A 215 34.83 37.59 14.60
C GLU A 215 34.46 38.88 13.86
N ALA A 216 33.18 39.05 13.62
CA ALA A 216 32.69 40.23 12.94
C ALA A 216 33.33 41.48 13.55
N ARG A 217 34.11 42.21 12.76
CA ARG A 217 34.74 43.42 13.26
C ARG A 217 33.75 44.55 13.17
N GLY A 218 32.95 44.52 12.12
CA GLY A 218 31.97 45.56 11.92
C GLY A 218 30.66 44.96 11.49
N CYS A 219 29.97 45.66 10.61
CA CYS A 219 28.69 45.21 10.11
C CYS A 219 28.57 45.72 8.70
N LEU A 220 27.80 45.00 7.90
CA LEU A 220 27.62 45.33 6.51
C LEU A 220 26.16 45.51 6.10
N MET A 221 25.93 46.42 5.16
CA MET A 221 24.59 46.66 4.70
C MET A 221 24.59 46.80 3.20
N VAL A 222 23.80 45.98 2.51
CA VAL A 222 23.72 46.00 1.05
C VAL A 222 22.30 45.98 0.45
N SER A 223 22.21 46.46 -0.78
CA SER A 223 20.95 46.53 -1.51
C SER A 223 20.56 45.13 -1.88
N THR A 224 19.34 44.98 -2.40
CA THR A 224 18.85 43.69 -2.87
C THR A 224 19.50 43.54 -4.23
N ALA A 225 19.51 42.34 -4.81
CA ALA A 225 20.13 42.17 -6.13
C ALA A 225 19.10 42.07 -7.25
N THR A 226 19.51 42.53 -8.43
CA THR A 226 18.66 42.50 -9.62
C THR A 226 19.09 41.41 -10.59
N ALA A 227 20.39 41.14 -10.63
CA ALA A 227 20.92 40.13 -11.52
C ALA A 227 21.02 38.76 -10.87
N LYS A 228 21.71 37.85 -11.55
CA LYS A 228 21.90 36.50 -11.07
C LYS A 228 22.19 36.45 -9.58
N LYS A 229 21.99 35.27 -8.99
CA LYS A 229 22.21 35.06 -7.57
C LYS A 229 23.65 34.59 -7.33
N GLY A 230 23.91 33.31 -7.59
CA GLY A 230 25.25 32.79 -7.41
C GLY A 230 25.51 32.23 -6.03
N LYS A 231 26.08 31.02 -6.00
CA LYS A 231 26.38 30.36 -4.75
C LYS A 231 27.44 31.15 -3.96
N LYS A 232 27.88 32.28 -4.48
CA LYS A 232 28.89 33.06 -3.77
C LYS A 232 28.23 33.83 -2.65
N ALA A 233 27.06 34.40 -2.94
CA ALA A 233 26.29 35.16 -1.96
C ALA A 233 26.07 34.30 -0.72
N GLU A 234 25.87 33.00 -0.96
CA GLU A 234 25.65 32.05 0.12
C GLU A 234 26.63 32.32 1.25
N LEU A 235 27.75 32.94 0.94
CA LEU A 235 28.73 33.22 1.96
C LEU A 235 28.18 34.12 3.05
N PHE A 236 27.45 35.16 2.66
CA PHE A 236 26.86 36.10 3.61
C PHE A 236 25.93 35.41 4.61
N ARG A 237 25.38 34.27 4.23
CA ARG A 237 24.52 33.55 5.14
C ARG A 237 25.34 33.00 6.29
N GLN A 238 26.17 32.00 6.03
CA GLN A 238 26.97 31.40 7.09
C GLN A 238 27.85 32.36 7.86
N LEU A 239 28.13 33.52 7.28
CA LEU A 239 28.98 34.46 7.99
C LEU A 239 28.22 35.61 8.65
N LEU A 240 27.26 36.19 7.95
CA LEU A 240 26.48 37.33 8.47
C LEU A 240 25.01 37.06 8.64
N ASN A 241 24.67 35.78 8.69
CA ASN A 241 23.30 35.34 8.80
C ASN A 241 22.32 36.14 7.97
N PHE A 242 22.58 36.25 6.67
CA PHE A 242 21.63 36.95 5.84
C PHE A 242 21.77 36.68 4.36
N ASP A 243 20.62 36.45 3.72
CA ASP A 243 20.51 36.15 2.31
C ASP A 243 20.09 37.45 1.64
N ILE A 244 20.53 37.69 0.42
CA ILE A 244 20.14 38.93 -0.21
C ILE A 244 18.72 38.91 -0.75
N GLY A 245 18.47 38.25 -1.87
CA GLY A 245 17.10 38.25 -2.34
C GLY A 245 16.78 39.44 -3.24
N SER A 246 15.86 39.21 -4.18
CA SER A 246 15.47 40.20 -5.19
C SER A 246 14.79 41.50 -4.88
N SER A 247 14.94 42.43 -5.81
CA SER A 247 14.33 43.75 -5.73
C SER A 247 13.22 43.87 -6.78
N ARG A 248 12.71 42.72 -7.23
CA ARG A 248 11.64 42.68 -8.20
C ARG A 248 10.35 43.13 -7.54
N ILE A 249 9.97 42.47 -6.46
CA ILE A 249 8.76 42.85 -5.73
C ILE A 249 7.58 42.72 -6.69
N THR A 250 6.91 41.59 -6.63
CA THR A 250 5.80 41.32 -7.51
C THR A 250 4.43 41.85 -7.10
N VAL A 251 4.28 43.16 -7.01
CA VAL A 251 2.97 43.73 -6.69
C VAL A 251 2.68 44.68 -7.83
N ARG A 252 1.45 45.18 -7.92
CA ARG A 252 1.12 46.07 -9.03
C ARG A 252 -0.22 46.72 -8.93
N ASN A 253 -0.41 47.78 -9.73
CA ASN A 253 -1.71 48.37 -9.76
C ASN A 253 -2.14 47.92 -11.14
N VAL A 254 -1.89 48.74 -12.15
CA VAL A 254 -2.19 48.31 -13.51
C VAL A 254 -3.62 47.99 -13.91
N GLU A 255 -4.10 48.65 -14.97
CA GLU A 255 -5.44 48.36 -15.45
C GLU A 255 -5.26 47.49 -16.69
N ASP A 256 -5.79 46.28 -16.65
CA ASP A 256 -5.63 45.34 -17.73
C ASP A 256 -6.86 45.26 -18.62
N VAL A 257 -6.67 45.67 -19.87
CA VAL A 257 -7.73 45.67 -20.87
C VAL A 257 -7.49 44.60 -21.97
N ALA A 258 -8.52 43.81 -22.24
CA ALA A 258 -8.44 42.75 -23.25
C ALA A 258 -9.32 43.05 -24.47
N VAL A 259 -8.71 43.04 -25.66
CA VAL A 259 -9.42 43.32 -26.91
C VAL A 259 -9.23 42.20 -27.94
N ASN A 260 -10.33 41.61 -28.42
CA ASN A 260 -10.25 40.53 -29.40
C ASN A 260 -9.94 41.02 -30.81
N ASP A 261 -9.38 42.22 -30.92
CA ASP A 261 -9.04 42.79 -32.20
C ASP A 261 -7.64 43.39 -32.12
N GLU A 262 -6.81 43.10 -33.10
CA GLU A 262 -5.47 43.67 -33.10
C GLU A 262 -5.22 44.49 -34.35
N SER A 263 -6.27 45.19 -34.77
CA SER A 263 -6.21 46.03 -35.96
C SER A 263 -5.30 47.23 -35.81
N ILE A 264 -4.24 47.26 -36.61
CA ILE A 264 -3.31 48.37 -36.58
C ILE A 264 -4.04 49.68 -36.69
N SER A 265 -5.23 49.62 -37.27
CA SER A 265 -6.06 50.79 -37.47
C SER A 265 -7.01 51.02 -36.30
N THR A 266 -8.31 51.01 -36.59
CA THR A 266 -9.34 51.23 -35.58
C THR A 266 -9.08 50.36 -34.35
N LEU A 267 -8.10 50.77 -33.54
CA LEU A 267 -7.73 50.05 -32.33
C LEU A 267 -6.40 50.52 -31.77
N SER A 268 -5.33 49.82 -32.12
CA SER A 268 -4.01 50.16 -31.63
C SER A 268 -3.78 51.66 -31.68
N SER A 269 -4.36 52.33 -32.68
CA SER A 269 -4.17 53.78 -32.81
C SER A 269 -5.15 54.56 -31.96
N ILE A 270 -6.28 53.92 -31.66
CA ILE A 270 -7.27 54.58 -30.84
C ILE A 270 -6.78 54.50 -29.41
N LEU A 271 -5.98 53.47 -29.10
CA LEU A 271 -5.44 53.33 -27.76
C LEU A 271 -4.35 54.35 -27.62
N GLU A 272 -3.67 54.66 -28.71
CA GLU A 272 -2.59 55.66 -28.68
C GLU A 272 -3.16 57.06 -28.39
N LYS A 273 -4.46 57.09 -28.13
CA LYS A 273 -5.22 58.28 -27.80
C LYS A 273 -4.89 58.56 -26.33
N LEU A 274 -4.50 57.49 -25.65
CA LEU A 274 -4.13 57.47 -24.25
C LEU A 274 -2.78 58.15 -24.07
N GLY A 275 -2.74 59.44 -24.38
CA GLY A 275 -1.52 60.19 -24.25
C GLY A 275 -0.37 59.59 -25.05
N THR A 276 0.78 59.44 -24.38
CA THR A 276 1.98 58.86 -24.98
C THR A 276 2.84 58.24 -23.91
N GLY A 277 3.96 57.67 -24.34
CA GLY A 277 4.87 57.01 -23.41
C GLY A 277 4.47 55.55 -23.29
N GLY A 278 3.73 55.06 -24.28
CA GLY A 278 3.30 53.67 -24.27
C GLY A 278 4.40 52.82 -24.86
N ILE A 279 4.50 51.57 -24.44
CA ILE A 279 5.51 50.65 -24.89
C ILE A 279 4.77 49.51 -25.48
N ILE A 280 4.94 49.28 -26.78
CA ILE A 280 4.24 48.19 -27.44
C ILE A 280 5.11 46.95 -27.50
N TYR A 281 4.47 45.78 -27.45
CA TYR A 281 5.17 44.51 -27.45
C TYR A 281 4.60 43.62 -28.55
N ALA A 282 5.44 43.28 -29.54
CA ALA A 282 5.02 42.42 -30.67
C ALA A 282 5.61 41.02 -30.57
N ARG A 283 4.89 40.04 -31.10
CA ARG A 283 5.29 38.65 -31.02
C ARG A 283 6.72 38.41 -31.43
N THR A 284 7.05 38.79 -32.66
CA THR A 284 8.38 38.58 -33.18
C THR A 284 9.01 39.85 -33.74
N GLY A 285 10.33 39.88 -33.78
CA GLY A 285 11.02 41.05 -34.30
C GLY A 285 10.45 41.36 -35.67
N GLU A 286 10.23 40.30 -36.43
CA GLU A 286 9.70 40.44 -37.78
C GLU A 286 8.33 41.12 -37.74
N GLU A 287 7.50 40.69 -36.80
CA GLU A 287 6.16 41.22 -36.64
C GLU A 287 6.20 42.64 -36.08
N ALA A 288 7.27 42.94 -35.36
CA ALA A 288 7.45 44.26 -34.76
C ALA A 288 7.63 45.34 -35.80
N GLU A 289 8.66 45.18 -36.63
CA GLU A 289 8.96 46.15 -37.67
C GLU A 289 7.75 46.34 -38.60
N GLU A 290 7.06 45.24 -38.87
CA GLU A 290 5.90 45.25 -39.74
C GLU A 290 4.87 46.26 -39.27
N ILE A 291 5.06 46.79 -38.07
CA ILE A 291 4.14 47.78 -37.53
C ILE A 291 4.71 49.17 -37.78
N TYR A 292 5.96 49.37 -37.37
CA TYR A 292 6.64 50.65 -37.54
C TYR A 292 6.13 51.43 -38.74
N GLU A 293 6.08 50.77 -39.89
CA GLU A 293 5.62 51.43 -41.11
C GLU A 293 4.10 51.58 -41.08
N SER A 294 3.42 50.55 -40.62
CA SER A 294 1.97 50.59 -40.53
C SER A 294 1.58 51.78 -39.68
N LEU A 295 2.42 52.08 -38.70
CA LEU A 295 2.19 53.21 -37.80
C LEU A 295 3.45 54.05 -37.68
N LYS A 296 3.42 55.24 -38.28
CA LYS A 296 4.55 56.15 -38.24
C LYS A 296 4.10 57.57 -38.60
N ASN A 297 3.06 57.68 -39.43
CA ASN A 297 2.55 58.97 -39.83
C ASN A 297 1.41 59.41 -38.92
N LYS A 298 1.36 58.78 -37.75
CA LYS A 298 0.38 59.05 -36.72
C LYS A 298 1.16 58.72 -35.45
N PHE A 299 1.38 59.69 -34.57
CA PHE A 299 2.16 59.47 -33.34
C PHE A 299 3.64 59.37 -33.67
N ARG A 300 4.46 59.71 -32.69
CA ARG A 300 5.90 59.62 -32.84
C ARG A 300 6.27 58.20 -32.46
N ILE A 301 7.14 57.58 -33.23
CA ILE A 301 7.49 56.19 -32.97
C ILE A 301 8.90 55.92 -32.49
N GLY A 302 9.25 54.64 -32.47
CA GLY A 302 10.56 54.20 -32.04
C GLY A 302 10.61 52.70 -32.20
N ILE A 303 11.79 52.14 -32.42
CA ILE A 303 11.93 50.70 -32.60
C ILE A 303 13.28 50.32 -32.02
N VAL A 304 13.43 49.10 -31.53
CA VAL A 304 14.69 48.72 -30.91
C VAL A 304 15.43 47.53 -31.49
N THR A 305 16.27 46.96 -30.64
CA THR A 305 17.01 45.74 -30.94
C THR A 305 18.40 45.69 -31.52
N ALA A 306 19.02 44.52 -31.26
CA ALA A 306 20.35 44.14 -31.71
C ALA A 306 20.84 45.06 -32.80
N THR A 307 20.02 45.28 -33.83
CA THR A 307 20.37 46.18 -34.91
C THR A 307 20.88 47.46 -34.25
N LYS A 308 19.97 48.39 -33.99
CA LYS A 308 20.32 49.65 -33.36
C LYS A 308 19.29 50.11 -32.34
N LYS A 309 19.74 50.93 -31.39
CA LYS A 309 18.88 51.48 -30.35
C LYS A 309 18.62 52.95 -30.69
N GLY A 310 19.16 53.86 -29.88
CA GLY A 310 18.98 55.27 -30.14
C GLY A 310 17.56 55.73 -29.89
N ASP A 311 16.59 54.94 -30.33
CA ASP A 311 15.20 55.28 -30.11
C ASP A 311 14.91 55.29 -28.63
N TYR A 312 15.76 54.60 -27.87
CA TYR A 312 15.61 54.56 -26.42
C TYR A 312 15.94 55.94 -25.84
N GLU A 313 17.07 56.50 -26.24
CA GLU A 313 17.45 57.82 -25.78
C GLU A 313 16.38 58.81 -26.24
N LYS A 314 15.97 58.65 -27.49
CA LYS A 314 14.94 59.52 -28.07
C LYS A 314 13.65 59.45 -27.28
N PHE A 315 13.40 58.29 -26.69
CA PHE A 315 12.21 58.08 -25.91
C PHE A 315 12.39 58.75 -24.57
N VAL A 316 13.47 58.36 -23.90
CA VAL A 316 13.82 58.87 -22.59
C VAL A 316 13.80 60.39 -22.59
N GLU A 317 14.36 60.99 -23.64
CA GLU A 317 14.42 62.44 -23.75
C GLU A 317 13.17 63.13 -24.19
N GLY A 318 12.21 62.40 -24.72
CA GLY A 318 10.97 63.04 -25.11
C GLY A 318 10.71 63.19 -26.60
N GLU A 319 11.73 62.94 -27.42
CA GLU A 319 11.55 63.04 -28.86
C GLU A 319 10.41 62.10 -29.21
N ILE A 320 10.68 60.81 -29.02
CA ILE A 320 9.73 59.75 -29.27
C ILE A 320 8.61 59.78 -28.24
N ASP A 321 7.42 59.32 -28.65
CA ASP A 321 6.30 59.26 -27.74
C ASP A 321 5.98 57.82 -27.33
N HIS A 322 6.42 56.85 -28.14
CA HIS A 322 6.17 55.42 -27.86
C HIS A 322 7.32 54.52 -28.30
N LEU A 323 7.20 53.22 -28.01
CA LEU A 323 8.22 52.25 -28.37
C LEU A 323 7.68 50.91 -28.79
N ILE A 324 8.28 50.34 -29.83
CA ILE A 324 7.86 49.06 -30.32
C ILE A 324 9.06 48.14 -30.19
N GLY A 325 8.81 46.91 -29.77
CA GLY A 325 9.89 45.97 -29.60
C GLY A 325 9.43 44.60 -29.15
N THR A 326 10.38 43.81 -28.70
CA THR A 326 10.07 42.47 -28.25
C THR A 326 10.33 42.28 -26.76
N ALA A 327 9.69 41.27 -26.20
CA ALA A 327 9.87 41.00 -24.80
C ALA A 327 11.33 40.65 -24.61
N HIS A 328 11.96 40.13 -25.67
CA HIS A 328 13.35 39.73 -25.61
C HIS A 328 14.33 40.89 -25.59
N TYR A 329 14.25 41.72 -26.62
CA TYR A 329 15.16 42.84 -26.75
C TYR A 329 15.07 43.95 -25.71
N TYR A 330 13.86 44.43 -25.41
CA TYR A 330 13.72 45.48 -24.42
C TYR A 330 14.62 45.27 -23.19
N GLY A 331 14.75 44.02 -22.75
CA GLY A 331 15.59 43.72 -21.59
C GLY A 331 17.02 44.11 -21.88
N THR A 332 17.46 43.82 -23.11
CA THR A 332 18.81 44.12 -23.57
C THR A 332 19.22 45.52 -23.12
N LEU A 333 18.23 46.40 -23.04
CA LEU A 333 18.47 47.78 -22.64
C LEU A 333 18.91 47.95 -21.20
N VAL A 334 19.19 49.19 -20.83
CA VAL A 334 19.64 49.53 -19.49
C VAL A 334 18.59 49.17 -18.43
N ARG A 335 19.02 48.40 -17.45
CA ARG A 335 18.13 47.97 -16.39
C ARG A 335 16.95 47.19 -16.95
N GLY A 336 17.11 46.68 -18.17
CA GLY A 336 16.03 45.94 -18.79
C GLY A 336 14.88 46.89 -19.09
N LEU A 337 15.23 48.15 -19.33
CA LEU A 337 14.24 49.17 -19.62
C LEU A 337 13.42 49.46 -18.36
N ASP A 338 13.80 50.48 -17.61
CA ASP A 338 13.05 50.81 -16.41
C ASP A 338 12.87 52.32 -16.26
N LEU A 339 11.74 52.83 -16.76
CA LEU A 339 11.45 54.25 -16.70
C LEU A 339 10.17 54.55 -15.93
N PRO A 340 10.22 54.45 -14.60
CA PRO A 340 9.11 54.70 -13.70
C PRO A 340 8.31 55.95 -14.01
N GLU A 341 8.99 56.98 -14.48
CA GLU A 341 8.30 58.22 -14.79
C GLU A 341 7.86 58.35 -16.24
N ARG A 342 8.63 57.79 -17.17
CA ARG A 342 8.31 57.87 -18.60
C ARG A 342 7.22 56.88 -18.98
N ILE A 343 7.60 55.62 -18.99
CA ILE A 343 6.64 54.57 -19.30
C ILE A 343 5.32 54.90 -18.60
N ARG A 344 4.21 54.81 -19.30
CA ARG A 344 2.94 55.09 -18.67
C ARG A 344 2.00 53.92 -18.94
N PHE A 345 2.21 53.20 -20.04
CA PHE A 345 1.36 52.05 -20.34
C PHE A 345 2.01 51.18 -21.39
N ALA A 346 1.47 49.98 -21.57
CA ALA A 346 2.01 49.06 -22.55
C ALA A 346 0.93 48.28 -23.25
N VAL A 347 1.08 48.16 -24.56
CA VAL A 347 0.13 47.42 -25.37
C VAL A 347 0.81 46.18 -25.90
N PHE A 348 0.15 45.04 -25.78
CA PHE A 348 0.69 43.78 -26.26
C PHE A 348 -0.03 43.41 -27.55
N VAL A 349 0.69 43.44 -28.66
CA VAL A 349 0.10 43.05 -29.93
C VAL A 349 0.30 41.55 -29.99
N GLY A 350 -0.71 40.80 -29.59
CA GLY A 350 -0.60 39.34 -29.59
C GLY A 350 -0.24 38.78 -28.23
N CYS A 351 -1.04 37.85 -27.73
CA CYS A 351 -0.80 37.26 -26.42
C CYS A 351 0.53 36.55 -26.33
N PRO A 352 1.37 36.97 -25.39
CA PRO A 352 2.68 36.33 -25.25
C PRO A 352 2.44 34.85 -25.03
N SER A 353 2.78 34.01 -26.00
CA SER A 353 2.56 32.58 -25.88
C SER A 353 3.80 31.72 -26.11
N PHE A 354 3.66 30.42 -25.81
CA PHE A 354 4.74 29.44 -25.99
C PHE A 354 4.15 28.33 -26.84
N ARG A 355 4.95 27.77 -27.73
CA ARG A 355 4.44 26.72 -28.61
C ARG A 355 5.16 25.38 -28.49
N VAL A 356 4.42 24.31 -28.74
CA VAL A 356 4.96 22.95 -28.72
C VAL A 356 4.13 22.18 -29.74
N THR A 357 4.77 21.85 -30.86
CA THR A 357 4.14 21.15 -31.96
C THR A 357 3.93 19.67 -31.72
N ILE A 358 3.01 19.09 -32.48
CA ILE A 358 2.69 17.68 -32.39
C ILE A 358 3.89 16.87 -32.86
N GLU A 359 4.52 17.36 -33.90
CA GLU A 359 5.68 16.71 -34.48
C GLU A 359 6.94 17.28 -33.86
N ASP A 360 6.79 17.85 -32.67
CA ASP A 360 7.91 18.43 -31.96
C ASP A 360 8.34 17.48 -30.84
N ILE A 361 7.35 16.95 -30.13
CA ILE A 361 7.53 16.01 -29.02
C ILE A 361 8.94 15.46 -28.86
N ASP A 362 9.40 14.76 -29.89
CA ASP A 362 10.73 14.15 -29.91
C ASP A 362 11.72 14.77 -28.94
N SER A 363 12.65 15.55 -29.47
CA SER A 363 13.67 16.20 -28.65
C SER A 363 13.07 17.33 -27.80
N LEU A 364 13.56 17.43 -26.56
CA LEU A 364 13.16 18.45 -25.58
C LEU A 364 13.19 17.93 -24.14
N SER A 365 13.53 18.82 -23.21
CA SER A 365 13.63 18.50 -21.79
C SER A 365 12.53 17.57 -21.29
N PRO A 366 12.94 16.50 -20.59
CA PRO A 366 12.02 15.50 -20.03
C PRO A 366 11.03 16.15 -19.07
N GLN A 367 11.52 17.11 -18.31
CA GLN A 367 10.70 17.84 -17.34
C GLN A 367 9.78 18.79 -18.09
N MET A 368 9.77 18.67 -19.41
CA MET A 368 8.92 19.49 -20.24
C MET A 368 7.95 18.54 -20.91
N VAL A 369 8.15 17.25 -20.69
CA VAL A 369 7.28 16.23 -21.24
C VAL A 369 6.24 15.88 -20.20
N LYS A 370 6.62 16.02 -18.94
CA LYS A 370 5.74 15.76 -17.82
C LYS A 370 4.50 16.62 -18.00
N LEU A 371 4.70 17.94 -18.06
CA LEU A 371 3.59 18.86 -18.20
C LEU A 371 2.59 18.36 -19.21
N LEU A 372 3.05 18.19 -20.43
CA LEU A 372 2.16 17.71 -21.48
C LEU A 372 1.56 16.37 -21.06
N ALA A 373 2.31 15.60 -20.27
CA ALA A 373 1.83 14.31 -19.81
C ALA A 373 0.46 14.51 -19.21
N TYR A 374 0.30 15.62 -18.50
CA TYR A 374 -0.99 15.92 -17.91
C TYR A 374 -1.85 16.47 -19.04
N LEU A 375 -2.70 17.43 -18.73
CA LEU A 375 -3.56 17.99 -19.77
C LEU A 375 -4.55 16.94 -20.25
N TYR A 376 -4.21 15.67 -20.05
CA TYR A 376 -5.08 14.56 -20.42
C TYR A 376 -5.35 13.67 -19.22
N ARG A 377 -4.97 12.39 -19.33
CA ARG A 377 -5.15 11.41 -18.26
C ARG A 377 -6.26 10.40 -18.55
N ASN A 378 -7.21 10.77 -19.39
CA ASN A 378 -8.33 9.89 -19.70
C ASN A 378 -8.04 8.40 -19.47
N VAL A 379 -7.18 7.83 -20.32
CA VAL A 379 -6.84 6.42 -20.20
C VAL A 379 -5.80 6.19 -19.11
N ASP A 380 -5.07 5.08 -19.18
CA ASP A 380 -4.09 4.76 -18.16
C ASP A 380 -2.73 5.44 -18.35
N GLU A 381 -2.74 6.77 -18.37
CA GLU A 381 -1.51 7.53 -18.51
C GLU A 381 -1.10 8.01 -17.14
N ILE A 382 -1.96 7.79 -16.16
CA ILE A 382 -1.65 8.18 -14.80
C ILE A 382 -0.51 7.26 -14.43
N GLU A 383 -0.43 6.13 -15.13
CA GLU A 383 0.59 5.12 -14.88
C GLU A 383 2.02 5.56 -15.15
N ARG A 384 2.18 6.83 -15.47
CA ARG A 384 3.50 7.39 -15.68
C ARG A 384 3.55 8.59 -14.75
N LEU A 385 2.38 8.99 -14.27
CA LEU A 385 2.26 10.09 -13.33
C LEU A 385 3.15 9.68 -12.18
N LEU A 386 2.77 8.62 -11.47
CA LEU A 386 3.59 8.11 -10.39
C LEU A 386 4.84 7.77 -11.13
N PRO A 387 5.98 8.35 -10.75
CA PRO A 387 6.93 7.81 -11.70
C PRO A 387 8.30 7.54 -11.11
N ALA A 388 9.09 6.78 -11.85
CA ALA A 388 10.46 6.56 -11.47
C ALA A 388 10.91 7.91 -12.04
N VAL A 389 9.89 8.66 -12.46
CA VAL A 389 9.96 9.97 -13.10
C VAL A 389 10.33 9.57 -14.49
N GLU A 390 11.57 9.10 -14.56
CA GLU A 390 12.18 8.64 -15.77
C GLU A 390 11.74 7.20 -16.01
N ARG A 391 10.43 6.95 -15.99
CA ARG A 391 9.96 5.61 -16.33
C ARG A 391 10.38 5.78 -17.79
N HIS A 392 10.71 7.04 -18.02
CA HIS A 392 11.19 7.63 -19.24
C HIS A 392 10.13 8.32 -20.04
N ILE A 393 10.54 9.47 -20.53
CA ILE A 393 9.74 10.34 -21.34
C ILE A 393 9.51 9.67 -22.67
N ASP A 394 10.53 8.96 -23.12
CA ASP A 394 10.43 8.27 -24.39
C ASP A 394 9.08 7.60 -24.53
N GLU A 395 8.74 6.71 -23.60
CA GLU A 395 7.47 5.99 -23.66
C GLU A 395 6.30 6.93 -23.76
N VAL A 396 6.48 8.13 -23.25
CA VAL A 396 5.40 9.12 -23.26
C VAL A 396 5.36 9.82 -24.61
N ARG A 397 6.50 10.34 -25.06
CA ARG A 397 6.56 11.03 -26.34
C ARG A 397 5.82 10.20 -27.40
N GLU A 398 6.09 8.90 -27.39
CA GLU A 398 5.44 8.04 -28.35
C GLU A 398 3.95 8.01 -28.05
N ILE A 399 3.59 7.66 -26.82
CA ILE A 399 2.18 7.61 -26.46
C ILE A 399 1.52 8.89 -26.91
N LEU A 400 2.28 9.98 -26.86
CA LEU A 400 1.76 11.28 -27.26
C LEU A 400 1.36 11.29 -28.73
N LYS A 401 2.36 11.13 -29.61
CA LYS A 401 2.15 11.12 -31.06
C LYS A 401 0.86 10.40 -31.41
N LYS A 402 0.80 9.12 -31.05
CA LYS A 402 -0.37 8.29 -31.32
C LYS A 402 -1.70 8.97 -30.98
N VAL A 403 -1.82 9.48 -29.75
CA VAL A 403 -3.06 10.11 -29.31
C VAL A 403 -2.96 11.59 -29.03
N MET A 404 -3.94 12.35 -29.53
CA MET A 404 -4.02 13.80 -29.32
C MET A 404 -4.80 14.54 -30.42
N GLY A 405 -4.63 14.13 -31.67
CA GLY A 405 -5.35 14.79 -32.74
C GLY A 405 -6.84 14.82 -32.47
N LYS A 406 -7.45 13.66 -32.41
CA LYS A 406 -8.88 13.54 -32.16
C LYS A 406 -9.26 13.90 -30.73
N GLU A 407 -8.50 13.38 -29.77
CA GLU A 407 -8.76 13.62 -28.36
C GLU A 407 -8.69 15.11 -28.02
N ARG A 408 -9.72 15.61 -27.33
CA ARG A 408 -9.80 17.01 -26.94
C ARG A 408 -9.77 17.16 -25.43
N PRO A 409 -8.68 17.75 -24.89
CA PRO A 409 -8.54 17.94 -23.45
C PRO A 409 -9.64 18.82 -22.87
N GLN A 410 -9.79 18.78 -21.55
CA GLN A 410 -10.82 19.53 -20.85
C GLN A 410 -10.40 20.90 -20.34
N ALA A 411 -9.08 21.11 -20.19
CA ALA A 411 -8.54 22.37 -19.68
C ALA A 411 -9.16 23.64 -20.26
N LYS A 412 -8.96 24.75 -19.55
CA LYS A 412 -9.49 26.03 -19.97
C LYS A 412 -8.37 27.05 -20.04
N ASP A 413 -7.17 26.68 -19.62
CA ASP A 413 -6.09 27.63 -19.66
C ASP A 413 -5.19 27.53 -20.90
N VAL A 414 -5.48 26.56 -21.75
CA VAL A 414 -4.75 26.40 -22.99
C VAL A 414 -5.70 25.98 -24.08
N VAL A 415 -5.20 25.93 -25.31
CA VAL A 415 -6.02 25.53 -26.43
C VAL A 415 -5.41 24.32 -27.13
N VAL A 416 -6.25 23.48 -27.70
CA VAL A 416 -5.79 22.27 -28.39
C VAL A 416 -5.98 22.38 -29.90
N ARG A 417 -7.12 22.92 -30.29
CA ARG A 417 -7.45 23.11 -31.70
C ARG A 417 -7.61 21.77 -32.40
N GLU A 418 -6.50 21.29 -32.94
CA GLU A 418 -6.42 20.02 -33.66
C GLU A 418 -4.95 19.79 -33.91
N GLY A 419 -4.33 19.00 -33.05
CA GLY A 419 -2.92 18.75 -33.20
C GLY A 419 -2.19 20.08 -33.10
N GLU A 420 -1.74 20.38 -31.88
CA GLU A 420 -1.00 21.59 -31.53
C GLU A 420 -1.54 22.11 -30.19
N VAL A 421 -0.64 22.48 -29.29
CA VAL A 421 -1.02 22.98 -27.97
C VAL A 421 -0.39 24.34 -27.72
N ILE A 422 -1.22 25.37 -27.57
CA ILE A 422 -0.72 26.73 -27.33
C ILE A 422 -0.72 27.09 -25.84
N PHE A 423 0.46 27.39 -25.31
CA PHE A 423 0.61 27.74 -23.89
C PHE A 423 0.65 29.26 -23.65
N PRO A 424 -0.29 29.79 -22.85
CA PRO A 424 -0.28 31.23 -22.58
C PRO A 424 0.93 31.51 -21.72
N ASP A 425 1.68 32.57 -22.00
CA ASP A 425 2.86 32.91 -21.21
C ASP A 425 2.66 34.14 -20.34
N LEU A 426 2.20 33.91 -19.11
CA LEU A 426 1.97 34.99 -18.17
C LEU A 426 3.25 35.60 -17.61
N ARG A 427 4.22 34.76 -17.33
CA ARG A 427 5.50 35.20 -16.79
C ARG A 427 5.88 36.46 -17.54
N THR A 428 6.06 36.34 -18.84
CA THR A 428 6.41 37.51 -19.62
C THR A 428 5.41 38.63 -19.36
N TYR A 429 4.12 38.38 -19.65
CA TYR A 429 3.07 39.39 -19.50
C TYR A 429 3.20 40.21 -18.22
N ILE A 430 3.27 39.52 -17.09
CA ILE A 430 3.41 40.15 -15.79
C ILE A 430 4.60 41.08 -15.83
N GLN A 431 5.71 40.51 -16.26
CA GLN A 431 6.96 41.23 -16.36
C GLN A 431 6.88 42.36 -17.37
N GLY A 432 6.09 42.18 -18.40
CA GLY A 432 6.00 43.18 -19.43
C GLY A 432 5.18 44.38 -19.03
N SER A 433 4.08 44.09 -18.34
CA SER A 433 3.17 45.14 -17.89
C SER A 433 3.57 45.66 -16.51
N GLY A 434 4.59 45.04 -15.95
CA GLY A 434 5.09 45.46 -14.67
C GLY A 434 5.90 46.74 -14.76
N ARG A 435 6.49 47.03 -15.92
CA ARG A 435 7.28 48.25 -16.05
C ARG A 435 6.32 49.44 -15.96
N THR A 436 5.05 49.10 -16.05
CA THR A 436 3.94 50.04 -16.05
C THR A 436 3.47 50.46 -14.64
N SER A 437 4.02 49.81 -13.62
CA SER A 437 3.65 50.10 -12.22
C SER A 437 4.80 49.78 -11.27
N ARG A 438 5.20 50.80 -10.50
CA ARG A 438 6.29 50.68 -9.55
C ARG A 438 5.85 50.98 -8.12
N LEU A 439 6.63 50.48 -7.16
CA LEU A 439 6.38 50.67 -5.73
C LEU A 439 7.27 51.80 -5.24
N PHE A 440 6.67 52.88 -4.72
CA PHE A 440 7.48 54.00 -4.20
C PHE A 440 7.04 54.39 -2.80
N ALA A 441 7.80 55.28 -2.18
CA ALA A 441 7.45 55.70 -0.83
C ALA A 441 6.05 56.26 -0.82
N GLY A 442 5.50 56.51 -2.01
CA GLY A 442 4.16 57.06 -2.09
C GLY A 442 3.06 56.09 -2.46
N GLY A 443 3.35 54.80 -2.49
CA GLY A 443 2.32 53.86 -2.85
C GLY A 443 2.76 52.97 -4.00
N LEU A 444 2.02 52.98 -5.09
CA LEU A 444 2.37 52.12 -6.23
C LEU A 444 1.76 52.66 -7.53
N THR A 445 2.52 53.47 -8.27
CA THR A 445 2.08 54.06 -9.54
C THR A 445 0.99 53.25 -10.23
N LYS A 446 0.08 53.95 -10.90
CA LYS A 446 -1.02 53.32 -11.65
C LYS A 446 -0.50 52.88 -13.02
N GLY A 447 -0.90 51.68 -13.42
CA GLY A 447 -0.47 51.20 -14.71
C GLY A 447 -1.66 50.88 -15.61
N ALA A 448 -1.35 50.37 -16.79
CA ALA A 448 -2.35 50.01 -17.78
C ALA A 448 -1.65 49.13 -18.81
N SER A 449 -2.30 48.03 -19.13
CA SER A 449 -1.77 47.07 -20.09
C SER A 449 -2.87 46.62 -21.05
N PHE A 450 -2.70 46.95 -22.32
CA PHE A 450 -3.66 46.59 -23.36
C PHE A 450 -3.20 45.40 -24.16
N LEU A 451 -3.79 44.26 -23.91
CA LEU A 451 -3.43 43.05 -24.63
C LEU A 451 -4.46 42.82 -25.74
N LEU A 452 -4.02 42.86 -26.99
CA LEU A 452 -4.93 42.63 -28.12
C LEU A 452 -4.46 41.36 -28.84
N GLU A 453 -5.40 40.47 -29.12
CA GLU A 453 -5.08 39.24 -29.81
C GLU A 453 -6.29 38.91 -30.66
N ASP A 454 -6.06 38.39 -31.86
CA ASP A 454 -7.16 38.05 -32.74
C ASP A 454 -7.60 36.62 -32.51
N ASP A 455 -6.65 35.77 -32.12
CA ASP A 455 -6.94 34.36 -31.87
C ASP A 455 -7.92 34.14 -30.72
N SER A 456 -9.19 34.48 -30.92
CA SER A 456 -10.19 34.33 -29.86
C SER A 456 -9.86 33.23 -28.85
N GLU A 457 -10.07 31.98 -29.24
CA GLU A 457 -9.78 30.85 -28.35
C GLU A 457 -8.57 31.11 -27.48
N LEU A 458 -7.49 31.59 -28.09
CA LEU A 458 -6.27 31.84 -27.34
C LEU A 458 -6.44 32.95 -26.33
N LEU A 459 -6.94 34.10 -26.79
CA LEU A 459 -7.15 35.22 -25.89
C LEU A 459 -7.82 34.71 -24.63
N SER A 460 -8.93 33.99 -24.82
CA SER A 460 -9.65 33.44 -23.70
C SER A 460 -8.72 32.67 -22.77
N ALA A 461 -7.95 31.73 -23.33
CA ALA A 461 -7.02 30.92 -22.55
C ALA A 461 -6.16 31.79 -21.66
N PHE A 462 -5.68 32.90 -22.22
CA PHE A 462 -4.85 33.83 -21.46
C PHE A 462 -5.76 34.29 -20.32
N ILE A 463 -6.78 35.03 -20.71
CA ILE A 463 -7.73 35.55 -19.74
C ILE A 463 -7.92 34.57 -18.59
N GLU A 464 -8.11 33.30 -18.91
CA GLU A 464 -8.34 32.33 -17.86
C GLU A 464 -7.06 32.09 -17.07
N ARG A 465 -6.01 31.75 -17.79
CA ARG A 465 -4.72 31.51 -17.17
C ARG A 465 -4.37 32.65 -16.22
N ALA A 466 -4.70 33.87 -16.62
CA ALA A 466 -4.41 35.05 -15.82
C ALA A 466 -4.97 34.87 -14.42
N LYS A 467 -6.26 34.54 -14.33
CA LYS A 467 -6.90 34.33 -13.04
C LYS A 467 -5.99 33.61 -12.02
N LEU A 468 -5.18 32.66 -12.50
CA LEU A 468 -4.30 31.90 -11.62
C LEU A 468 -3.28 32.81 -10.97
N TYR A 469 -3.02 33.93 -11.61
CA TYR A 469 -2.07 34.88 -11.08
C TYR A 469 -2.89 35.99 -10.44
N ASP A 470 -4.00 35.56 -9.82
CA ASP A 470 -4.89 36.48 -9.11
C ASP A 470 -4.88 37.80 -9.81
N ILE A 471 -4.97 38.89 -9.05
CA ILE A 471 -4.94 40.24 -9.60
C ILE A 471 -4.56 40.15 -11.08
N GLU A 472 -5.50 39.66 -11.89
CA GLU A 472 -5.30 39.48 -13.30
C GLU A 472 -6.64 39.35 -13.95
N PHE A 473 -7.47 40.37 -13.77
CA PHE A 473 -8.79 40.40 -14.37
C PHE A 473 -8.67 41.38 -15.51
N LYS A 474 -9.43 41.16 -16.57
CA LYS A 474 -9.36 42.06 -17.73
C LYS A 474 -10.72 42.70 -18.02
N SER A 475 -10.69 43.94 -18.50
CA SER A 475 -11.90 44.69 -18.83
C SER A 475 -12.25 44.52 -20.30
N ILE A 476 -12.62 45.59 -20.99
CA ILE A 476 -12.97 45.47 -22.39
C ILE A 476 -13.21 46.82 -23.07
N ASP A 477 -12.28 47.75 -22.88
CA ASP A 477 -12.43 49.07 -23.46
C ASP A 477 -13.58 49.81 -22.82
N GLU A 478 -14.16 49.14 -21.82
CA GLU A 478 -15.24 49.68 -21.01
C GLU A 478 -14.42 50.45 -19.95
N VAL A 479 -13.39 51.13 -20.44
CA VAL A 479 -12.48 51.90 -19.61
C VAL A 479 -12.89 53.37 -19.69
N ASP A 480 -12.55 54.14 -18.68
CA ASP A 480 -12.90 55.56 -18.62
C ASP A 480 -11.81 56.44 -19.25
N PHE A 481 -11.07 55.91 -20.21
CA PHE A 481 -9.98 56.64 -20.89
C PHE A 481 -9.65 58.03 -20.36
N GLU A 482 -10.65 58.91 -20.35
CA GLU A 482 -10.49 60.27 -19.83
C GLU A 482 -9.80 60.22 -18.46
N LYS A 483 -10.35 59.43 -17.53
CA LYS A 483 -9.79 59.27 -16.20
C LYS A 483 -8.40 58.66 -16.30
N LEU A 484 -8.34 57.46 -16.85
CA LEU A 484 -7.08 56.76 -17.00
C LEU A 484 -5.90 57.67 -17.29
N SER A 485 -5.97 58.39 -18.41
CA SER A 485 -4.89 59.29 -18.79
C SER A 485 -4.48 60.19 -17.62
N ARG A 486 -5.46 60.58 -16.81
CA ARG A 486 -5.23 61.45 -15.68
C ARG A 486 -4.56 60.70 -14.55
N GLU A 487 -5.16 59.59 -14.15
CA GLU A 487 -4.60 58.78 -13.07
C GLU A 487 -3.13 58.52 -13.33
N LEU A 488 -2.79 58.13 -14.56
CA LEU A 488 -1.41 57.83 -14.93
C LEU A 488 -0.52 59.03 -14.73
N ASP A 489 -0.77 60.08 -15.50
CA ASP A 489 0.02 61.30 -15.39
C ASP A 489 -0.01 61.82 -13.97
N GLU A 490 -1.15 61.66 -13.32
CA GLU A 490 -1.33 62.08 -11.94
C GLU A 490 -0.42 61.19 -11.09
N SER A 491 -0.73 59.90 -11.08
CA SER A 491 0.04 58.93 -10.32
C SER A 491 1.55 59.14 -10.43
N ARG A 492 2.07 59.14 -11.64
CA ARG A 492 3.50 59.32 -11.78
C ARG A 492 3.96 60.64 -11.18
N ASP A 493 3.07 61.63 -11.20
CA ASP A 493 3.38 62.93 -10.64
C ASP A 493 3.75 62.71 -9.15
N ARG A 494 3.00 61.81 -8.51
CA ARG A 494 3.21 61.45 -7.12
C ARG A 494 4.64 60.96 -6.99
N TYR A 495 4.95 59.89 -7.71
CA TYR A 495 6.29 59.31 -7.70
C TYR A 495 7.38 60.36 -7.71
N ARG A 496 7.29 61.31 -8.65
CA ARG A 496 8.31 62.36 -8.70
C ARG A 496 8.42 62.98 -7.33
N ARG A 497 7.29 63.22 -6.69
CA ARG A 497 7.29 63.80 -5.37
C ARG A 497 7.49 62.73 -4.29
N ARG A 498 8.00 61.57 -4.68
CA ARG A 498 8.21 60.48 -3.73
C ARG A 498 8.93 60.93 -2.47
N GLN A 499 9.90 61.82 -2.62
CA GLN A 499 10.69 62.32 -1.50
C GLN A 499 9.84 62.85 -0.34
N GLU A 500 8.56 63.05 -0.55
CA GLU A 500 7.74 63.56 0.52
C GLU A 500 6.79 62.60 1.22
N PHE A 501 6.88 61.31 0.92
CA PHE A 501 5.99 60.33 1.55
C PHE A 501 6.68 59.40 2.52
N ASP A 502 5.88 58.58 3.17
CA ASP A 502 6.34 57.58 4.14
C ASP A 502 5.11 56.74 4.51
N LEU A 503 4.29 56.42 3.50
CA LEU A 503 3.09 55.62 3.71
C LEU A 503 3.45 54.14 3.92
N ILE A 504 4.65 53.76 3.49
CA ILE A 504 5.07 52.38 3.63
C ILE A 504 5.99 52.19 4.83
N LYS A 505 5.46 51.55 5.87
CA LYS A 505 6.24 51.33 7.07
C LYS A 505 6.40 49.85 7.40
N PRO A 506 7.35 49.53 8.27
CA PRO A 506 7.61 48.17 8.67
C PRO A 506 6.45 47.62 9.48
N ALA A 507 6.43 46.30 9.66
CA ALA A 507 5.38 45.67 10.39
C ALA A 507 5.67 44.19 10.54
N LEU A 508 6.20 43.80 11.69
CA LEU A 508 6.47 42.40 11.93
C LEU A 508 5.12 41.69 11.78
N PHE A 509 5.08 40.71 10.88
CA PHE A 509 3.86 39.93 10.63
C PHE A 509 4.08 38.52 11.11
N ILE A 510 3.58 38.22 12.29
CA ILE A 510 3.78 36.92 12.91
C ILE A 510 2.80 35.83 12.55
N VAL A 511 3.25 34.75 11.94
CA VAL A 511 2.39 33.61 11.61
C VAL A 511 2.94 32.40 12.37
N GLU A 512 2.12 31.38 12.56
CA GLU A 512 2.56 30.21 13.32
C GLU A 512 3.80 29.40 12.89
N SER A 513 3.69 28.72 11.75
CA SER A 513 4.72 27.85 11.19
C SER A 513 5.60 28.57 10.16
N PRO A 514 6.75 27.94 9.81
CA PRO A 514 7.71 28.47 8.83
C PRO A 514 7.07 28.34 7.46
N THR A 515 6.35 27.24 7.25
CA THR A 515 5.67 27.05 5.97
C THR A 515 4.91 28.35 5.72
N LYS A 516 3.90 28.61 6.54
CA LYS A 516 3.11 29.84 6.37
C LYS A 516 3.99 31.06 6.14
N ALA A 517 5.08 31.14 6.88
CA ALA A 517 5.96 32.28 6.74
C ALA A 517 6.42 32.37 5.30
N ARG A 518 6.99 31.27 4.82
CA ARG A 518 7.50 31.22 3.46
C ARG A 518 6.40 31.51 2.45
N GLN A 519 5.30 30.77 2.51
CA GLN A 519 4.21 30.99 1.58
C GLN A 519 3.85 32.44 1.53
N ILE A 520 3.69 33.07 2.68
CA ILE A 520 3.30 34.45 2.65
C ILE A 520 4.37 35.41 2.13
N SER A 521 5.56 35.37 2.68
CA SER A 521 6.57 36.30 2.20
C SER A 521 6.80 36.18 0.70
N ARG A 522 6.65 34.97 0.17
CA ARG A 522 6.86 34.76 -1.26
C ARG A 522 5.73 35.37 -2.07
N PHE A 523 4.58 35.58 -1.44
CA PHE A 523 3.45 36.18 -2.14
C PHE A 523 3.79 37.56 -2.72
N PHE A 524 4.90 38.14 -2.28
CA PHE A 524 5.23 39.46 -2.77
C PHE A 524 6.59 39.46 -3.44
N GLY A 525 7.25 38.31 -3.37
CA GLY A 525 8.51 38.22 -4.03
C GLY A 525 9.51 37.34 -3.34
N LYS A 526 10.77 37.60 -3.65
CA LYS A 526 11.85 36.88 -3.04
C LYS A 526 12.31 37.85 -1.98
N PRO A 527 11.88 37.60 -0.73
CA PRO A 527 12.21 38.43 0.42
C PRO A 527 13.64 38.20 0.77
N SER A 528 14.21 39.10 1.58
CA SER A 528 15.58 39.00 2.05
C SER A 528 15.46 38.36 3.39
N VAL A 529 16.41 37.52 3.74
CA VAL A 529 16.31 36.86 5.03
C VAL A 529 17.28 37.43 6.04
N LYS A 530 17.11 36.99 7.28
CA LYS A 530 17.97 37.35 8.39
C LYS A 530 17.67 36.36 9.45
N VAL A 531 18.71 35.79 10.06
CA VAL A 531 18.48 34.87 11.15
C VAL A 531 18.93 35.48 12.48
N LEU A 532 17.94 35.81 13.30
CA LEU A 532 18.20 36.41 14.59
C LEU A 532 18.41 35.35 15.64
N ASP A 533 19.12 35.73 16.69
CA ASP A 533 19.42 34.84 17.80
C ASP A 533 18.53 33.61 17.83
N GLY A 534 17.22 33.82 17.92
CA GLY A 534 16.34 32.67 17.95
C GLY A 534 15.25 32.59 16.91
N ALA A 535 15.42 33.26 15.77
CA ALA A 535 14.36 33.26 14.76
C ALA A 535 14.76 33.72 13.35
N VAL A 536 14.07 33.16 12.37
CA VAL A 536 14.30 33.49 10.98
C VAL A 536 13.25 34.52 10.56
N VAL A 537 13.66 35.51 9.79
CA VAL A 537 12.72 36.54 9.36
C VAL A 537 12.73 36.81 7.87
N TYR A 538 11.61 36.58 7.20
CA TYR A 538 11.56 36.87 5.78
C TYR A 538 10.93 38.25 5.62
N GLU A 539 11.75 39.19 5.14
CA GLU A 539 11.33 40.56 4.97
C GLU A 539 11.16 40.96 3.51
N ILE A 540 10.01 41.51 3.19
CA ILE A 540 9.73 41.93 1.84
C ILE A 540 8.81 43.14 1.86
N PRO A 541 8.91 44.00 0.84
CA PRO A 541 8.10 45.20 0.73
C PRO A 541 6.82 44.97 -0.05
N MET A 542 5.85 45.85 0.11
CA MET A 542 4.57 45.74 -0.58
C MET A 542 3.67 46.95 -0.40
N GLN A 543 2.65 47.06 -1.24
CA GLN A 543 1.77 48.22 -1.19
C GLN A 543 1.34 48.66 0.21
N LYS A 544 1.18 47.71 1.13
CA LYS A 544 0.73 48.05 2.49
C LYS A 544 1.80 48.31 3.57
N TYR A 545 2.90 47.57 3.53
CA TYR A 545 3.97 47.74 4.51
C TYR A 545 5.29 47.13 4.04
N VAL A 546 6.22 47.01 4.96
CA VAL A 546 7.48 46.38 4.66
C VAL A 546 7.52 45.17 5.58
N LEU A 547 6.65 44.22 5.27
CA LEU A 547 6.52 42.99 6.02
C LEU A 547 7.81 42.30 6.38
N MET A 548 7.81 41.73 7.57
CA MET A 548 8.93 40.98 8.10
C MET A 548 8.31 39.72 8.70
N VAL A 549 7.62 38.94 7.87
CA VAL A 549 6.96 37.73 8.36
C VAL A 549 7.95 36.86 9.12
N THR A 550 7.55 36.38 10.29
CA THR A 550 8.37 35.53 11.18
C THR A 550 7.48 34.47 11.82
N ALA A 551 8.01 33.29 12.12
CA ALA A 551 7.14 32.28 12.68
C ALA A 551 7.35 31.99 14.15
N SER A 552 6.26 32.13 14.91
CA SER A 552 6.27 31.92 16.36
C SER A 552 6.55 30.46 16.69
N ILE A 553 6.37 29.59 15.69
CA ILE A 553 6.59 28.17 15.91
C ILE A 553 5.60 27.70 16.97
N GLY A 554 4.34 28.06 16.78
CA GLY A 554 3.33 27.68 17.74
C GLY A 554 3.18 28.65 18.89
N HIS A 555 2.71 28.10 20.01
CA HIS A 555 2.50 28.86 21.25
C HIS A 555 3.81 29.24 21.86
N VAL A 556 4.01 30.54 22.10
CA VAL A 556 5.22 31.05 22.72
C VAL A 556 5.26 30.62 24.18
N VAL A 557 4.07 30.52 24.77
CA VAL A 557 3.93 30.12 26.17
C VAL A 557 2.74 29.21 26.40
N ASP A 558 2.76 28.52 27.52
CA ASP A 558 1.71 27.59 27.89
C ASP A 558 1.52 27.64 29.41
N LEU A 559 0.48 26.98 29.91
CA LEU A 559 0.19 26.97 31.35
C LEU A 559 1.30 26.34 32.15
N ILE A 560 1.73 27.03 33.20
CA ILE A 560 2.82 26.54 34.01
C ILE A 560 2.36 25.35 34.79
N THR A 561 3.25 24.70 35.54
CA THR A 561 2.85 23.52 36.31
C THR A 561 3.09 23.60 37.79
N ASN A 562 3.78 24.64 38.24
CA ASN A 562 4.04 24.77 39.66
C ASN A 562 3.15 25.86 40.23
N ARG A 563 3.48 27.12 39.97
CA ARG A 563 2.67 28.20 40.51
C ARG A 563 1.17 27.91 40.60
N GLY A 564 0.54 28.48 41.63
CA GLY A 564 -0.88 28.30 41.90
C GLY A 564 -1.34 26.85 41.85
N PHE A 565 -2.65 26.65 41.92
CA PHE A 565 -3.22 25.31 41.84
C PHE A 565 -3.07 24.89 40.38
N HIS A 566 -2.24 23.87 40.15
CA HIS A 566 -2.00 23.39 38.80
C HIS A 566 -1.93 24.47 37.74
N GLY A 567 -1.32 25.60 38.08
CA GLY A 567 -1.15 26.67 37.13
C GLY A 567 -2.05 27.86 37.37
N VAL A 568 -3.00 27.70 38.27
CA VAL A 568 -3.90 28.82 38.53
C VAL A 568 -3.82 29.32 39.96
N LEU A 569 -3.68 30.64 40.10
CA LEU A 569 -3.65 31.25 41.41
C LEU A 569 -5.13 31.31 41.79
N VAL A 570 -5.49 30.73 42.93
CA VAL A 570 -6.88 30.75 43.36
C VAL A 570 -7.10 31.56 44.63
N ASN A 571 -8.10 31.14 45.41
CA ASN A 571 -8.49 31.80 46.65
C ASN A 571 -9.25 33.05 46.27
N GLY A 572 -10.44 32.85 45.73
CA GLY A 572 -11.25 33.98 45.30
C GLY A 572 -10.45 34.77 44.29
N ARG A 573 -9.82 34.05 43.35
CA ARG A 573 -9.00 34.67 42.33
C ARG A 573 -9.12 34.13 40.90
N PHE A 574 -8.41 33.04 40.61
CA PHE A 574 -8.34 32.42 39.27
C PHE A 574 -7.47 33.26 38.37
N VAL A 575 -6.15 33.14 38.49
CA VAL A 575 -5.28 33.94 37.65
C VAL A 575 -4.28 33.10 36.89
N PRO A 576 -4.55 32.86 35.60
CA PRO A 576 -3.68 32.05 34.76
C PRO A 576 -2.25 32.48 34.93
N VAL A 577 -1.35 31.51 34.92
CA VAL A 577 0.07 31.79 35.04
C VAL A 577 0.77 31.20 33.83
N TYR A 578 1.40 32.05 33.04
CA TYR A 578 2.07 31.50 31.87
C TYR A 578 3.59 31.44 31.92
N ALA A 579 4.13 30.41 31.26
CA ALA A 579 5.57 30.21 31.20
C ALA A 579 6.10 29.85 29.82
N SER A 580 7.41 30.04 29.66
CA SER A 580 8.18 29.73 28.46
C SER A 580 7.99 28.21 28.19
N ILE A 581 8.21 27.75 26.97
CA ILE A 581 7.96 26.34 26.69
C ILE A 581 9.16 25.42 26.51
N LYS A 582 8.91 24.11 26.69
CA LYS A 582 9.87 23.01 26.60
C LYS A 582 10.78 22.95 27.82
N VAL A 606 17.16 21.32 21.55
CA VAL A 606 16.95 21.63 22.96
C VAL A 606 16.90 23.15 23.17
N ASP A 607 15.95 23.81 22.53
CA ASP A 607 15.79 25.25 22.64
C ASP A 607 14.61 25.63 23.53
N ASN A 608 14.70 26.80 24.15
CA ASN A 608 13.63 27.28 25.01
C ASN A 608 12.87 28.39 24.31
N SER A 609 11.56 28.29 24.29
CA SER A 609 10.76 29.30 23.61
C SER A 609 10.93 30.68 24.22
N ARG A 610 11.67 30.80 25.31
CA ARG A 610 11.86 32.10 25.91
C ARG A 610 12.60 32.96 24.89
N SER A 611 13.50 32.30 24.15
CA SER A 611 14.33 32.94 23.13
C SER A 611 13.58 33.53 21.95
N ARG A 612 12.50 32.88 21.54
CA ARG A 612 11.71 33.37 20.43
C ARG A 612 11.02 34.66 20.90
N ILE A 613 10.61 34.68 22.17
CA ILE A 613 9.96 35.85 22.71
C ILE A 613 10.97 36.99 22.71
N GLU A 614 12.14 36.71 23.26
CA GLU A 614 13.21 37.70 23.34
C GLU A 614 13.55 38.16 21.94
N ALA A 615 13.44 37.22 21.00
CA ALA A 615 13.72 37.48 19.61
C ALA A 615 12.63 38.33 19.06
N LEU A 616 11.41 37.93 19.32
CA LEU A 616 10.24 38.67 18.83
C LEU A 616 10.17 40.10 19.37
N ARG A 617 10.46 40.28 20.65
CA ARG A 617 10.41 41.61 21.22
C ARG A 617 11.38 42.57 20.52
N LYS A 618 12.48 42.04 20.00
CA LYS A 618 13.47 42.86 19.29
C LYS A 618 12.97 43.32 17.95
N LEU A 619 12.46 42.37 17.16
CA LEU A 619 11.92 42.72 15.85
C LEU A 619 10.84 43.77 16.15
N ALA A 620 9.86 43.38 16.97
CA ALA A 620 8.75 44.27 17.39
C ALA A 620 9.32 45.65 17.73
N HIS A 621 10.37 45.62 18.52
CA HIS A 621 11.07 46.84 18.91
C HIS A 621 11.33 47.70 17.67
N ASP A 622 11.94 47.07 16.66
CA ASP A 622 12.35 47.72 15.42
C ASP A 622 11.19 48.15 14.51
N ALA A 623 10.05 47.48 14.63
CA ALA A 623 8.92 47.83 13.78
C ALA A 623 7.98 48.84 14.41
N GLU A 624 7.80 48.73 15.72
CA GLU A 624 6.89 49.62 16.43
C GLU A 624 5.48 49.32 15.94
N PHE A 625 5.28 48.11 15.40
CA PHE A 625 3.97 47.72 14.89
C PHE A 625 3.93 46.26 14.56
N VAL A 626 3.09 45.52 15.24
CA VAL A 626 2.98 44.07 15.03
C VAL A 626 1.62 43.58 14.47
N ILE A 627 1.65 42.60 13.57
CA ILE A 627 0.40 42.07 13.00
C ILE A 627 0.41 40.54 13.16
N VAL A 628 -0.34 40.03 14.12
CA VAL A 628 -0.36 38.60 14.30
C VAL A 628 -1.34 38.06 13.31
N GLY A 629 -0.93 37.00 12.61
CA GLY A 629 -1.77 36.37 11.61
C GLY A 629 -1.87 34.89 11.86
N THR A 630 -2.01 34.50 13.13
CA THR A 630 -2.12 33.08 13.41
C THR A 630 -3.45 32.49 12.94
N ASP A 631 -3.65 31.20 13.17
CA ASP A 631 -4.87 30.53 12.75
C ASP A 631 -6.06 31.33 13.21
N PRO A 632 -7.20 31.21 12.51
CA PRO A 632 -8.43 31.92 12.86
C PRO A 632 -9.29 31.17 13.87
N ASP A 633 -8.69 30.77 14.98
CA ASP A 633 -9.42 30.07 16.00
C ASP A 633 -9.03 30.68 17.33
N THR A 634 -9.46 30.02 18.41
CA THR A 634 -9.19 30.47 19.77
C THR A 634 -7.72 30.35 20.08
N GLU A 635 -7.13 29.22 19.77
CA GLU A 635 -5.71 29.08 20.05
C GLU A 635 -4.92 30.16 19.30
N GLY A 636 -5.38 30.47 18.09
CA GLY A 636 -4.71 31.48 17.31
C GLY A 636 -4.85 32.80 18.01
N GLU A 637 -6.05 33.06 18.51
CA GLU A 637 -6.31 34.31 19.20
C GLU A 637 -5.51 34.31 20.47
N LYS A 638 -5.32 33.14 21.04
CA LYS A 638 -4.55 33.08 22.26
C LYS A 638 -3.11 33.47 22.00
N ILE A 639 -2.63 33.28 20.78
CA ILE A 639 -1.23 33.62 20.53
C ILE A 639 -1.12 35.12 20.41
N ALA A 640 -1.96 35.70 19.57
CA ALA A 640 -1.88 37.15 19.41
C ALA A 640 -1.96 37.77 20.79
N TRP A 641 -2.91 37.28 21.59
CA TRP A 641 -3.11 37.75 22.95
C TRP A 641 -1.78 37.87 23.68
N ASP A 642 -1.18 36.72 24.00
CA ASP A 642 0.12 36.70 24.67
C ASP A 642 1.01 37.77 24.03
N LEU A 643 1.22 37.64 22.73
CA LEU A 643 2.04 38.59 22.01
C LEU A 643 1.63 40.03 22.30
N LYS A 644 0.32 40.31 22.28
CA LYS A 644 -0.13 41.64 22.58
C LYS A 644 0.58 42.00 23.87
N ASN A 645 0.38 41.18 24.88
CA ASN A 645 1.01 41.39 26.17
C ASN A 645 2.55 41.48 26.16
N LEU A 646 3.19 40.32 25.99
CA LEU A 646 4.64 40.19 25.96
C LEU A 646 5.44 41.26 25.21
N LEU A 647 4.92 41.75 24.08
CA LEU A 647 5.63 42.77 23.34
C LEU A 647 5.15 44.17 23.71
N SER A 648 4.55 44.29 24.89
CA SER A 648 4.05 45.56 25.37
C SER A 648 5.08 46.67 25.28
N GLY A 649 4.60 47.87 24.94
CA GLY A 649 5.47 49.03 24.85
C GLY A 649 6.06 49.23 23.48
N CYS A 650 6.52 48.12 22.91
CA CYS A 650 7.12 48.11 21.59
C CYS A 650 6.33 48.86 20.52
N GLY A 651 5.15 48.33 20.16
CA GLY A 651 4.33 48.98 19.16
C GLY A 651 2.94 48.38 19.06
N ALA A 652 2.05 49.03 18.33
CA ALA A 652 0.69 48.52 18.20
C ALA A 652 0.73 47.08 17.77
N VAL A 653 -0.20 46.30 18.29
CA VAL A 653 -0.30 44.89 17.96
C VAL A 653 -1.71 44.53 17.49
N LYS A 654 -1.94 44.72 16.21
CA LYS A 654 -3.23 44.40 15.62
C LYS A 654 -3.31 42.95 15.21
N ARG A 655 -4.49 42.50 14.85
CA ARG A 655 -4.70 41.10 14.48
C ARG A 655 -5.25 40.98 13.08
N ALA A 656 -4.62 40.16 12.26
CA ALA A 656 -5.08 39.98 10.89
C ALA A 656 -5.81 38.66 10.85
N GLU A 657 -7.05 38.70 10.39
CA GLU A 657 -7.84 37.48 10.34
C GLU A 657 -8.19 37.11 8.92
N PHE A 658 -7.87 35.87 8.54
CA PHE A 658 -8.15 35.37 7.22
C PHE A 658 -8.32 33.88 7.31
N HIS A 659 -9.33 33.32 6.68
CA HIS A 659 -9.52 31.91 6.80
C HIS A 659 -8.89 31.04 5.72
N GLU A 660 -7.97 31.62 4.95
CA GLU A 660 -7.24 30.89 3.89
C GLU A 660 -5.92 31.63 3.63
N VAL A 661 -4.84 30.87 3.36
CA VAL A 661 -3.52 31.48 3.15
C VAL A 661 -3.22 31.81 1.71
N THR A 662 -3.76 32.92 1.24
CA THR A 662 -3.58 33.30 -0.14
C THR A 662 -3.39 34.80 -0.34
N ARG A 663 -2.46 35.18 -1.22
CA ARG A 663 -2.20 36.60 -1.47
C ARG A 663 -3.45 37.46 -1.33
N ARG A 664 -4.54 37.02 -1.97
CA ARG A 664 -5.78 37.79 -1.93
C ARG A 664 -6.34 37.90 -0.52
N ALA A 665 -6.51 36.77 0.15
CA ALA A 665 -7.02 36.82 1.50
C ALA A 665 -6.12 37.72 2.37
N ILE A 666 -4.81 37.47 2.37
CA ILE A 666 -3.93 38.30 3.17
C ILE A 666 -4.18 39.76 2.94
N LEU A 667 -4.16 40.22 1.70
CA LEU A 667 -4.40 41.65 1.48
C LEU A 667 -5.73 42.10 2.04
N GLU A 668 -6.77 41.30 1.86
CA GLU A 668 -8.08 41.68 2.35
C GLU A 668 -7.91 41.92 3.84
N ALA A 669 -7.27 40.97 4.51
CA ALA A 669 -7.03 41.07 5.93
C ALA A 669 -6.28 42.36 6.24
N LEU A 670 -5.22 42.63 5.52
CA LEU A 670 -4.46 43.84 5.75
C LEU A 670 -5.28 45.10 5.58
N GLU A 671 -6.56 44.94 5.29
CA GLU A 671 -7.41 46.09 5.12
C GLU A 671 -8.55 46.02 6.13
N SER A 672 -8.54 44.97 6.95
CA SER A 672 -9.60 44.82 7.94
C SER A 672 -8.99 44.30 9.21
N LEU A 673 -8.05 45.03 9.77
CA LEU A 673 -7.42 44.59 11.00
C LEU A 673 -8.33 44.84 12.18
N ARG A 674 -8.13 44.07 13.23
CA ARG A 674 -8.94 44.18 14.43
C ARG A 674 -8.00 43.99 15.60
N ASP A 675 -8.54 44.04 16.82
CA ASP A 675 -7.73 43.86 18.02
C ASP A 675 -7.99 42.50 18.55
N VAL A 676 -7.08 41.96 19.34
CA VAL A 676 -7.27 40.63 19.88
C VAL A 676 -8.68 40.50 20.43
N ASP A 677 -9.41 39.46 20.03
CA ASP A 677 -10.78 39.29 20.49
C ASP A 677 -10.78 38.51 21.79
N GLU A 678 -10.72 39.27 22.87
CA GLU A 678 -10.69 38.78 24.24
C GLU A 678 -11.62 37.59 24.50
N ASN A 679 -12.79 37.60 23.88
CA ASN A 679 -13.73 36.52 24.08
C ASN A 679 -13.17 35.16 23.72
N LEU A 680 -12.49 35.08 22.59
CA LEU A 680 -11.88 33.84 22.13
C LEU A 680 -10.83 33.38 23.18
N VAL A 681 -9.93 34.31 23.53
CA VAL A 681 -8.93 34.03 24.56
C VAL A 681 -9.55 33.32 25.81
N LYS A 682 -10.53 33.97 26.44
CA LYS A 682 -11.18 33.38 27.63
C LYS A 682 -11.62 31.96 27.38
N ALA A 683 -12.27 31.73 26.25
CA ALA A 683 -12.69 30.39 25.94
C ALA A 683 -11.41 29.58 25.74
N GLN A 684 -10.38 30.20 25.16
CA GLN A 684 -9.10 29.52 24.94
C GLN A 684 -8.54 29.08 26.30
N VAL A 685 -8.55 30.01 27.26
CA VAL A 685 -8.05 29.79 28.62
C VAL A 685 -8.80 28.68 29.34
N VAL A 686 -10.04 28.99 29.70
CA VAL A 686 -10.87 28.02 30.40
C VAL A 686 -10.63 26.61 29.90
N ARG A 687 -10.87 26.39 28.59
CA ARG A 687 -10.70 25.08 27.95
C ARG A 687 -9.40 24.46 28.40
N ARG A 688 -8.36 25.28 28.36
CA ARG A 688 -7.05 24.85 28.78
C ARG A 688 -7.14 24.39 30.22
N ILE A 689 -7.35 25.34 31.11
CA ILE A 689 -7.45 25.05 32.54
C ILE A 689 -8.19 23.73 32.82
N GLU A 690 -9.23 23.42 32.07
CA GLU A 690 -9.88 22.16 32.37
C GLU A 690 -8.93 21.02 32.09
N ASP A 691 -8.46 20.94 30.85
CA ASP A 691 -7.56 19.88 30.46
C ASP A 691 -6.46 19.72 31.48
N ARG A 692 -6.02 20.84 32.04
CA ARG A 692 -4.96 20.82 33.05
C ARG A 692 -5.50 20.15 34.29
N TRP A 693 -6.53 20.75 34.90
CA TRP A 693 -7.16 20.23 36.10
C TRP A 693 -7.81 18.83 36.00
N ILE A 694 -8.93 18.75 35.31
CA ILE A 694 -9.62 17.46 35.20
C ILE A 694 -8.75 16.39 34.60
N GLY A 695 -7.75 16.82 33.84
CA GLY A 695 -6.86 15.89 33.18
C GLY A 695 -5.77 15.35 34.08
N PHE A 696 -5.11 16.25 34.78
CA PHE A 696 -4.04 15.86 35.68
C PHE A 696 -4.54 14.96 36.78
N VAL A 697 -5.40 15.53 37.62
CA VAL A 697 -5.99 14.85 38.77
C VAL A 697 -6.53 13.47 38.46
N LEU A 698 -7.19 13.31 37.32
CA LEU A 698 -7.74 12.00 36.96
C LEU A 698 -6.64 11.07 36.56
N SER A 699 -5.79 11.55 35.67
CA SER A 699 -4.68 10.74 35.21
C SER A 699 -3.93 10.27 36.46
N GLN A 700 -3.72 11.18 37.41
CA GLN A 700 -3.03 10.83 38.63
C GLN A 700 -3.70 9.62 39.28
N LYS A 701 -5.00 9.72 39.57
CA LYS A 701 -5.73 8.63 40.20
C LYS A 701 -5.47 7.33 39.49
N LEU A 702 -5.05 7.42 38.24
CA LEU A 702 -4.77 6.22 37.47
C LEU A 702 -3.37 5.72 37.76
N TRP A 703 -2.53 6.57 38.34
CA TRP A 703 -1.18 6.15 38.67
C TRP A 703 -1.19 5.60 40.08
N GLU A 704 -2.01 6.18 40.94
CA GLU A 704 -2.10 5.70 42.31
C GLU A 704 -2.47 4.22 42.22
N ARG A 705 -3.60 3.90 41.59
CA ARG A 705 -3.98 2.49 41.45
C ARG A 705 -3.10 1.85 40.42
N PHE A 706 -2.81 0.57 40.64
CA PHE A 706 -1.89 -0.21 39.84
C PHE A 706 -0.80 0.64 39.16
N ASN A 707 0.07 1.11 40.05
CA ASN A 707 1.21 1.95 39.73
C ASN A 707 1.74 1.70 38.35
N ASN A 708 1.41 2.61 37.45
CA ASN A 708 1.87 2.53 36.09
C ASN A 708 1.63 3.89 35.51
N ARG A 709 2.60 4.77 35.71
CA ARG A 709 2.49 6.11 35.17
C ARG A 709 2.36 5.91 33.66
N ASN A 710 2.47 6.98 32.89
CA ASN A 710 2.32 6.84 31.45
C ASN A 710 0.86 6.55 31.12
N LEU A 711 -0.01 6.56 32.12
CA LEU A 711 -1.44 6.35 31.92
C LEU A 711 -2.08 7.72 31.73
N SER A 712 -3.29 7.77 31.19
CA SER A 712 -3.88 9.06 30.96
C SER A 712 -5.40 9.05 30.93
N ALA A 713 -6.00 10.04 31.58
CA ALA A 713 -7.44 10.17 31.60
C ALA A 713 -7.82 11.50 30.97
N GLY A 714 -8.97 11.54 30.31
CA GLY A 714 -9.34 12.80 29.70
C GLY A 714 -10.81 13.13 29.70
N ARG A 715 -11.62 12.39 30.45
CA ARG A 715 -13.04 12.70 30.46
C ARG A 715 -13.68 12.44 29.11
N ALA A 716 -13.45 13.37 28.17
CA ALA A 716 -13.98 13.24 26.83
C ALA A 716 -13.59 11.88 26.30
N GLN A 717 -12.34 11.49 26.53
CA GLN A 717 -11.83 10.22 26.04
C GLN A 717 -12.26 9.02 26.84
N THR A 718 -12.61 9.24 28.11
CA THR A 718 -13.09 8.15 28.95
C THR A 718 -14.45 7.80 28.38
N LEU A 719 -15.25 8.85 28.17
CA LEU A 719 -16.60 8.73 27.61
C LEU A 719 -16.53 7.91 26.34
N VAL A 720 -15.89 8.48 25.32
CA VAL A 720 -15.75 7.80 24.05
C VAL A 720 -15.31 6.38 24.35
N LEU A 721 -14.10 6.24 24.91
CA LEU A 721 -13.58 4.92 25.26
C LEU A 721 -14.71 4.03 25.80
N GLY A 722 -15.68 4.67 26.44
CA GLY A 722 -16.82 3.93 26.97
C GLY A 722 -17.63 3.39 25.82
N TRP A 723 -18.08 4.28 24.93
CA TRP A 723 -18.90 3.87 23.79
C TRP A 723 -18.19 2.80 23.00
N ILE A 724 -16.86 2.95 22.95
CA ILE A 724 -15.99 2.05 22.23
C ILE A 724 -16.12 0.62 22.73
N ILE A 725 -16.48 0.49 24.00
CA ILE A 725 -16.67 -0.81 24.65
C ILE A 725 -18.11 -1.25 24.41
N ASP A 726 -19.05 -0.36 24.73
CA ASP A 726 -20.47 -0.62 24.54
C ASP A 726 -20.80 -0.74 23.06
N ARG A 727 -19.99 -1.52 22.35
CA ARG A 727 -20.19 -1.76 20.94
C ARG A 727 -19.48 -3.07 20.72
N PHE A 728 -18.36 -3.24 21.41
CA PHE A 728 -17.60 -4.46 21.30
C PHE A 728 -18.36 -5.59 21.98
N GLN A 729 -18.92 -5.30 23.15
CA GLN A 729 -19.67 -6.30 23.90
C GLN A 729 -20.93 -6.73 23.17
N GLU A 730 -21.40 -5.90 22.26
CA GLU A 730 -22.60 -6.22 21.49
C GLU A 730 -22.29 -6.89 20.17
N SER A 731 -21.01 -6.90 19.78
CA SER A 731 -20.63 -7.50 18.51
C SER A 731 -20.50 -9.01 18.47
N ARG A 732 -20.40 -9.66 19.63
CA ARG A 732 -20.25 -11.10 19.66
C ARG A 732 -21.56 -11.89 19.66
N GLU A 733 -22.55 -11.47 18.88
CA GLU A 733 -23.82 -12.17 18.88
C GLU A 733 -24.50 -12.34 17.50
N ARG A 734 -25.77 -12.73 17.54
CA ARG A 734 -26.61 -12.95 16.36
C ARG A 734 -25.89 -13.37 15.09
N ARG A 735 -25.19 -14.49 15.17
CA ARG A 735 -24.44 -15.00 14.03
C ARG A 735 -25.35 -15.56 12.92
N LYS A 736 -26.53 -14.97 12.75
CA LYS A 736 -27.47 -15.44 11.74
C LYS A 736 -27.00 -15.08 10.34
N ILE A 737 -27.93 -14.64 9.49
CA ILE A 737 -27.61 -14.20 8.13
C ILE A 737 -27.27 -15.29 7.11
N ALA A 738 -27.72 -15.07 5.88
CA ALA A 738 -27.49 -15.99 4.75
C ALA A 738 -27.18 -15.15 3.51
N ILE A 739 -26.35 -15.67 2.61
CA ILE A 739 -25.95 -14.93 1.41
C ILE A 739 -26.36 -15.58 0.09
N VAL A 740 -27.19 -14.90 -0.70
CA VAL A 740 -27.60 -15.45 -2.00
C VAL A 740 -26.37 -15.43 -2.91
N ARG A 741 -26.46 -16.09 -4.06
CA ARG A 741 -25.31 -16.14 -4.94
C ARG A 741 -25.37 -15.15 -6.09
N ASP A 742 -26.57 -14.89 -6.62
CA ASP A 742 -26.72 -13.95 -7.73
C ASP A 742 -27.13 -12.56 -7.26
N PHE A 743 -28.15 -12.49 -6.41
CA PHE A 743 -28.65 -11.21 -5.91
C PHE A 743 -27.81 -10.67 -4.76
N ASP A 744 -27.66 -9.36 -4.71
CA ASP A 744 -26.90 -8.73 -3.64
C ASP A 744 -27.74 -8.80 -2.37
N LEU A 745 -28.39 -9.95 -2.17
CA LEU A 745 -29.25 -10.16 -1.01
C LEU A 745 -28.55 -10.64 0.25
N VAL A 746 -29.05 -10.16 1.38
CA VAL A 746 -28.54 -10.48 2.70
C VAL A 746 -29.75 -10.49 3.62
N LEU A 747 -30.20 -11.69 4.00
CA LEU A 747 -31.36 -11.80 4.86
C LEU A 747 -31.03 -12.54 6.16
N GLU A 748 -31.63 -12.08 7.27
CA GLU A 748 -31.39 -12.73 8.55
C GLU A 748 -32.20 -14.02 8.60
N HIS A 749 -31.58 -15.10 8.14
CA HIS A 749 -32.20 -16.43 8.12
C HIS A 749 -31.11 -17.45 8.45
N ASP A 750 -31.45 -18.73 8.39
CA ASP A 750 -30.49 -19.79 8.70
C ASP A 750 -30.69 -21.05 7.90
N GLU A 751 -31.09 -20.90 6.64
CA GLU A 751 -31.34 -22.02 5.73
C GLU A 751 -30.44 -21.94 4.49
N GLU A 752 -29.83 -23.05 4.10
CA GLU A 752 -28.97 -23.08 2.91
C GLU A 752 -29.76 -22.72 1.67
N GLU A 753 -30.45 -23.71 1.10
CA GLU A 753 -31.26 -23.49 -0.08
C GLU A 753 -32.68 -23.17 0.37
N PHE A 754 -33.44 -22.49 -0.47
CA PHE A 754 -34.82 -22.14 -0.12
C PHE A 754 -35.54 -21.54 -1.32
N ASP A 755 -36.72 -20.96 -1.07
CA ASP A 755 -37.52 -20.34 -2.12
C ASP A 755 -37.95 -18.95 -1.66
N LEU A 756 -37.40 -17.92 -2.29
CA LEU A 756 -37.71 -16.54 -1.93
C LEU A 756 -38.78 -15.92 -2.82
N THR A 757 -39.36 -14.80 -2.38
CA THR A 757 -40.39 -14.11 -3.14
C THR A 757 -40.12 -12.61 -3.25
N ILE A 758 -39.88 -12.13 -4.47
CA ILE A 758 -39.62 -10.72 -4.70
C ILE A 758 -40.91 -10.05 -5.18
N LYS A 759 -41.54 -9.29 -4.29
CA LYS A 759 -42.78 -8.62 -4.66
C LYS A 759 -42.55 -7.11 -4.80
N LEU A 760 -42.33 -6.68 -6.04
CA LEU A 760 -42.10 -5.27 -6.32
C LEU A 760 -43.26 -4.40 -5.85
N VAL A 761 -42.98 -3.48 -4.94
CA VAL A 761 -44.02 -2.62 -4.43
C VAL A 761 -43.84 -1.20 -4.99
N GLU A 762 -43.13 -0.36 -4.25
CA GLU A 762 -42.89 1.02 -4.65
C GLU A 762 -41.70 1.16 -5.60
N GLU A 763 -41.62 2.30 -6.28
CA GLU A 763 -40.54 2.58 -7.20
C GLU A 763 -40.64 4.04 -7.61
N ARG A 764 -40.27 4.95 -6.70
CA ARG A 764 -40.34 6.37 -7.03
C ARG A 764 -39.04 6.94 -7.55
N GLU A 765 -39.16 8.08 -8.22
CA GLU A 765 -38.02 8.77 -8.80
C GLU A 765 -37.87 10.05 -8.02
N GLU A 766 -36.90 10.09 -7.11
CA GLU A 766 -36.65 11.26 -6.29
C GLU A 766 -35.43 12.05 -6.72
N LEU A 767 -35.52 13.35 -6.57
CA LEU A 767 -34.43 14.23 -6.92
C LEU A 767 -34.25 15.23 -5.79
N ARG A 768 -33.04 15.30 -5.25
CA ARG A 768 -32.79 16.24 -4.17
C ARG A 768 -31.36 16.77 -4.00
N THR A 769 -31.25 17.67 -3.03
CA THR A 769 -30.02 18.36 -2.67
C THR A 769 -28.86 17.51 -2.22
N PRO A 770 -27.64 17.86 -2.68
CA PRO A 770 -26.47 17.08 -2.27
C PRO A 770 -26.17 17.37 -0.80
N LEU A 771 -25.01 16.91 -0.34
CA LEU A 771 -24.62 17.13 1.04
C LEU A 771 -23.92 18.47 1.17
N PRO A 772 -23.83 18.98 2.41
CA PRO A 772 -23.18 20.26 2.70
C PRO A 772 -21.68 20.18 2.49
N PRO A 773 -21.03 21.33 2.40
CA PRO A 773 -19.59 21.30 2.21
C PRO A 773 -18.99 20.72 3.48
N TYR A 774 -17.89 20.00 3.33
CA TYR A 774 -17.22 19.41 4.48
C TYR A 774 -17.01 20.35 5.65
N THR A 775 -16.90 19.75 6.84
CA THR A 775 -16.61 20.47 8.08
C THR A 775 -15.68 19.52 8.79
N THR A 776 -14.80 20.07 9.61
CA THR A 776 -13.85 19.22 10.29
C THR A 776 -14.42 17.83 10.63
N GLU A 777 -15.62 17.82 11.19
CA GLU A 777 -16.23 16.56 11.57
C GLU A 777 -16.39 15.58 10.42
N THR A 778 -17.25 15.93 9.45
CA THR A 778 -17.49 15.04 8.33
C THR A 778 -16.28 14.78 7.48
N MET A 779 -15.33 15.71 7.42
CA MET A 779 -14.11 15.47 6.64
C MET A 779 -13.34 14.28 7.22
N LEU A 780 -13.14 14.31 8.54
CA LEU A 780 -12.42 13.24 9.21
C LEU A 780 -13.12 11.93 8.94
N SER A 781 -14.44 11.99 8.79
CA SER A 781 -15.22 10.77 8.55
C SER A 781 -14.99 10.19 7.17
N ASP A 782 -15.25 10.99 6.14
CA ASP A 782 -15.05 10.51 4.79
C ASP A 782 -13.60 10.15 4.61
N ALA A 783 -12.72 10.86 5.29
CA ALA A 783 -11.30 10.57 5.19
C ALA A 783 -11.03 9.18 5.76
N ASN A 784 -11.93 8.68 6.58
CA ASN A 784 -11.73 7.38 7.18
C ASN A 784 -12.45 6.29 6.38
N ARG A 785 -13.66 6.60 5.93
CA ARG A 785 -14.46 5.65 5.18
C ARG A 785 -13.92 5.37 3.78
N ILE A 786 -13.69 6.43 3.00
CA ILE A 786 -13.16 6.32 1.64
C ILE A 786 -11.66 6.06 1.68
N LEU A 787 -10.86 7.11 1.79
CA LEU A 787 -9.43 6.88 1.91
C LEU A 787 -9.34 6.21 3.29
N LYS A 788 -8.30 5.45 3.56
CA LYS A 788 -8.21 4.78 4.86
C LYS A 788 -7.23 5.52 5.74
N PHE A 789 -7.48 6.81 5.97
CA PHE A 789 -6.60 7.60 6.79
C PHE A 789 -7.11 7.66 8.20
N SER A 790 -6.19 7.70 9.15
CA SER A 790 -6.51 7.81 10.56
C SER A 790 -6.82 9.29 10.76
N VAL A 791 -7.63 9.62 11.76
CA VAL A 791 -8.00 11.01 12.00
C VAL A 791 -6.79 11.90 12.34
N LYS A 792 -5.75 11.35 12.96
CA LYS A 792 -4.57 12.15 13.26
C LYS A 792 -3.87 12.54 11.96
N GLN A 793 -3.86 11.59 11.02
CA GLN A 793 -3.23 11.83 9.75
C GLN A 793 -3.98 12.93 9.02
N THR A 794 -5.27 12.69 8.80
CA THR A 794 -6.07 13.64 8.07
C THR A 794 -5.94 15.06 8.52
N MET A 795 -5.89 15.26 9.82
CA MET A 795 -5.74 16.60 10.37
C MET A 795 -4.41 17.17 9.89
N GLN A 796 -3.37 16.35 10.00
CA GLN A 796 -2.03 16.76 9.59
C GLN A 796 -2.06 17.17 8.13
N ILE A 797 -2.64 16.31 7.30
CA ILE A 797 -2.74 16.59 5.89
C ILE A 797 -3.46 17.93 5.75
N ALA A 798 -4.69 17.95 6.22
CA ALA A 798 -5.48 19.16 6.15
C ALA A 798 -4.65 20.39 6.48
N GLN A 799 -3.96 20.36 7.61
CA GLN A 799 -3.16 21.48 8.02
C GLN A 799 -2.25 21.93 6.88
N GLU A 800 -1.44 20.99 6.40
CA GLU A 800 -0.51 21.25 5.31
C GLU A 800 -1.26 21.71 4.05
N LEU A 801 -2.46 21.17 3.83
CA LEU A 801 -3.22 21.62 2.68
C LEU A 801 -3.60 23.07 2.90
N PHE A 802 -4.10 23.37 4.10
CA PHE A 802 -4.48 24.72 4.50
C PHE A 802 -3.28 25.65 4.36
N GLU A 803 -2.15 25.29 4.98
CA GLU A 803 -0.94 26.11 4.94
C GLU A 803 -0.41 26.38 3.55
N ASN A 804 -0.79 25.57 2.59
CA ASN A 804 -0.34 25.79 1.21
C ASN A 804 -1.44 26.43 0.36
N GLY A 805 -2.12 27.42 0.94
CA GLY A 805 -3.18 28.13 0.27
C GLY A 805 -4.09 27.39 -0.69
N LEU A 806 -4.36 26.10 -0.43
CA LEU A 806 -5.23 25.34 -1.33
C LEU A 806 -6.64 25.07 -0.83
N ILE A 807 -6.88 25.31 0.45
CA ILE A 807 -8.18 25.09 1.07
C ILE A 807 -8.39 26.04 2.23
N THR A 808 -9.64 26.30 2.57
CA THR A 808 -9.94 27.16 3.70
C THR A 808 -9.49 26.45 4.96
N TYR A 809 -9.54 27.14 6.09
CA TYR A 809 -9.09 26.56 7.35
C TYR A 809 -9.75 25.22 7.72
N HIS A 810 -8.95 24.26 8.17
CA HIS A 810 -9.44 22.92 8.49
C HIS A 810 -10.18 22.69 9.83
N ARG A 811 -9.95 23.55 10.82
CA ARG A 811 -10.68 23.43 12.09
C ARG A 811 -11.96 24.31 11.95
N THR A 812 -13.11 23.67 11.78
CA THR A 812 -14.36 24.42 11.63
C THR A 812 -15.56 23.53 11.79
N ASP A 813 -16.60 24.09 12.40
CA ASP A 813 -17.81 23.35 12.66
C ASP A 813 -18.99 23.96 11.90
N SER A 814 -18.66 24.93 11.05
CA SER A 814 -19.64 25.62 10.25
C SER A 814 -19.66 24.99 8.85
N THR A 815 -20.75 25.19 8.12
CA THR A 815 -20.87 24.68 6.76
C THR A 815 -21.06 25.89 5.87
N ARG A 816 -21.10 27.07 6.50
CA ARG A 816 -21.29 28.33 5.80
C ARG A 816 -20.38 28.43 4.60
N VAL A 817 -20.85 29.09 3.55
CA VAL A 817 -20.08 29.28 2.32
C VAL A 817 -20.03 30.75 1.94
N SER A 818 -18.84 31.34 2.08
CA SER A 818 -18.64 32.75 1.77
C SER A 818 -19.04 33.03 0.34
N ASP A 819 -19.49 34.26 0.08
CA ASP A 819 -19.88 34.65 -1.26
C ASP A 819 -18.81 34.16 -2.22
N VAL A 820 -17.58 34.58 -1.95
CA VAL A 820 -16.44 34.19 -2.73
C VAL A 820 -16.48 32.69 -3.05
N GLY A 821 -16.72 31.87 -2.02
CA GLY A 821 -16.78 30.45 -2.25
C GLY A 821 -17.80 30.00 -3.29
N GLN A 822 -18.91 30.73 -3.41
CA GLN A 822 -19.93 30.37 -4.38
C GLN A 822 -19.42 30.75 -5.73
N ARG A 823 -18.72 31.87 -5.77
CA ARG A 823 -18.19 32.36 -7.01
C ARG A 823 -17.10 31.42 -7.50
N ILE A 824 -16.59 30.58 -6.62
CA ILE A 824 -15.55 29.65 -7.04
C ILE A 824 -16.25 28.52 -7.77
N ALA A 825 -17.28 27.98 -7.13
CA ALA A 825 -18.05 26.87 -7.69
C ALA A 825 -18.68 27.27 -9.01
N LYS A 826 -19.31 28.44 -9.05
CA LYS A 826 -19.94 28.91 -10.25
C LYS A 826 -18.94 28.83 -11.39
N GLU A 827 -17.72 29.26 -11.14
CA GLU A 827 -16.69 29.23 -12.18
C GLU A 827 -16.28 27.83 -12.63
N TYR A 828 -16.66 26.81 -11.89
CA TYR A 828 -16.31 25.46 -12.27
C TYR A 828 -17.56 24.81 -12.82
N LEU A 829 -18.60 24.76 -11.99
CA LEU A 829 -19.85 24.15 -12.39
C LEU A 829 -20.43 24.74 -13.65
N GLY A 830 -20.96 25.97 -13.54
CA GLY A 830 -21.56 26.62 -14.69
C GLY A 830 -22.76 25.87 -15.22
N ASP A 831 -23.93 26.49 -15.10
CA ASP A 831 -25.19 25.88 -15.56
C ASP A 831 -25.64 24.87 -14.52
N ASP A 832 -24.66 24.15 -13.95
CA ASP A 832 -24.93 23.17 -12.93
C ASP A 832 -24.84 23.80 -11.55
N PHE A 833 -24.48 25.07 -11.51
CA PHE A 833 -24.33 25.79 -10.26
C PHE A 833 -25.59 26.39 -9.60
N VAL A 834 -25.90 25.90 -8.41
CA VAL A 834 -27.03 26.37 -7.63
C VAL A 834 -26.52 27.26 -6.51
N GLY A 835 -27.43 27.88 -5.76
CA GLY A 835 -27.06 28.75 -4.65
C GLY A 835 -26.55 28.01 -3.42
N ARG A 836 -27.38 27.89 -2.40
CA ARG A 836 -27.01 27.15 -1.18
C ARG A 836 -25.93 27.78 -0.29
N GLU A 837 -26.34 28.63 0.65
CA GLU A 837 -25.39 29.25 1.55
C GLU A 837 -24.95 28.25 2.62
N TRP A 838 -25.80 27.27 2.91
CA TRP A 838 -25.50 26.23 3.89
C TRP A 838 -25.13 26.77 5.28
N GLY A 839 -26.06 26.66 6.23
CA GLY A 839 -25.77 27.16 7.56
C GLY A 839 -25.62 28.66 7.43
N GLU A 840 -26.14 29.40 8.41
CA GLU A 840 -26.07 30.87 8.39
C GLU A 840 -25.89 31.36 9.82
N SER A 841 -25.07 30.62 10.57
CA SER A 841 -24.78 30.92 11.96
C SER A 841 -23.28 31.19 12.13
N GLY A 842 -22.88 31.54 13.35
CA GLY A 842 -21.48 31.81 13.62
C GLY A 842 -20.80 32.70 12.60
N ALA A 843 -19.48 32.77 12.67
CA ALA A 843 -18.68 33.58 11.74
C ALA A 843 -17.69 32.67 11.04
N HIS A 844 -17.80 31.38 11.32
CA HIS A 844 -16.93 30.36 10.74
C HIS A 844 -17.52 29.81 9.45
N GLU A 845 -16.62 29.38 8.57
CA GLU A 845 -16.94 28.82 7.26
C GLU A 845 -16.42 27.40 7.10
N CYS A 846 -17.02 26.69 6.15
CA CYS A 846 -16.67 25.30 5.86
C CYS A 846 -15.29 25.17 5.24
N ILE A 847 -14.84 23.92 5.16
CA ILE A 847 -13.55 23.56 4.58
C ILE A 847 -13.81 23.33 3.08
N ARG A 848 -13.10 24.04 2.20
CA ARG A 848 -13.32 23.87 0.77
C ARG A 848 -12.19 24.49 -0.04
N PRO A 849 -12.04 24.08 -1.33
CA PRO A 849 -11.01 24.59 -2.24
C PRO A 849 -10.92 26.10 -2.26
N THR A 850 -9.71 26.61 -2.43
CA THR A 850 -9.44 28.04 -2.47
C THR A 850 -9.63 28.56 -3.87
N ARG A 851 -9.49 27.68 -4.85
CA ARG A 851 -9.66 28.06 -6.26
C ARG A 851 -10.38 26.93 -7.01
N PRO A 852 -11.06 27.25 -8.13
CA PRO A 852 -11.74 26.23 -8.90
C PRO A 852 -10.67 25.38 -9.60
N LEU A 853 -10.14 24.33 -8.96
CA LEU A 853 -9.08 23.54 -9.59
C LEU A 853 -9.07 22.10 -9.16
N THR A 854 -9.53 21.20 -10.01
CA THR A 854 -9.56 19.81 -9.66
C THR A 854 -8.22 19.34 -9.12
N ARG A 855 -8.16 18.09 -8.70
CA ARG A 855 -6.91 17.53 -8.19
C ARG A 855 -5.82 17.58 -9.26
N ASP A 856 -6.19 17.17 -10.47
CA ASP A 856 -5.25 17.19 -11.58
C ASP A 856 -4.74 18.59 -11.76
N ASP A 857 -5.63 19.50 -12.15
CA ASP A 857 -5.25 20.89 -12.37
C ASP A 857 -4.21 21.35 -11.36
N VAL A 858 -4.43 21.01 -10.11
CA VAL A 858 -3.47 21.41 -9.09
C VAL A 858 -2.15 20.75 -9.38
N GLN A 859 -2.16 19.42 -9.35
CA GLN A 859 -0.96 18.65 -9.62
C GLN A 859 -0.25 19.22 -10.83
N ARG A 860 -1.01 19.44 -11.90
CA ARG A 860 -0.44 20.02 -13.11
C ARG A 860 0.27 21.31 -12.76
N LEU A 861 -0.51 22.34 -12.49
CA LEU A 861 0.04 23.63 -12.14
C LEU A 861 1.27 23.51 -11.27
N ILE A 862 1.27 22.55 -10.36
CA ILE A 862 2.42 22.42 -9.49
C ILE A 862 3.63 22.05 -10.32
N GLN A 863 3.45 21.09 -11.23
CA GLN A 863 4.54 20.67 -12.10
C GLN A 863 4.88 21.84 -12.98
N GLU A 864 3.85 22.49 -13.52
CA GLU A 864 4.04 23.64 -14.37
C GLU A 864 4.76 24.77 -13.64
N GLY A 865 4.70 24.76 -12.32
CA GLY A 865 5.37 25.80 -11.55
C GLY A 865 4.51 27.02 -11.26
N VAL A 866 3.22 26.95 -11.59
CA VAL A 866 2.31 28.05 -11.33
C VAL A 866 1.93 28.15 -9.86
N LEU A 867 1.61 27.01 -9.24
CA LEU A 867 1.27 26.99 -7.82
C LEU A 867 2.45 26.38 -7.10
N VAL A 868 3.21 27.19 -6.38
CA VAL A 868 4.35 26.66 -5.65
C VAL A 868 3.90 26.17 -4.26
N VAL A 869 4.43 25.05 -3.76
CA VAL A 869 4.04 24.57 -2.43
C VAL A 869 5.11 23.77 -1.69
N GLU A 870 4.83 23.37 -0.46
CA GLU A 870 5.82 22.60 0.29
C GLU A 870 5.35 21.18 0.61
N GLY A 871 6.33 20.29 0.68
CA GLY A 871 6.10 18.87 0.97
C GLY A 871 4.75 18.21 0.79
N LEU A 872 4.26 18.12 -0.44
CA LEU A 872 2.98 17.47 -0.68
C LEU A 872 3.16 16.16 -1.45
N ARG A 873 2.57 15.09 -0.95
CA ARG A 873 2.65 13.77 -1.57
C ARG A 873 1.26 13.38 -2.08
N TRP A 874 1.11 12.20 -2.65
CA TRP A 874 -0.19 11.81 -3.17
C TRP A 874 -1.28 12.12 -2.17
N GLU A 875 -1.18 11.50 -0.99
CA GLU A 875 -2.13 11.64 0.13
C GLU A 875 -2.81 13.01 0.19
N HIS A 876 -2.01 14.06 0.09
CA HIS A 876 -2.58 15.38 0.09
C HIS A 876 -3.65 15.49 -1.00
N PHE A 877 -3.25 15.30 -2.26
CA PHE A 877 -4.22 15.40 -3.36
C PHE A 877 -5.30 14.34 -3.24
N ALA A 878 -4.95 13.21 -2.65
CA ALA A 878 -5.92 12.16 -2.47
C ALA A 878 -7.01 12.86 -1.69
N LEU A 879 -6.58 13.63 -0.70
CA LEU A 879 -7.50 14.37 0.15
C LEU A 879 -8.06 15.56 -0.56
N TYR A 880 -7.17 16.44 -1.02
CA TYR A 880 -7.64 17.64 -1.69
C TYR A 880 -8.78 17.32 -2.61
N ASP A 881 -8.70 16.13 -3.19
CA ASP A 881 -9.70 15.62 -4.10
C ASP A 881 -11.08 15.59 -3.46
N LEU A 882 -11.25 14.84 -2.38
CA LEU A 882 -12.55 14.75 -1.76
C LEU A 882 -13.11 16.11 -1.37
N ILE A 883 -12.27 16.97 -0.82
CA ILE A 883 -12.74 18.29 -0.41
C ILE A 883 -13.37 18.97 -1.62
N PHE A 884 -12.60 19.08 -2.70
CA PHE A 884 -13.09 19.69 -3.93
C PHE A 884 -14.44 19.09 -4.35
N ARG A 885 -14.50 17.77 -4.41
CA ARG A 885 -15.74 17.12 -4.82
C ARG A 885 -16.87 17.53 -3.91
N ARG A 886 -16.79 17.12 -2.65
CA ARG A 886 -17.79 17.44 -1.64
C ARG A 886 -18.36 18.83 -1.80
N PHE A 887 -17.44 19.79 -1.93
CA PHE A 887 -17.80 21.18 -2.08
C PHE A 887 -18.53 21.46 -3.35
N MET A 888 -17.85 21.29 -4.48
CA MET A 888 -18.46 21.54 -5.77
C MET A 888 -19.77 20.80 -5.88
N ALA A 889 -19.89 19.72 -5.13
CA ALA A 889 -21.12 18.96 -5.13
C ALA A 889 -22.15 19.82 -4.40
N SER A 890 -21.78 20.29 -3.21
CA SER A 890 -22.68 21.12 -2.41
C SER A 890 -23.34 22.25 -3.19
N GLN A 891 -22.64 22.80 -4.15
CA GLN A 891 -23.22 23.90 -4.91
C GLN A 891 -23.90 23.46 -6.21
N CYS A 892 -23.58 22.25 -6.64
CA CYS A 892 -24.10 21.65 -7.86
C CYS A 892 -25.62 21.40 -7.80
N ARG A 893 -26.20 21.20 -8.98
CA ARG A 893 -27.63 20.96 -9.17
C ARG A 893 -28.15 19.71 -8.49
N PRO A 894 -29.43 19.71 -8.12
CA PRO A 894 -30.03 18.55 -7.47
C PRO A 894 -29.83 17.39 -8.42
N PHE A 895 -29.80 16.17 -7.90
CA PHE A 895 -29.60 15.00 -8.76
C PHE A 895 -30.78 14.02 -8.70
N LYS A 896 -30.86 13.15 -9.71
CA LYS A 896 -31.92 12.17 -9.79
C LYS A 896 -31.47 10.85 -9.24
N VAL A 897 -32.26 10.25 -8.36
CA VAL A 897 -31.92 8.95 -7.76
C VAL A 897 -33.11 8.02 -7.79
N VAL A 898 -32.91 6.81 -8.29
CA VAL A 898 -34.01 5.86 -8.38
C VAL A 898 -34.02 4.84 -7.26
N VAL A 899 -35.07 4.88 -6.44
CA VAL A 899 -35.19 3.97 -5.31
C VAL A 899 -36.27 2.93 -5.54
N LYS A 900 -35.85 1.68 -5.69
CA LYS A 900 -36.80 0.59 -5.88
C LYS A 900 -36.96 -0.23 -4.61
N LYS A 901 -38.16 -0.21 -4.03
CA LYS A 901 -38.41 -0.98 -2.81
C LYS A 901 -38.67 -2.43 -3.19
N TYR A 902 -38.61 -3.31 -2.20
CA TYR A 902 -38.84 -4.72 -2.43
C TYR A 902 -39.41 -5.36 -1.16
N SER A 903 -40.29 -6.32 -1.33
CA SER A 903 -40.91 -7.02 -0.21
C SER A 903 -40.67 -8.50 -0.44
N ILE A 904 -39.93 -9.10 0.49
CA ILE A 904 -39.62 -10.51 0.39
C ILE A 904 -40.23 -11.34 1.53
N GLU A 905 -40.78 -12.50 1.17
CA GLU A 905 -41.39 -13.40 2.14
C GLU A 905 -40.76 -14.77 1.96
N PHE A 906 -40.35 -15.37 3.08
CA PHE A 906 -39.71 -16.68 3.06
C PHE A 906 -39.89 -17.34 4.41
N ASP A 907 -40.01 -18.67 4.40
CA ASP A 907 -40.18 -19.43 5.63
C ASP A 907 -41.03 -18.63 6.62
N GLY A 908 -42.30 -18.48 6.28
CA GLY A 908 -43.24 -17.75 7.13
C GLY A 908 -42.87 -16.33 7.46
N LYS A 909 -41.64 -15.94 7.17
CA LYS A 909 -41.18 -14.59 7.46
C LYS A 909 -41.15 -13.74 6.19
N THR A 910 -41.48 -12.45 6.33
CA THR A 910 -41.47 -11.56 5.19
C THR A 910 -40.89 -10.20 5.55
N ALA A 911 -39.74 -9.87 4.94
CA ALA A 911 -39.08 -8.59 5.18
C ALA A 911 -39.21 -7.71 3.94
N GLU A 912 -39.33 -6.41 4.18
CA GLU A 912 -39.47 -5.44 3.09
C GLU A 912 -38.35 -4.41 3.18
N GLU A 913 -37.49 -4.40 2.15
CA GLU A 913 -36.38 -3.46 2.12
C GLU A 913 -36.37 -2.67 0.82
N GLU A 914 -35.85 -1.45 0.89
CA GLU A 914 -35.77 -0.58 -0.28
C GLU A 914 -34.31 -0.38 -0.66
N ARG A 915 -34.03 -0.28 -1.96
CA ARG A 915 -32.66 -0.09 -2.43
C ARG A 915 -32.55 0.94 -3.54
N ILE A 916 -31.33 1.44 -3.75
CA ILE A 916 -31.09 2.39 -4.80
C ILE A 916 -30.54 1.60 -5.97
N VAL A 917 -31.26 1.63 -7.08
CA VAL A 917 -30.86 0.89 -8.27
C VAL A 917 -30.09 1.73 -9.28
N ARG A 918 -30.21 3.05 -9.16
CA ARG A 918 -29.51 3.94 -10.07
C ARG A 918 -29.67 5.39 -9.67
N ALA A 919 -28.62 6.18 -9.88
CA ALA A 919 -28.62 7.59 -9.56
C ALA A 919 -27.79 8.28 -10.64
N GLU A 920 -28.25 9.43 -11.13
CA GLU A 920 -27.52 10.14 -12.18
C GLU A 920 -27.50 11.65 -11.96
N GLY A 921 -26.54 12.32 -12.58
CA GLY A 921 -26.44 13.76 -12.44
C GLY A 921 -25.01 14.21 -12.17
N ARG A 922 -24.77 15.52 -12.16
CA ARG A 922 -23.42 16.02 -11.90
C ARG A 922 -22.97 15.73 -10.47
N ALA A 923 -23.80 16.16 -9.53
CA ALA A 923 -23.53 15.98 -8.12
C ALA A 923 -23.02 14.58 -7.80
N TYR A 924 -23.60 13.56 -8.43
CA TYR A 924 -23.16 12.19 -8.18
C TYR A 924 -21.84 11.84 -8.87
N GLU A 925 -21.61 12.41 -10.05
CA GLU A 925 -20.38 12.15 -10.78
C GLU A 925 -19.21 12.65 -9.93
N LEU A 926 -19.49 13.68 -9.13
CA LEU A 926 -18.52 14.31 -8.25
C LEU A 926 -18.45 13.68 -6.87
N TYR A 927 -19.63 13.53 -6.24
CA TYR A 927 -19.72 12.95 -4.91
C TYR A 927 -20.74 11.83 -4.85
N ARG A 928 -20.25 10.60 -4.83
CA ARG A 928 -21.09 9.42 -4.80
C ARG A 928 -21.59 9.22 -3.38
N ALA A 929 -22.51 10.09 -2.95
CA ALA A 929 -23.08 10.04 -1.61
C ALA A 929 -23.91 8.78 -1.33
N VAL A 930 -24.80 8.42 -2.26
CA VAL A 930 -25.68 7.26 -2.09
C VAL A 930 -25.13 5.93 -2.60
N TRP A 931 -25.60 4.86 -1.98
CA TRP A 931 -25.17 3.52 -2.34
C TRP A 931 -26.01 2.94 -3.47
N VAL A 932 -25.41 2.73 -4.63
CA VAL A 932 -26.17 2.17 -5.72
C VAL A 932 -26.03 0.66 -5.66
N LYS A 933 -26.83 0.02 -4.82
CA LYS A 933 -26.76 -1.43 -4.72
C LYS A 933 -27.24 -2.01 -6.04
N ASN A 934 -27.11 -3.33 -6.17
CA ASN A 934 -27.51 -4.01 -7.39
C ASN A 934 -29.03 -4.18 -7.41
N GLU A 935 -29.60 -4.17 -8.63
CA GLU A 935 -31.04 -4.35 -8.80
C GLU A 935 -31.35 -5.85 -8.82
N LEU A 936 -32.63 -6.20 -8.83
CA LEU A 936 -33.00 -7.62 -8.84
C LEU A 936 -34.41 -7.92 -9.35
N PRO A 937 -34.53 -8.38 -10.61
CA PRO A 937 -35.87 -8.69 -11.15
C PRO A 937 -36.65 -9.63 -10.23
N THR A 938 -37.96 -9.43 -10.17
CA THR A 938 -38.83 -10.25 -9.32
C THR A 938 -38.87 -11.68 -9.80
N GLY A 939 -39.02 -12.60 -8.85
CA GLY A 939 -39.09 -14.00 -9.20
C GLY A 939 -38.90 -14.93 -8.01
N THR A 940 -39.81 -15.88 -7.87
CA THR A 940 -39.73 -16.85 -6.78
C THR A 940 -39.07 -18.13 -7.28
N PHE A 941 -37.76 -18.06 -7.50
CA PHE A 941 -37.02 -19.22 -7.98
C PHE A 941 -36.13 -19.84 -6.91
N ARG A 942 -35.40 -20.89 -7.29
CA ARG A 942 -34.51 -21.63 -6.40
C ARG A 942 -33.24 -20.85 -6.04
N VAL A 943 -33.07 -20.59 -4.75
CA VAL A 943 -31.92 -19.85 -4.24
C VAL A 943 -30.80 -20.74 -3.72
N LYS A 944 -29.59 -20.18 -3.67
CA LYS A 944 -28.42 -20.87 -3.18
C LYS A 944 -27.62 -19.92 -2.31
N ALA A 945 -27.79 -20.03 -0.99
CA ALA A 945 -27.09 -19.16 -0.05
C ALA A 945 -25.88 -19.82 0.60
N GLU A 946 -24.92 -19.00 1.02
CA GLU A 946 -23.71 -19.52 1.66
C GLU A 946 -23.88 -19.55 3.18
N VAL A 947 -24.68 -18.64 3.71
CA VAL A 947 -24.91 -18.57 5.15
C VAL A 947 -23.62 -18.38 5.94
N LYS A 948 -23.71 -17.68 7.07
CA LYS A 948 -22.53 -17.43 7.91
C LYS A 948 -22.92 -17.03 9.32
N SER A 949 -21.92 -17.04 10.21
CA SER A 949 -22.07 -16.67 11.61
C SER A 949 -21.50 -15.26 11.83
N VAL A 950 -22.32 -14.25 11.54
CA VAL A 950 -21.90 -12.87 11.65
C VAL A 950 -22.28 -12.20 12.97
N PRO A 951 -21.44 -11.27 13.44
CA PRO A 951 -21.64 -10.52 14.69
C PRO A 951 -22.99 -9.84 14.69
N LYS A 952 -23.53 -9.59 15.87
CA LYS A 952 -24.81 -8.92 15.94
C LYS A 952 -24.63 -7.60 15.20
N VAL A 953 -23.59 -6.88 15.61
CA VAL A 953 -23.23 -5.59 15.03
C VAL A 953 -21.71 -5.61 14.93
N LEU A 954 -21.14 -4.69 14.17
CA LEU A 954 -19.69 -4.68 14.07
C LEU A 954 -19.13 -3.48 14.80
N PRO A 955 -17.93 -3.63 15.38
CA PRO A 955 -17.24 -2.57 16.13
C PRO A 955 -17.04 -1.28 15.34
N PHE A 956 -17.18 -0.15 16.03
CA PHE A 956 -17.04 1.17 15.42
C PHE A 956 -15.76 1.33 14.63
N THR A 957 -15.78 2.28 13.71
CA THR A 957 -14.64 2.62 12.89
C THR A 957 -14.43 4.11 13.13
N GLN A 958 -13.18 4.53 13.19
CA GLN A 958 -12.89 5.93 13.44
C GLN A 958 -13.98 6.79 12.84
N SER A 959 -14.41 6.46 11.64
CA SER A 959 -15.44 7.25 10.99
C SER A 959 -16.76 7.31 11.74
N GLU A 960 -17.28 6.17 12.15
CA GLU A 960 -18.54 6.16 12.86
C GLU A 960 -18.37 6.84 14.22
N ILE A 961 -17.31 6.46 14.93
CA ILE A 961 -17.10 7.02 16.25
C ILE A 961 -16.97 8.54 16.18
N ILE A 962 -16.45 9.06 15.09
CA ILE A 962 -16.33 10.50 15.02
C ILE A 962 -17.69 11.17 14.91
N GLN A 963 -18.60 10.51 14.18
CA GLN A 963 -19.95 11.01 14.02
C GLN A 963 -20.70 11.01 15.37
N MET A 964 -20.55 9.94 16.14
CA MET A 964 -21.22 9.88 17.44
C MET A 964 -20.76 11.06 18.25
N MET A 965 -19.46 11.28 18.26
CA MET A 965 -18.91 12.40 18.99
C MET A 965 -19.72 13.65 18.70
N LYS A 966 -20.16 13.80 17.45
CA LYS A 966 -20.93 14.97 17.07
C LYS A 966 -22.37 14.83 17.49
N GLU A 967 -23.02 13.79 16.99
CA GLU A 967 -24.41 13.60 17.33
C GLU A 967 -24.57 13.81 18.82
N ARG A 968 -23.87 12.98 19.59
CA ARG A 968 -23.95 12.99 21.04
C ARG A 968 -23.51 14.23 21.76
N GLY A 969 -22.74 15.09 21.11
CA GLY A 969 -22.36 16.33 21.75
C GLY A 969 -21.01 16.45 22.40
N ILE A 970 -20.15 15.45 22.22
CA ILE A 970 -18.84 15.46 22.82
C ILE A 970 -17.67 15.76 21.86
N GLY A 971 -16.75 16.60 22.31
CA GLY A 971 -15.60 16.94 21.50
C GLY A 971 -15.88 18.06 20.50
N ARG A 972 -14.82 18.68 20.00
CA ARG A 972 -14.95 19.77 19.03
C ARG A 972 -13.90 19.67 17.92
N PRO A 973 -14.08 20.43 16.84
CA PRO A 973 -13.15 20.42 15.72
C PRO A 973 -11.70 20.38 16.11
N SER A 974 -11.33 21.15 17.12
CA SER A 974 -9.94 21.20 17.56
C SER A 974 -9.61 19.98 18.40
N THR A 975 -10.60 19.14 18.63
CA THR A 975 -10.37 18.02 19.51
C THR A 975 -10.82 16.63 19.07
N TYR A 976 -11.75 16.58 18.13
CA TYR A 976 -12.21 15.28 17.70
C TYR A 976 -11.10 14.29 17.48
N ALA A 977 -10.14 14.67 16.64
CA ALA A 977 -9.01 13.81 16.28
C ALA A 977 -8.09 13.47 17.44
N THR A 978 -7.71 14.48 18.19
CA THR A 978 -6.82 14.25 19.32
C THR A 978 -7.39 13.23 20.31
N ILE A 979 -8.68 13.38 20.67
CA ILE A 979 -9.35 12.47 21.61
C ILE A 979 -9.20 11.06 21.13
N VAL A 980 -9.57 10.82 19.88
CA VAL A 980 -9.49 9.50 19.31
C VAL A 980 -8.06 8.98 19.25
N ASP A 981 -7.11 9.86 18.96
CA ASP A 981 -5.75 9.38 18.90
C ASP A 981 -5.35 8.88 20.27
N ARG A 982 -5.18 9.79 21.22
CA ARG A 982 -4.80 9.42 22.58
C ARG A 982 -5.07 7.95 22.90
N LEU A 983 -6.35 7.58 22.78
CA LEU A 983 -6.78 6.22 23.07
C LEU A 983 -5.89 5.17 22.44
N PHE A 984 -5.40 5.46 21.25
CA PHE A 984 -4.52 4.53 20.56
C PHE A 984 -3.15 4.59 21.15
N MET A 985 -2.68 5.77 21.51
CA MET A 985 -1.33 5.85 22.04
C MET A 985 -1.17 5.55 23.51
N ARG A 986 -2.26 5.46 24.24
CA ARG A 986 -2.12 5.12 25.64
C ARG A 986 -2.47 3.67 25.74
N ASN A 987 -2.41 3.03 24.58
CA ASN A 987 -2.70 1.60 24.43
C ASN A 987 -4.07 1.22 24.93
N TYR A 988 -5.01 2.14 24.87
CA TYR A 988 -6.37 1.85 25.33
C TYR A 988 -7.09 1.15 24.20
N VAL A 989 -6.69 1.44 22.99
CA VAL A 989 -7.35 0.85 21.83
C VAL A 989 -6.39 0.41 20.73
N VAL A 990 -6.86 -0.53 19.92
CA VAL A 990 -6.10 -1.03 18.79
C VAL A 990 -7.14 -1.21 17.71
N GLU A 991 -6.72 -1.55 16.51
CA GLU A 991 -7.66 -1.69 15.42
C GLU A 991 -7.44 -3.03 14.76
N LYS A 992 -8.54 -3.65 14.33
CA LYS A 992 -8.50 -4.95 13.68
C LYS A 992 -9.52 -4.91 12.55
N TYR A 993 -9.09 -5.30 11.36
CA TYR A 993 -9.96 -5.30 10.19
C TYR A 993 -10.41 -3.87 9.94
N GLY A 994 -9.68 -2.92 10.50
CA GLY A 994 -10.02 -1.51 10.32
C GLY A 994 -11.05 -0.95 11.29
N ARG A 995 -11.44 -1.76 12.27
CA ARG A 995 -12.42 -1.34 13.26
C ARG A 995 -11.76 -1.19 14.63
N MET A 996 -12.32 -0.31 15.47
CA MET A 996 -11.77 -0.06 16.79
C MET A 996 -12.14 -1.14 17.80
N ILE A 997 -11.15 -1.53 18.60
CA ILE A 997 -11.32 -2.56 19.61
C ILE A 997 -10.56 -2.24 20.88
N PRO A 998 -11.21 -2.38 22.04
CA PRO A 998 -10.57 -2.08 23.32
C PRO A 998 -9.56 -3.15 23.72
N THR A 999 -8.84 -2.89 24.80
CA THR A 999 -7.83 -3.78 25.34
C THR A 999 -8.09 -3.87 26.83
N LYS A 1000 -7.66 -4.94 27.47
CA LYS A 1000 -7.89 -5.06 28.92
C LYS A 1000 -7.41 -3.74 29.51
N LEU A 1001 -6.13 -3.47 29.34
CA LEU A 1001 -5.52 -2.27 29.86
C LEU A 1001 -6.51 -1.13 29.83
N GLY A 1002 -7.07 -0.88 28.67
CA GLY A 1002 -8.05 0.18 28.55
C GLY A 1002 -9.27 -0.10 29.42
N ILE A 1003 -9.92 -1.23 29.16
CA ILE A 1003 -11.10 -1.61 29.90
C ILE A 1003 -10.97 -1.39 31.40
N ASP A 1004 -10.01 -2.07 32.00
CA ASP A 1004 -9.80 -1.93 33.43
C ASP A 1004 -9.64 -0.45 33.72
N VAL A 1005 -9.13 0.30 32.76
CA VAL A 1005 -8.95 1.72 32.97
C VAL A 1005 -10.32 2.38 33.00
N PHE A 1006 -11.09 2.15 31.94
CA PHE A 1006 -12.42 2.72 31.86
C PHE A 1006 -13.21 2.39 33.09
N ARG A 1007 -13.34 1.10 33.34
CA ARG A 1007 -14.10 0.65 34.48
C ARG A 1007 -13.65 1.26 35.78
N PHE A 1008 -12.39 1.68 35.85
CA PHE A 1008 -11.93 2.30 37.08
C PHE A 1008 -12.62 3.65 37.26
N LEU A 1009 -12.30 4.59 36.39
CA LEU A 1009 -12.88 5.93 36.46
C LEU A 1009 -14.40 5.90 36.54
N VAL A 1010 -15.01 4.99 35.78
CA VAL A 1010 -16.47 4.91 35.77
C VAL A 1010 -17.02 4.49 37.12
N ARG A 1011 -16.57 3.36 37.64
CA ARG A 1011 -17.05 2.87 38.93
C ARG A 1011 -16.89 3.85 40.08
N ARG A 1012 -15.83 4.64 40.08
CA ARG A 1012 -15.67 5.55 41.20
C ARG A 1012 -15.76 7.05 41.01
N TYR A 1013 -15.75 7.52 39.78
CA TYR A 1013 -15.85 8.96 39.58
C TYR A 1013 -16.78 9.26 38.42
N ALA A 1014 -17.69 8.32 38.20
CA ALA A 1014 -18.67 8.39 37.12
C ALA A 1014 -19.34 9.73 36.97
N LYS A 1015 -19.41 10.50 38.03
CA LYS A 1015 -20.07 11.79 37.93
C LYS A 1015 -19.23 12.90 37.32
N PHE A 1016 -17.94 12.65 37.12
CA PHE A 1016 -17.07 13.67 36.51
C PHE A 1016 -16.88 13.34 35.04
N VAL A 1017 -17.23 12.11 34.71
CA VAL A 1017 -17.10 11.57 33.38
C VAL A 1017 -18.48 11.39 32.69
N SER A 1018 -19.53 11.73 33.42
CA SER A 1018 -20.89 11.64 32.89
C SER A 1018 -21.00 12.29 31.53
N GLU A 1019 -21.57 11.56 30.57
CA GLU A 1019 -21.73 12.11 29.24
C GLU A 1019 -22.38 13.48 29.34
N ASP A 1020 -23.40 13.59 30.17
CA ASP A 1020 -24.10 14.84 30.33
C ASP A 1020 -23.18 15.95 30.83
N ARG A 1021 -22.34 15.64 31.82
CA ARG A 1021 -21.46 16.65 32.35
C ARG A 1021 -20.52 17.13 31.25
N THR A 1022 -19.96 16.19 30.51
CA THR A 1022 -19.05 16.53 29.43
C THR A 1022 -19.78 17.29 28.30
N ARG A 1023 -20.99 16.84 27.94
CA ARG A 1023 -21.76 17.53 26.90
C ARG A 1023 -22.18 18.94 27.32
N ASP A 1024 -22.60 19.11 28.58
CA ASP A 1024 -23.00 20.45 29.04
C ASP A 1024 -21.77 21.33 29.11
N LEU A 1025 -20.73 20.81 29.76
CA LEU A 1025 -19.49 21.56 29.91
C LEU A 1025 -18.90 21.98 28.57
N GLU A 1026 -18.96 21.04 27.63
CA GLU A 1026 -18.47 21.23 26.29
C GLU A 1026 -19.18 22.47 25.68
N SER A 1027 -20.39 22.75 26.15
CA SER A 1027 -21.11 23.91 25.63
C SER A 1027 -20.79 25.20 26.38
N ARG A 1028 -20.60 25.10 27.70
CA ARG A 1028 -20.30 26.29 28.48
C ARG A 1028 -19.14 27.01 27.83
N MET A 1029 -18.23 26.25 27.21
CA MET A 1029 -17.05 26.77 26.52
C MET A 1029 -17.47 27.55 25.28
N ASP A 1030 -18.19 26.89 24.38
CA ASP A 1030 -18.63 27.57 23.19
C ASP A 1030 -19.32 28.81 23.68
N ALA A 1031 -20.14 28.63 24.71
CA ALA A 1031 -20.86 29.73 25.31
C ALA A 1031 -19.91 30.87 25.69
N ILE A 1032 -18.93 30.56 26.52
CA ILE A 1032 -18.00 31.59 26.92
C ILE A 1032 -17.35 32.17 25.70
N GLU A 1033 -17.08 31.31 24.72
CA GLU A 1033 -16.44 31.81 23.51
C GLU A 1033 -17.28 32.86 22.77
N ARG A 1034 -18.59 32.64 22.70
CA ARG A 1034 -19.46 33.58 22.02
C ARG A 1034 -19.77 34.78 22.90
N GLY A 1035 -19.18 34.82 24.08
CA GLY A 1035 -19.40 35.96 24.95
C GLY A 1035 -20.71 35.93 25.72
N GLU A 1036 -21.25 34.74 25.95
CA GLU A 1036 -22.51 34.59 26.68
C GLU A 1036 -22.36 34.13 28.13
N LEU A 1037 -21.53 33.12 28.38
CA LEU A 1037 -21.32 32.65 29.75
C LEU A 1037 -20.06 33.32 30.27
N ASP A 1038 -20.06 33.64 31.57
CA ASP A 1038 -18.91 34.28 32.22
C ASP A 1038 -17.81 33.29 32.67
N TYR A 1039 -16.60 33.50 32.17
CA TYR A 1039 -15.49 32.62 32.47
C TYR A 1039 -15.20 32.54 33.94
N LEU A 1040 -15.27 33.66 34.62
CA LEU A 1040 -15.03 33.62 36.05
C LEU A 1040 -16.06 32.65 36.63
N LYS A 1041 -17.33 32.98 36.48
CA LYS A 1041 -18.40 32.15 36.99
C LYS A 1041 -18.37 30.78 36.36
N ALA A 1042 -17.51 30.63 35.38
CA ALA A 1042 -17.37 29.36 34.66
C ALA A 1042 -16.29 28.54 35.35
N LEU A 1043 -15.28 29.23 35.88
CA LEU A 1043 -14.18 28.59 36.58
C LEU A 1043 -14.52 28.13 37.98
N GLU A 1044 -15.42 28.85 38.66
CA GLU A 1044 -15.84 28.45 40.02
C GLU A 1044 -16.38 27.03 40.00
N ASP A 1045 -17.38 26.80 39.15
CA ASP A 1045 -17.99 25.49 39.00
C ASP A 1045 -16.94 24.45 38.69
N MET A 1046 -15.86 24.88 38.04
CA MET A 1046 -14.81 23.97 37.67
C MET A 1046 -13.88 23.72 38.83
N TYR A 1047 -13.46 24.80 39.48
CA TYR A 1047 -12.56 24.70 40.62
C TYR A 1047 -13.30 23.88 41.67
N ALA A 1048 -14.50 24.32 42.03
CA ALA A 1048 -15.28 23.56 43.01
C ALA A 1048 -15.33 22.09 42.65
N GLU A 1049 -15.96 21.80 41.52
CA GLU A 1049 -16.09 20.42 41.04
C GLU A 1049 -14.81 19.64 41.25
N ILE A 1050 -13.66 20.23 40.92
CA ILE A 1050 -12.39 19.50 41.05
C ILE A 1050 -11.86 19.30 42.47
N LYS A 1051 -11.85 20.34 43.29
CA LYS A 1051 -11.36 20.16 44.63
C LYS A 1051 -12.28 19.19 45.33
N SER A 1052 -13.43 18.93 44.70
CA SER A 1052 -14.42 18.01 45.25
C SER A 1052 -13.91 16.59 45.27
N ILE A 1053 -12.60 16.44 45.18
CA ILE A 1053 -11.92 15.15 45.22
C ILE A 1053 -10.48 15.46 45.59
N ASP A 1054 -9.97 16.55 44.99
CA ASP A 1054 -8.62 17.03 45.23
C ASP A 1054 -7.55 15.98 44.94
N PRO B 3 10.67 -15.15 26.48
CA PRO B 3 10.62 -15.83 27.81
C PRO B 3 9.19 -16.24 28.21
N VAL B 4 8.24 -15.32 28.08
CA VAL B 4 6.83 -15.56 28.40
C VAL B 4 6.19 -14.27 28.91
N VAL B 5 5.04 -14.42 29.56
CA VAL B 5 4.27 -13.30 30.12
C VAL B 5 3.49 -12.49 29.09
N TYR B 6 2.36 -13.02 28.63
CA TYR B 6 1.53 -12.36 27.63
C TYR B 6 0.11 -12.94 27.60
N SER B 7 -0.69 -12.49 26.64
CA SER B 7 -2.06 -12.96 26.50
C SER B 7 -2.51 -12.99 25.04
N PRO B 11 9.78 -19.01 30.00
CA PRO B 11 9.49 -20.27 29.31
C PRO B 11 8.13 -20.88 29.72
N VAL B 12 7.12 -20.03 29.87
CA VAL B 12 5.80 -20.50 30.26
C VAL B 12 4.73 -19.56 29.70
N CYS B 13 4.56 -19.58 28.39
CA CYS B 13 3.58 -18.73 27.72
C CYS B 13 2.17 -19.14 28.11
N GLY B 14 1.31 -18.15 28.32
CA GLY B 14 -0.09 -18.39 28.72
C GLY B 14 -1.00 -17.22 28.33
N GLY B 15 -2.29 -17.36 28.64
CA GLY B 15 -3.29 -16.35 28.34
C GLY B 15 -3.54 -16.20 26.85
N ASP B 16 9.72 -17.30 25.06
CA ASP B 16 9.83 -18.68 25.52
C ASP B 16 8.47 -19.30 25.84
N LEU B 17 8.43 -20.64 25.84
CA LEU B 17 7.22 -21.39 26.11
C LEU B 17 7.50 -22.88 26.39
N GLU B 18 7.97 -23.18 27.60
CA GLU B 18 8.26 -24.56 27.98
C GLU B 18 6.95 -25.35 28.08
N SER B 19 5.85 -24.62 28.26
CA SER B 19 4.53 -25.23 28.37
C SER B 19 3.46 -24.14 28.30
N LYS B 20 2.66 -24.17 27.24
CA LYS B 20 1.62 -23.18 27.03
C LYS B 20 0.29 -23.53 27.69
N GLU B 21 -0.28 -22.55 28.39
CA GLU B 21 -1.56 -22.71 29.06
C GLU B 21 -2.56 -21.76 28.40
N ILE B 22 -3.31 -22.27 27.44
CA ILE B 22 -4.29 -21.46 26.72
C ILE B 22 -5.53 -21.20 27.58
N GLU B 23 -6.23 -20.11 27.28
CA GLU B 23 -7.45 -19.74 28.00
C GLU B 23 -8.68 -20.00 27.13
N LYS B 24 -8.55 -19.77 25.82
CA LYS B 24 -9.64 -19.99 24.87
C LYS B 24 -10.70 -18.89 24.92
N HIS B 25 -10.34 -17.69 24.47
CA HIS B 25 -11.25 -16.55 24.45
C HIS B 25 -10.80 -15.51 23.44
N ARG B 32 8.10 -5.48 26.40
CA ARG B 32 8.67 -6.01 25.16
C ARG B 32 7.56 -6.37 24.18
N SER B 33 7.90 -7.24 23.23
CA SER B 33 6.95 -7.74 22.23
C SER B 33 7.14 -9.25 22.22
N LEU B 34 6.20 -9.98 21.63
CA LEU B 34 6.30 -11.43 21.59
C LEU B 34 7.06 -11.95 20.37
N CYS B 35 6.80 -11.37 19.20
CA CYS B 35 7.53 -11.81 18.02
C CYS B 35 8.54 -10.77 17.61
N LEU B 36 9.71 -10.86 18.23
CA LEU B 36 10.80 -9.93 17.98
C LEU B 36 12.06 -10.76 17.92
N PHE B 37 12.85 -10.57 16.86
CA PHE B 37 14.12 -11.27 16.72
C PHE B 37 15.23 -10.25 16.81
N PRO B 38 16.39 -10.66 17.32
CA PRO B 38 17.55 -9.79 17.47
C PRO B 38 17.83 -8.81 16.32
N GLU B 39 18.06 -9.34 15.12
CA GLU B 39 18.35 -8.53 13.94
C GLU B 39 17.28 -7.50 13.59
N ASP B 40 16.10 -7.61 14.19
CA ASP B 40 15.02 -6.68 13.87
C ASP B 40 15.44 -5.20 13.89
N PHE B 41 16.38 -4.85 14.78
CA PHE B 41 16.85 -3.48 14.86
C PHE B 41 17.90 -3.23 13.80
N LEU B 42 18.64 -4.28 13.47
CA LEU B 42 19.66 -4.19 12.44
C LEU B 42 18.93 -4.05 11.10
N LEU B 43 17.71 -4.55 11.08
CA LEU B 43 16.90 -4.52 9.88
C LEU B 43 16.27 -3.18 9.61
N LYS B 44 15.38 -2.77 10.51
CA LYS B 44 14.71 -1.48 10.35
C LYS B 44 15.72 -0.44 9.86
N GLU B 45 16.91 -0.43 10.44
CA GLU B 45 17.94 0.51 10.04
C GLU B 45 18.15 0.33 8.54
N PHE B 46 18.39 -0.91 8.14
CA PHE B 46 18.61 -1.28 6.73
C PHE B 46 17.49 -0.76 5.83
N VAL B 47 16.25 -0.91 6.30
CA VAL B 47 15.08 -0.45 5.57
C VAL B 47 15.21 1.04 5.30
N GLU B 48 15.44 1.80 6.36
CA GLU B 48 15.58 3.24 6.24
C GLU B 48 16.72 3.52 5.27
N PHE B 49 17.80 2.76 5.41
CA PHE B 49 18.92 2.92 4.53
C PHE B 49 18.44 2.72 3.11
N PHE B 50 17.98 1.51 2.83
CA PHE B 50 17.47 1.20 1.50
C PHE B 50 16.63 2.34 0.98
N ARG B 51 15.66 2.78 1.78
CA ARG B 51 14.78 3.87 1.39
C ARG B 51 15.55 5.10 0.87
N LYS B 52 16.77 5.28 1.33
CA LYS B 52 17.55 6.44 0.91
C LYS B 52 18.43 6.22 -0.32
N CYS B 53 18.57 4.97 -0.75
CA CYS B 53 19.40 4.68 -1.91
C CYS B 53 18.67 3.96 -3.03
N VAL B 54 17.44 3.54 -2.78
CA VAL B 54 16.66 2.83 -3.80
C VAL B 54 15.16 3.13 -3.74
N GLY B 55 14.51 2.62 -2.71
CA GLY B 55 13.10 2.85 -2.58
C GLY B 55 12.59 2.15 -1.34
N GLU B 56 11.28 1.94 -1.27
CA GLU B 56 10.69 1.28 -0.12
C GLU B 56 10.79 -0.22 -0.32
N PRO B 57 11.71 -0.87 0.39
CA PRO B 57 11.95 -2.32 0.33
C PRO B 57 10.69 -3.15 0.11
N ARG B 58 10.79 -4.12 -0.80
CA ARG B 58 9.67 -5.00 -1.10
C ARG B 58 9.57 -6.10 -0.07
N ALA B 59 8.35 -6.53 0.19
CA ALA B 59 8.07 -7.57 1.17
C ALA B 59 9.13 -8.66 1.12
N ILE B 60 9.32 -9.19 -0.07
CA ILE B 60 10.27 -10.27 -0.26
C ILE B 60 11.70 -9.76 -0.06
N GLN B 61 11.91 -8.49 -0.40
CA GLN B 61 13.23 -7.90 -0.23
C GLN B 61 13.56 -7.82 1.25
N LYS B 62 12.55 -7.49 2.06
CA LYS B 62 12.79 -7.43 3.50
C LYS B 62 13.10 -8.86 3.99
N MET B 63 12.32 -9.84 3.53
CA MET B 63 12.57 -11.20 3.97
C MET B 63 13.93 -11.76 3.58
N TRP B 64 14.65 -11.09 2.70
CA TRP B 64 15.96 -11.63 2.38
C TRP B 64 16.93 -11.01 3.37
N ALA B 65 16.76 -9.73 3.63
CA ALA B 65 17.65 -9.07 4.57
C ALA B 65 17.75 -9.99 5.78
N LYS B 66 16.60 -10.31 6.37
CA LYS B 66 16.56 -11.17 7.54
C LYS B 66 17.54 -12.31 7.37
N ARG B 67 17.29 -13.14 6.37
CA ARG B 67 18.14 -14.28 6.09
C ARG B 67 19.60 -13.89 6.18
N ILE B 68 19.95 -12.74 5.62
CA ILE B 68 21.35 -12.30 5.65
C ILE B 68 21.78 -11.74 7.01
N LEU B 69 20.91 -10.96 7.63
CA LEU B 69 21.21 -10.38 8.92
C LEU B 69 21.28 -11.45 10.00
N ARG B 70 21.17 -12.71 9.59
CA ARG B 70 21.24 -13.85 10.50
C ARG B 70 22.27 -14.84 9.93
N LYS B 71 22.91 -14.45 8.83
CA LYS B 71 23.93 -15.26 8.16
C LYS B 71 23.39 -16.57 7.57
N GLU B 72 22.16 -16.54 7.04
CA GLU B 72 21.54 -17.73 6.46
C GLU B 72 21.64 -17.78 4.94
N SER B 73 22.41 -18.74 4.42
CA SER B 73 22.57 -18.88 2.96
C SER B 73 21.33 -19.51 2.39
N PHE B 74 21.04 -19.22 1.12
CA PHE B 74 19.85 -19.78 0.50
C PHE B 74 19.81 -19.52 -1.00
N ALA B 75 18.83 -20.11 -1.67
CA ALA B 75 18.66 -19.92 -3.10
C ALA B 75 17.59 -18.88 -3.35
N ALA B 76 18.02 -17.68 -3.77
CA ALA B 76 17.13 -16.56 -4.04
C ALA B 76 16.09 -16.82 -5.13
N THR B 77 14.92 -17.28 -4.72
CA THR B 77 13.85 -17.58 -5.66
C THR B 77 12.66 -16.64 -5.54
N ALA B 78 12.38 -15.91 -6.63
CA ALA B 78 11.27 -14.96 -6.69
C ALA B 78 10.99 -14.45 -8.12
N PRO B 79 9.79 -13.88 -8.34
CA PRO B 79 9.39 -13.33 -9.65
C PRO B 79 10.41 -12.36 -10.20
N THR B 80 10.21 -11.93 -11.43
CA THR B 80 11.12 -10.97 -12.01
C THR B 80 10.49 -9.63 -11.68
N GLY B 81 11.28 -8.56 -11.74
CA GLY B 81 10.75 -7.26 -11.43
C GLY B 81 10.90 -6.91 -9.96
N VAL B 82 11.41 -7.86 -9.18
CA VAL B 82 11.61 -7.65 -7.76
C VAL B 82 13.08 -7.26 -7.60
N GLY B 83 13.36 -6.30 -6.74
CA GLY B 83 14.72 -5.86 -6.60
C GLY B 83 15.70 -6.86 -6.03
N LYS B 84 16.25 -7.72 -6.89
CA LYS B 84 17.20 -8.72 -6.40
C LYS B 84 18.65 -8.26 -6.56
N THR B 85 19.03 -7.94 -7.79
CA THR B 85 20.37 -7.47 -8.03
C THR B 85 20.56 -6.30 -7.08
N SER B 86 19.63 -5.35 -7.15
CA SER B 86 19.68 -4.17 -6.30
C SER B 86 19.97 -4.61 -4.87
N PHE B 87 19.01 -5.29 -4.26
CA PHE B 87 19.17 -5.79 -2.90
C PHE B 87 20.60 -6.24 -2.71
N GLY B 88 21.00 -7.27 -3.44
CA GLY B 88 22.36 -7.76 -3.34
C GLY B 88 23.31 -6.61 -3.20
N LEU B 89 23.30 -5.72 -4.18
CA LEU B 89 24.17 -4.56 -4.14
C LEU B 89 24.02 -3.75 -2.86
N ALA B 90 22.87 -3.13 -2.70
CA ALA B 90 22.57 -2.30 -1.53
C ALA B 90 22.91 -3.00 -0.21
N MET B 91 22.34 -4.17 0.03
CA MET B 91 22.61 -4.91 1.26
C MET B 91 24.09 -5.26 1.35
N SER B 92 24.77 -5.27 0.22
CA SER B 92 26.18 -5.56 0.23
C SER B 92 26.83 -4.37 0.91
N LEU B 93 26.51 -3.19 0.38
CA LEU B 93 27.00 -1.90 0.86
C LEU B 93 26.73 -1.74 2.36
N PHE B 94 25.52 -2.10 2.78
CA PHE B 94 25.12 -2.01 4.17
C PHE B 94 26.12 -2.71 5.08
N LEU B 95 26.55 -3.91 4.67
CA LEU B 95 27.50 -4.66 5.48
C LEU B 95 28.91 -4.09 5.43
N ALA B 96 29.22 -3.35 4.36
CA ALA B 96 30.53 -2.74 4.25
C ALA B 96 30.61 -1.55 5.20
N LEU B 97 29.50 -0.84 5.36
CA LEU B 97 29.44 0.30 6.27
C LEU B 97 29.54 -0.24 7.68
N LYS B 98 29.45 -1.57 7.79
CA LYS B 98 29.55 -2.31 9.04
C LYS B 98 30.87 -3.07 8.97
N GLY B 99 31.77 -2.61 8.12
CA GLY B 99 33.04 -3.26 7.95
C GLY B 99 32.88 -4.75 8.06
N LYS B 100 32.00 -5.32 7.24
CA LYS B 100 31.76 -6.75 7.29
C LYS B 100 32.35 -7.42 6.05
N ARG B 101 32.58 -6.62 5.02
CA ARG B 101 33.13 -7.11 3.75
C ARG B 101 32.17 -8.04 3.01
N CYS B 102 32.11 -7.89 1.69
CA CYS B 102 31.20 -8.70 0.90
C CYS B 102 31.81 -8.98 -0.47
N TYR B 103 31.16 -9.86 -1.22
CA TYR B 103 31.61 -10.24 -2.56
C TYR B 103 30.43 -10.37 -3.51
N VAL B 104 30.54 -9.74 -4.67
CA VAL B 104 29.49 -9.78 -5.69
C VAL B 104 30.10 -10.37 -6.95
N ILE B 105 29.56 -11.52 -7.38
CA ILE B 105 30.03 -12.24 -8.58
C ILE B 105 29.03 -12.16 -9.75
N PHE B 106 29.43 -11.50 -10.83
CA PHE B 106 28.56 -11.38 -12.00
C PHE B 106 29.01 -12.24 -13.17
N PRO B 107 28.09 -12.51 -14.12
CA PRO B 107 28.41 -13.32 -15.30
C PRO B 107 29.23 -12.60 -16.38
N THR B 108 28.79 -11.40 -16.73
CA THR B 108 29.45 -10.61 -17.78
C THR B 108 30.35 -9.49 -17.26
N SER B 109 31.06 -8.84 -18.18
CA SER B 109 31.96 -7.75 -17.81
C SER B 109 31.18 -6.47 -17.48
N LEU B 110 30.35 -6.02 -18.43
CA LEU B 110 29.55 -4.82 -18.25
C LEU B 110 28.71 -4.91 -16.98
N LEU B 111 28.17 -6.09 -16.70
CA LEU B 111 27.36 -6.27 -15.50
C LEU B 111 28.19 -5.95 -14.26
N VAL B 112 29.49 -6.10 -14.37
CA VAL B 112 30.38 -5.79 -13.26
C VAL B 112 30.49 -4.29 -13.16
N ILE B 113 30.55 -3.65 -14.32
CA ILE B 113 30.64 -2.20 -14.43
C ILE B 113 29.36 -1.56 -13.89
N GLN B 114 28.24 -1.91 -14.52
CA GLN B 114 26.93 -1.39 -14.13
C GLN B 114 26.70 -1.49 -12.63
N ALA B 115 27.33 -2.48 -12.00
CA ALA B 115 27.22 -2.68 -10.55
C ALA B 115 28.04 -1.66 -9.79
N ALA B 116 29.29 -1.48 -10.20
CA ALA B 116 30.17 -0.52 -9.54
C ALA B 116 29.49 0.86 -9.44
N GLU B 117 28.94 1.33 -10.56
CA GLU B 117 28.23 2.61 -10.60
C GLU B 117 27.09 2.58 -9.58
N THR B 118 26.25 1.57 -9.69
CA THR B 118 25.10 1.40 -8.81
C THR B 118 25.43 1.53 -7.32
N ILE B 119 26.66 1.26 -6.94
CA ILE B 119 27.02 1.40 -5.53
C ILE B 119 27.41 2.84 -5.28
N ARG B 120 28.33 3.35 -6.09
CA ARG B 120 28.75 4.73 -5.92
C ARG B 120 27.51 5.60 -5.83
N LYS B 121 26.59 5.44 -6.78
CA LYS B 121 25.37 6.24 -6.79
C LYS B 121 24.65 6.21 -5.45
N TYR B 122 24.50 5.03 -4.86
CA TYR B 122 23.84 4.92 -3.56
C TYR B 122 24.67 5.72 -2.56
N ALA B 123 25.94 5.32 -2.40
CA ALA B 123 26.85 6.00 -1.50
C ALA B 123 26.65 7.51 -1.56
N GLU B 124 26.27 7.99 -2.74
CA GLU B 124 26.02 9.41 -2.95
C GLU B 124 24.70 9.78 -2.28
N LYS B 125 24.49 9.25 -1.09
CA LYS B 125 23.30 9.53 -0.30
C LYS B 125 23.61 9.32 1.17
N ALA B 126 24.39 10.25 1.74
CA ALA B 126 24.80 10.18 3.14
C ALA B 126 25.77 9.00 3.28
N GLY B 127 26.34 8.60 2.15
CA GLY B 127 27.28 7.50 2.17
C GLY B 127 28.67 8.07 1.96
N VAL B 128 29.67 7.41 2.51
CA VAL B 128 31.06 7.84 2.36
C VAL B 128 31.44 7.63 0.89
N GLY B 129 32.03 6.47 0.54
CA GLY B 129 32.42 6.19 -0.82
C GLY B 129 33.94 6.16 -1.01
N THR B 130 34.66 6.49 0.06
CA THR B 130 36.12 6.48 0.03
C THR B 130 36.69 5.26 -0.72
N GLU B 131 37.92 5.38 -1.20
CA GLU B 131 38.57 4.31 -1.93
C GLU B 131 38.60 3.04 -1.06
N ASN B 132 39.00 3.19 0.20
CA ASN B 132 39.04 2.07 1.13
C ASN B 132 37.58 1.68 1.33
N LEU B 133 37.04 0.94 0.36
CA LEU B 133 35.64 0.53 0.44
C LEU B 133 35.22 -0.38 -0.72
N ILE B 134 35.30 0.14 -1.95
CA ILE B 134 34.86 -0.61 -3.13
C ILE B 134 35.99 -0.81 -4.16
N GLY B 135 36.14 -2.04 -4.66
CA GLY B 135 37.15 -2.33 -5.66
C GLY B 135 36.63 -3.40 -6.59
N TYR B 136 36.62 -3.13 -7.90
CA TYR B 136 36.10 -4.09 -8.87
C TYR B 136 37.15 -4.52 -9.90
N TYR B 137 36.81 -5.47 -10.76
CA TYR B 137 37.73 -5.94 -11.79
C TYR B 137 37.11 -6.84 -12.87
N HIS B 138 37.52 -6.61 -14.11
CA HIS B 138 37.05 -7.40 -15.25
C HIS B 138 38.00 -7.36 -16.44
N GLY B 139 37.74 -8.23 -17.41
CA GLY B 139 38.56 -8.36 -18.60
C GLY B 139 39.13 -7.10 -19.25
N ARG B 140 38.61 -5.93 -18.88
CA ARG B 140 39.10 -4.68 -19.46
C ARG B 140 40.21 -4.16 -18.55
N ILE B 141 40.09 -2.91 -18.12
CA ILE B 141 41.08 -2.29 -17.23
C ILE B 141 42.52 -2.38 -17.75
N PRO B 142 43.32 -1.34 -17.51
CA PRO B 142 44.70 -1.37 -17.99
C PRO B 142 45.78 -1.73 -16.97
N LYS B 143 47.02 -1.56 -17.41
CA LYS B 143 48.22 -1.82 -16.64
C LYS B 143 48.17 -1.26 -15.22
N ARG B 144 47.81 0.01 -15.10
CA ARG B 144 47.79 0.66 -13.80
C ARG B 144 46.68 0.25 -12.84
N GLU B 145 45.41 0.31 -13.26
CA GLU B 145 44.34 -0.06 -12.35
C GLU B 145 44.25 -1.56 -12.06
N LYS B 146 44.93 -2.36 -12.87
CA LYS B 146 44.92 -3.81 -12.64
C LYS B 146 45.77 -4.14 -11.44
N GLU B 147 46.82 -3.33 -11.23
CA GLU B 147 47.73 -3.51 -10.11
C GLU B 147 47.11 -2.96 -8.84
N ASN B 148 46.54 -1.76 -8.97
CA ASN B 148 45.90 -1.07 -7.84
C ASN B 148 44.88 -1.96 -7.15
N PHE B 149 44.32 -2.90 -7.90
CA PHE B 149 43.31 -3.82 -7.38
C PHE B 149 43.90 -4.89 -6.48
N MET B 150 44.58 -5.86 -7.08
CA MET B 150 45.19 -6.97 -6.35
C MET B 150 46.09 -6.54 -5.19
N GLN B 151 46.95 -5.57 -5.40
CA GLN B 151 47.85 -5.13 -4.34
C GLN B 151 47.08 -4.62 -3.13
N ASN B 152 45.80 -4.31 -3.33
CA ASN B 152 45.00 -3.81 -2.22
C ASN B 152 43.88 -4.77 -1.86
N LEU B 153 43.37 -5.47 -2.86
CA LEU B 153 42.29 -6.45 -2.66
C LEU B 153 42.52 -7.22 -1.36
N ARG B 154 41.72 -6.89 -0.35
CA ARG B 154 41.82 -7.53 0.95
C ARG B 154 41.41 -6.48 1.99
N ASN B 155 41.48 -5.22 1.58
CA ASN B 155 41.12 -4.07 2.40
C ASN B 155 39.78 -3.57 1.89
N PHE B 156 39.34 -4.15 0.78
CA PHE B 156 38.08 -3.80 0.16
C PHE B 156 36.91 -4.40 0.89
N LYS B 157 36.02 -3.53 1.36
CA LYS B 157 34.84 -3.96 2.09
C LYS B 157 33.80 -4.36 1.05
N ILE B 158 34.04 -4.01 -0.21
CA ILE B 158 33.15 -4.33 -1.31
C ILE B 158 33.98 -4.82 -2.50
N VAL B 159 33.74 -6.05 -2.93
CA VAL B 159 34.49 -6.61 -4.05
C VAL B 159 33.60 -7.28 -5.09
N ILE B 160 33.58 -6.70 -6.29
CA ILE B 160 32.78 -7.23 -7.39
C ILE B 160 33.72 -7.71 -8.48
N THR B 161 33.32 -8.77 -9.17
CA THR B 161 34.11 -9.34 -10.26
C THR B 161 33.22 -10.28 -11.07
N THR B 162 33.79 -10.85 -12.14
CA THR B 162 33.03 -11.76 -12.97
C THR B 162 33.14 -13.18 -12.42
N THR B 163 32.15 -14.00 -12.75
CA THR B 163 32.10 -15.40 -12.31
C THR B 163 33.30 -16.15 -12.85
N GLN B 164 34.07 -15.48 -13.70
CA GLN B 164 35.25 -16.11 -14.27
C GLN B 164 36.42 -15.97 -13.30
N PHE B 165 36.73 -14.73 -12.93
CA PHE B 165 37.83 -14.43 -12.03
C PHE B 165 37.90 -15.40 -10.86
N LEU B 166 36.74 -15.87 -10.41
CA LEU B 166 36.69 -16.79 -9.30
C LEU B 166 37.57 -18.01 -9.55
N SER B 167 37.16 -18.84 -10.50
CA SER B 167 37.90 -20.05 -10.85
C SER B 167 39.39 -19.74 -10.93
N LYS B 168 39.73 -18.67 -11.63
CA LYS B 168 41.10 -18.26 -11.80
C LYS B 168 41.83 -17.96 -10.50
N HIS B 169 41.20 -17.19 -9.62
CA HIS B 169 41.83 -16.82 -8.36
C HIS B 169 40.98 -16.98 -7.10
N TYR B 170 40.58 -18.20 -6.77
CA TYR B 170 39.79 -18.40 -5.55
C TYR B 170 40.71 -18.12 -4.37
N ARG B 171 41.90 -18.72 -4.39
CA ARG B 171 42.89 -18.51 -3.34
C ARG B 171 43.24 -17.04 -3.41
N GLU B 172 43.76 -16.49 -2.32
CA GLU B 172 44.14 -15.08 -2.32
C GLU B 172 42.96 -14.21 -2.75
N LEU B 173 41.98 -14.06 -1.87
CA LEU B 173 40.81 -13.25 -2.15
C LEU B 173 40.16 -12.96 -0.82
N GLY B 174 40.82 -13.43 0.23
CA GLY B 174 40.34 -13.23 1.57
C GLY B 174 39.07 -14.01 1.76
N HIS B 175 38.32 -13.63 2.79
CA HIS B 175 37.05 -14.27 3.09
C HIS B 175 36.03 -13.14 3.19
N PHE B 176 34.76 -13.47 2.95
CA PHE B 176 33.69 -12.49 3.01
C PHE B 176 32.57 -12.99 3.88
N ASP B 177 31.90 -12.08 4.57
CA ASP B 177 30.79 -12.48 5.41
C ASP B 177 29.56 -12.71 4.54
N PHE B 178 29.47 -11.99 3.43
CA PHE B 178 28.33 -12.11 2.52
C PHE B 178 28.72 -12.09 1.06
N ILE B 179 28.47 -13.19 0.38
CA ILE B 179 28.78 -13.30 -1.05
C ILE B 179 27.48 -13.41 -1.84
N PHE B 180 27.38 -12.59 -2.88
CA PHE B 180 26.19 -12.60 -3.70
C PHE B 180 26.51 -12.99 -5.15
N VAL B 181 25.82 -14.01 -5.63
CA VAL B 181 26.00 -14.51 -6.99
C VAL B 181 24.76 -14.16 -7.82
N ASP B 182 24.95 -13.41 -8.89
CA ASP B 182 23.81 -13.02 -9.72
C ASP B 182 23.22 -14.18 -10.48
N ASP B 183 24.03 -14.82 -11.32
CA ASP B 183 23.60 -15.96 -12.12
C ASP B 183 24.26 -17.23 -11.62
N VAL B 184 23.42 -18.18 -11.22
CA VAL B 184 23.90 -19.43 -10.67
C VAL B 184 24.43 -20.40 -11.70
N ASP B 185 23.94 -20.32 -12.93
CA ASP B 185 24.42 -21.23 -13.94
C ASP B 185 25.83 -20.86 -14.40
N ALA B 186 26.23 -19.63 -14.13
CA ALA B 186 27.56 -19.15 -14.51
C ALA B 186 28.59 -19.72 -13.56
N ILE B 187 28.09 -20.46 -12.56
CA ILE B 187 28.95 -21.06 -11.55
C ILE B 187 28.92 -22.59 -11.64
N LEU B 188 27.73 -23.16 -11.50
CA LEU B 188 27.59 -24.60 -11.55
C LEU B 188 28.21 -25.17 -12.82
N LYS B 189 28.52 -24.31 -13.78
CA LYS B 189 29.12 -24.73 -15.05
C LYS B 189 30.39 -25.56 -14.87
N ALA B 190 31.18 -25.21 -13.87
CA ALA B 190 32.41 -25.94 -13.57
C ALA B 190 32.38 -26.35 -12.11
N SER B 191 32.41 -27.65 -11.87
CA SER B 191 32.38 -28.19 -10.51
C SER B 191 33.23 -27.41 -9.50
N LYS B 192 34.49 -27.20 -9.84
CA LYS B 192 35.40 -26.49 -8.95
C LYS B 192 34.86 -25.16 -8.42
N ASN B 193 34.25 -24.37 -9.29
CA ASN B 193 33.68 -23.09 -8.89
C ASN B 193 33.10 -23.25 -7.49
N VAL B 194 32.24 -24.25 -7.36
CA VAL B 194 31.60 -24.54 -6.09
C VAL B 194 32.66 -24.57 -5.01
N ASP B 195 33.46 -25.62 -5.00
CA ASP B 195 34.52 -25.76 -4.01
C ASP B 195 35.08 -24.37 -3.71
N LYS B 196 35.71 -23.80 -4.73
CA LYS B 196 36.31 -22.48 -4.66
C LYS B 196 35.44 -21.48 -3.90
N LEU B 197 34.13 -21.68 -3.91
CA LEU B 197 33.25 -20.78 -3.19
C LEU B 197 33.32 -21.05 -1.69
N LEU B 198 32.87 -22.24 -1.29
CA LEU B 198 32.89 -22.60 0.12
C LEU B 198 34.22 -22.17 0.72
N HIS B 199 35.30 -22.50 0.04
CA HIS B 199 36.61 -22.13 0.52
C HIS B 199 36.61 -20.68 0.96
N LEU B 200 35.90 -19.86 0.20
CA LEU B 200 35.84 -18.44 0.52
C LEU B 200 34.98 -18.21 1.77
N LEU B 201 34.17 -19.20 2.10
CA LEU B 201 33.29 -19.12 3.27
C LEU B 201 33.82 -19.93 4.45
N GLY B 202 35.03 -20.45 4.31
CA GLY B 202 35.61 -21.23 5.39
C GLY B 202 35.18 -22.67 5.46
N PHE B 203 35.33 -23.39 4.34
CA PHE B 203 34.98 -24.82 4.27
C PHE B 203 36.09 -25.56 3.53
N HIS B 204 37.24 -25.67 4.20
CA HIS B 204 38.42 -26.32 3.65
C HIS B 204 38.30 -27.84 3.59
N TYR B 205 38.53 -28.36 2.39
CA TYR B 205 38.45 -29.80 2.16
C TYR B 205 39.61 -30.51 2.85
N ASP B 206 39.33 -31.70 3.37
CA ASP B 206 40.35 -32.48 4.05
C ASP B 206 40.63 -33.77 3.28
N LEU B 207 41.66 -33.72 2.43
CA LEU B 207 42.06 -34.86 1.63
C LEU B 207 42.04 -36.14 2.46
N LYS B 208 42.63 -36.06 3.65
CA LYS B 208 42.70 -37.19 4.55
C LYS B 208 41.34 -37.87 4.65
N THR B 209 40.45 -37.32 5.48
CA THR B 209 39.13 -37.89 5.68
C THR B 209 38.33 -37.82 4.37
N LYS B 210 38.96 -37.28 3.33
CA LYS B 210 38.34 -37.14 2.02
C LYS B 210 37.01 -36.43 2.04
N SER B 211 36.69 -35.85 3.20
CA SER B 211 35.47 -35.09 3.38
C SER B 211 35.97 -33.78 3.95
N TRP B 212 35.07 -32.86 4.28
CA TRP B 212 35.52 -31.58 4.81
C TRP B 212 35.27 -31.54 6.30
N VAL B 213 35.07 -30.32 6.76
CA VAL B 213 34.79 -29.95 8.14
C VAL B 213 35.10 -28.47 8.09
N GLY B 214 34.27 -27.68 8.77
CA GLY B 214 34.50 -26.26 8.78
C GLY B 214 33.35 -25.53 9.44
N GLU B 215 33.55 -24.24 9.70
CA GLU B 215 32.52 -23.40 10.33
C GLU B 215 32.20 -22.21 9.43
N ALA B 216 30.97 -22.19 8.92
CA ALA B 216 30.49 -21.13 8.05
C ALA B 216 31.04 -19.76 8.43
N ARG B 217 31.93 -19.25 7.60
CA ARG B 217 32.56 -17.94 7.83
C ARG B 217 31.47 -16.88 7.71
N GLY B 218 30.66 -17.01 6.66
CA GLY B 218 29.59 -16.07 6.42
C GLY B 218 28.32 -16.72 5.92
N CYS B 219 27.68 -16.09 4.94
CA CYS B 219 26.46 -16.62 4.36
C CYS B 219 26.49 -16.31 2.88
N LEU B 220 25.90 -17.20 2.09
CA LEU B 220 25.88 -17.07 0.65
C LEU B 220 24.47 -17.01 0.08
N MET B 221 24.33 -16.36 -1.06
CA MET B 221 23.02 -16.23 -1.69
C MET B 221 23.16 -16.23 -3.19
N VAL B 222 22.42 -17.13 -3.85
CA VAL B 222 22.45 -17.22 -5.31
C VAL B 222 21.06 -17.35 -5.94
N SER B 223 21.04 -17.29 -7.26
CA SER B 223 19.80 -17.39 -8.04
C SER B 223 19.40 -18.83 -8.28
N THR B 224 18.16 -19.02 -8.69
CA THR B 224 17.69 -20.34 -9.00
C THR B 224 18.42 -20.61 -10.32
N ALA B 225 18.56 -21.88 -10.68
CA ALA B 225 19.25 -22.19 -11.92
C ALA B 225 18.24 -22.49 -12.98
N THR B 226 18.66 -22.32 -14.23
CA THR B 226 17.81 -22.57 -15.39
C THR B 226 18.32 -23.83 -16.09
N ALA B 227 19.64 -24.01 -16.07
CA ALA B 227 20.28 -25.16 -16.72
C ALA B 227 20.22 -26.45 -15.90
N LYS B 228 21.09 -27.39 -16.26
CA LYS B 228 21.17 -28.69 -15.60
C LYS B 228 21.35 -28.56 -14.09
N LYS B 229 21.17 -29.67 -13.38
CA LYS B 229 21.31 -29.70 -11.94
C LYS B 229 22.73 -30.08 -11.54
N GLY B 230 23.09 -31.34 -11.80
CA GLY B 230 24.43 -31.80 -11.46
C GLY B 230 24.55 -32.12 -9.98
N LYS B 231 25.02 -33.32 -9.66
CA LYS B 231 25.17 -33.74 -8.28
C LYS B 231 26.14 -32.88 -7.47
N LYS B 232 26.74 -31.90 -8.13
CA LYS B 232 27.68 -31.02 -7.45
C LYS B 232 26.89 -30.16 -6.47
N ALA B 233 25.88 -29.46 -6.99
CA ALA B 233 25.02 -28.58 -6.20
C ALA B 233 24.60 -29.25 -4.90
N GLU B 234 24.58 -30.57 -4.89
CA GLU B 234 24.20 -31.32 -3.70
C GLU B 234 25.07 -30.89 -2.52
N LEU B 235 26.21 -30.27 -2.85
CA LEU B 235 27.16 -29.79 -1.85
C LEU B 235 26.59 -28.69 -0.96
N PHE B 236 25.78 -27.82 -1.55
CA PHE B 236 25.18 -26.73 -0.80
C PHE B 236 24.23 -27.21 0.28
N ARG B 237 23.67 -28.40 0.11
CA ARG B 237 22.76 -28.95 1.10
C ARG B 237 23.53 -29.37 2.34
N GLN B 238 24.37 -30.39 2.20
CA GLN B 238 25.16 -30.89 3.32
C GLN B 238 26.15 -29.87 3.86
N LEU B 239 26.20 -28.70 3.24
CA LEU B 239 27.08 -27.64 3.69
C LEU B 239 26.29 -26.40 4.10
N LEU B 240 25.38 -25.96 3.23
CA LEU B 240 24.57 -24.77 3.52
C LEU B 240 23.07 -25.01 3.61
N ASN B 241 22.70 -26.23 3.98
CA ASN B 241 21.30 -26.61 4.14
C ASN B 241 20.32 -26.02 3.13
N PHE B 242 20.71 -25.93 1.86
CA PHE B 242 19.79 -25.42 0.86
C PHE B 242 20.01 -25.97 -0.54
N ASP B 243 18.90 -26.24 -1.21
CA ASP B 243 18.91 -26.80 -2.55
C ASP B 243 18.52 -25.72 -3.54
N ILE B 244 19.28 -25.61 -4.63
CA ILE B 244 19.04 -24.60 -5.68
C ILE B 244 17.59 -24.59 -6.15
N GLY B 245 17.29 -25.36 -7.20
CA GLY B 245 15.92 -25.38 -7.68
C GLY B 245 15.69 -24.52 -8.91
N SER B 246 14.78 -24.95 -9.76
CA SER B 246 14.49 -24.23 -10.99
C SER B 246 13.72 -22.94 -10.88
N SER B 247 13.96 -22.09 -11.87
CA SER B 247 13.31 -20.80 -11.99
C SER B 247 12.32 -20.89 -13.14
N ARG B 248 11.67 -22.05 -13.26
CA ARG B 248 10.70 -22.24 -14.32
C ARG B 248 9.37 -21.68 -13.87
N ILE B 249 8.96 -22.02 -12.66
CA ILE B 249 7.68 -21.52 -12.14
C ILE B 249 6.60 -21.87 -13.16
N THR B 250 5.89 -22.97 -12.94
CA THR B 250 4.87 -23.40 -13.88
C THR B 250 3.46 -22.87 -13.72
N VAL B 251 3.29 -21.55 -13.71
CA VAL B 251 1.94 -21.00 -13.61
C VAL B 251 1.75 -20.31 -14.95
N ARG B 252 0.65 -19.60 -15.11
CA ARG B 252 0.38 -18.92 -16.38
C ARG B 252 -1.03 -18.37 -16.45
N ASN B 253 -1.21 -17.36 -17.29
CA ASN B 253 -2.51 -16.77 -17.53
C ASN B 253 -2.92 -17.40 -18.86
N VAL B 254 -2.52 -16.77 -19.96
CA VAL B 254 -2.76 -17.28 -21.30
C VAL B 254 -4.19 -17.66 -21.65
N GLU B 255 -4.56 -17.38 -22.90
CA GLU B 255 -5.88 -17.74 -23.40
C GLU B 255 -5.61 -18.74 -24.53
N ASP B 256 -6.02 -19.98 -24.31
CA ASP B 256 -5.83 -21.08 -25.26
C ASP B 256 -7.04 -21.24 -26.15
N VAL B 257 -6.85 -21.02 -27.45
CA VAL B 257 -7.94 -21.17 -28.40
C VAL B 257 -7.59 -22.26 -29.39
N ALA B 258 -8.47 -23.23 -29.51
CA ALA B 258 -8.26 -24.35 -30.42
C ALA B 258 -9.11 -24.20 -31.68
N VAL B 259 -8.54 -24.61 -32.81
CA VAL B 259 -9.25 -24.54 -34.08
C VAL B 259 -9.01 -25.82 -34.89
N ASN B 260 -10.09 -26.36 -35.43
CA ASN B 260 -10.02 -27.59 -36.23
C ASN B 260 -9.52 -27.36 -37.64
N ASP B 261 -9.19 -26.13 -37.97
CA ASP B 261 -8.67 -25.80 -39.29
C ASP B 261 -7.16 -25.68 -39.13
N GLU B 262 -6.47 -25.25 -40.17
CA GLU B 262 -5.01 -25.15 -40.12
C GLU B 262 -4.61 -24.52 -41.44
N SER B 263 -5.61 -23.95 -42.12
CA SER B 263 -5.44 -23.33 -43.42
C SER B 263 -4.54 -22.10 -43.41
N ILE B 264 -3.35 -22.26 -43.98
CA ILE B 264 -2.39 -21.16 -44.07
C ILE B 264 -3.08 -19.85 -44.45
N SER B 265 -4.23 -19.95 -45.12
CA SER B 265 -4.99 -18.79 -45.56
C SER B 265 -5.99 -18.32 -44.51
N THR B 266 -7.28 -18.43 -44.85
CA THR B 266 -8.36 -18.01 -43.95
C THR B 266 -8.23 -18.69 -42.59
N LEU B 267 -7.34 -18.16 -41.75
CA LEU B 267 -7.11 -18.69 -40.41
C LEU B 267 -5.80 -18.17 -39.84
N SER B 268 -4.70 -18.89 -40.09
CA SER B 268 -3.37 -18.51 -39.60
C SER B 268 -3.08 -17.03 -39.82
N SER B 269 -3.62 -16.47 -40.89
CA SER B 269 -3.41 -15.07 -41.21
C SER B 269 -4.49 -14.16 -40.64
N ILE B 270 -5.63 -14.74 -40.25
CA ILE B 270 -6.68 -13.93 -39.68
C ILE B 270 -6.36 -13.75 -38.21
N LEU B 271 -5.60 -14.69 -37.66
CA LEU B 271 -5.18 -14.65 -36.27
C LEU B 271 -4.04 -13.65 -36.19
N GLU B 272 -3.31 -13.53 -37.29
CA GLU B 272 -2.20 -12.59 -37.35
C GLU B 272 -2.72 -11.15 -37.27
N LYS B 273 -4.04 -10.98 -37.20
CA LYS B 273 -4.62 -9.64 -37.09
C LYS B 273 -4.61 -9.28 -35.62
N LEU B 274 -4.06 -10.20 -34.84
CA LEU B 274 -3.90 -10.05 -33.40
C LEU B 274 -2.59 -9.30 -33.23
N GLY B 275 -2.56 -8.05 -33.68
CA GLY B 275 -1.34 -7.28 -33.56
C GLY B 275 -0.15 -8.02 -34.13
N THR B 276 0.94 -8.07 -33.37
CA THR B 276 2.15 -8.75 -33.83
C THR B 276 2.94 -9.37 -32.69
N GLY B 277 4.20 -9.67 -32.96
CA GLY B 277 5.05 -10.27 -31.94
C GLY B 277 4.53 -11.63 -31.56
N GLY B 278 3.88 -12.31 -32.51
CA GLY B 278 3.36 -13.63 -32.25
C GLY B 278 4.39 -14.65 -32.67
N ILE B 279 4.37 -15.83 -32.03
CA ILE B 279 5.32 -16.88 -32.35
C ILE B 279 4.60 -18.13 -32.85
N ILE B 280 5.07 -18.65 -33.98
CA ILE B 280 4.45 -19.82 -34.56
C ILE B 280 5.32 -21.06 -34.39
N TYR B 281 4.66 -22.17 -34.05
CA TYR B 281 5.35 -23.45 -33.87
C TYR B 281 4.81 -24.48 -34.88
N ALA B 282 5.70 -25.03 -35.70
CA ALA B 282 5.30 -26.02 -36.70
C ALA B 282 5.96 -27.38 -36.41
N ARG B 283 5.26 -28.44 -36.80
CA ARG B 283 5.73 -29.80 -36.58
C ARG B 283 7.22 -29.99 -36.87
N THR B 284 7.57 -30.03 -38.15
CA THR B 284 8.96 -30.23 -38.55
C THR B 284 9.58 -28.98 -39.16
N GLY B 285 10.91 -28.90 -39.11
CA GLY B 285 11.59 -27.76 -39.69
C GLY B 285 11.18 -27.65 -41.13
N GLU B 286 10.91 -28.80 -41.73
CA GLU B 286 10.49 -28.88 -43.12
C GLU B 286 9.10 -28.22 -43.26
N GLU B 287 8.16 -28.66 -42.41
CA GLU B 287 6.81 -28.12 -42.43
C GLU B 287 6.83 -26.66 -42.02
N ALA B 288 7.95 -26.23 -41.45
CA ALA B 288 8.12 -24.85 -41.01
C ALA B 288 8.36 -23.92 -42.18
N GLU B 289 9.45 -24.17 -42.91
CA GLU B 289 9.79 -23.35 -44.06
C GLU B 289 8.67 -23.36 -45.09
N GLU B 290 7.99 -24.51 -45.21
CA GLU B 290 6.88 -24.68 -46.14
C GLU B 290 5.82 -23.60 -45.98
N ILE B 291 5.93 -22.85 -44.89
CA ILE B 291 4.98 -21.77 -44.60
C ILE B 291 5.57 -20.41 -44.99
N TYR B 292 6.82 -20.19 -44.58
CA TYR B 292 7.54 -18.96 -44.87
C TYR B 292 7.14 -18.35 -46.20
N GLU B 293 7.20 -19.15 -47.25
CA GLU B 293 6.82 -18.69 -48.58
C GLU B 293 5.32 -18.49 -48.66
N SER B 294 4.58 -19.52 -48.24
CA SER B 294 3.12 -19.44 -48.26
C SER B 294 2.67 -18.15 -47.59
N LEU B 295 3.40 -17.75 -46.55
CA LEU B 295 3.08 -16.53 -45.84
C LEU B 295 4.31 -15.63 -45.71
N LYS B 296 4.33 -14.57 -46.51
CA LYS B 296 5.44 -13.62 -46.50
C LYS B 296 4.99 -12.27 -47.04
N ASN B 297 4.09 -12.30 -48.01
CA ASN B 297 3.61 -11.08 -48.63
C ASN B 297 2.38 -10.55 -47.91
N LYS B 298 2.10 -11.08 -46.73
CA LYS B 298 0.95 -10.63 -45.96
C LYS B 298 1.26 -10.15 -44.55
N PHE B 299 2.49 -10.38 -44.09
CA PHE B 299 2.91 -9.96 -42.76
C PHE B 299 4.43 -10.01 -42.78
N ARG B 300 5.06 -9.28 -41.87
CA ARG B 300 6.51 -9.31 -41.79
C ARG B 300 6.82 -10.68 -41.19
N ILE B 301 7.75 -11.40 -41.77
CA ILE B 301 8.08 -12.76 -41.34
C ILE B 301 9.43 -12.97 -40.65
N GLY B 302 9.84 -14.23 -40.51
CA GLY B 302 11.11 -14.57 -39.87
C GLY B 302 11.18 -16.08 -39.64
N ILE B 303 12.37 -16.67 -39.77
CA ILE B 303 12.53 -18.11 -39.55
C ILE B 303 13.84 -18.36 -38.80
N VAL B 304 14.09 -19.60 -38.38
CA VAL B 304 15.27 -19.85 -37.56
C VAL B 304 16.26 -21.00 -37.85
N THR B 305 17.07 -21.17 -36.81
CA THR B 305 18.06 -22.23 -36.60
C THR B 305 18.90 -23.01 -37.62
N ALA B 306 19.72 -23.90 -37.06
CA ALA B 306 20.61 -24.82 -37.78
C ALA B 306 21.37 -24.05 -38.83
N THR B 307 20.61 -23.74 -39.86
CA THR B 307 21.05 -22.96 -40.99
C THR B 307 21.54 -21.67 -40.34
N LYS B 308 20.65 -20.68 -40.32
CA LYS B 308 20.96 -19.36 -39.77
C LYS B 308 19.84 -18.76 -38.93
N LYS B 309 20.19 -17.73 -38.18
CA LYS B 309 19.24 -17.00 -37.34
C LYS B 309 19.06 -15.60 -37.92
N GLY B 310 19.49 -14.59 -37.18
CA GLY B 310 19.35 -13.22 -37.66
C GLY B 310 17.93 -12.72 -37.47
N ASP B 311 16.96 -13.54 -37.87
CA ASP B 311 15.56 -13.17 -37.74
C ASP B 311 15.23 -12.92 -36.27
N TYR B 312 16.01 -13.52 -35.38
CA TYR B 312 15.78 -13.30 -33.95
C TYR B 312 16.15 -11.85 -33.69
N GLU B 313 17.40 -11.49 -33.99
CA GLU B 313 17.88 -10.14 -33.81
C GLU B 313 16.87 -9.16 -34.44
N LYS B 314 16.45 -9.47 -35.66
CA LYS B 314 15.48 -8.63 -36.35
C LYS B 314 14.13 -8.60 -35.63
N PHE B 315 13.80 -9.70 -34.93
CA PHE B 315 12.53 -9.79 -34.20
C PHE B 315 12.58 -8.89 -32.97
N VAL B 316 13.57 -9.16 -32.12
CA VAL B 316 13.75 -8.40 -30.88
C VAL B 316 13.66 -6.90 -31.14
N GLU B 317 14.44 -6.42 -32.11
CA GLU B 317 14.48 -5.00 -32.46
C GLU B 317 13.19 -4.43 -33.01
N GLY B 318 12.37 -5.27 -33.64
CA GLY B 318 11.12 -4.78 -34.17
C GLY B 318 10.95 -4.84 -35.68
N GLU B 319 12.02 -5.18 -36.40
CA GLU B 319 11.94 -5.28 -37.86
C GLU B 319 10.80 -6.25 -38.17
N ILE B 320 11.06 -7.51 -37.86
CA ILE B 320 10.11 -8.59 -38.05
C ILE B 320 8.95 -8.35 -37.12
N ASP B 321 7.82 -8.99 -37.39
CA ASP B 321 6.65 -8.84 -36.53
C ASP B 321 6.25 -10.18 -35.94
N HIS B 322 6.79 -11.27 -36.51
CA HIS B 322 6.50 -12.63 -36.06
C HIS B 322 7.62 -13.61 -36.35
N LEU B 323 7.55 -14.79 -35.73
CA LEU B 323 8.56 -15.81 -35.92
C LEU B 323 8.00 -17.22 -36.16
N ILE B 324 8.72 -17.95 -37.00
CA ILE B 324 8.34 -19.31 -37.34
C ILE B 324 9.50 -20.19 -36.90
N GLY B 325 9.18 -21.35 -36.35
CA GLY B 325 10.23 -22.25 -35.90
C GLY B 325 9.74 -23.53 -35.28
N THR B 326 10.68 -24.32 -34.75
CA THR B 326 10.35 -25.59 -34.12
C THR B 326 10.68 -25.50 -32.63
N ALA B 327 9.86 -26.15 -31.81
CA ALA B 327 10.08 -26.15 -30.38
C ALA B 327 11.52 -26.52 -30.08
N HIS B 328 12.10 -27.37 -30.93
CA HIS B 328 13.48 -27.80 -30.75
C HIS B 328 14.46 -26.66 -30.94
N TYR B 329 14.41 -26.07 -32.12
CA TYR B 329 15.29 -24.98 -32.47
C TYR B 329 15.16 -23.72 -31.62
N TYR B 330 13.95 -23.21 -31.46
CA TYR B 330 13.75 -22.00 -30.66
C TYR B 330 14.56 -22.01 -29.38
N GLY B 331 14.64 -23.17 -28.74
CA GLY B 331 15.40 -23.29 -27.51
C GLY B 331 16.87 -23.01 -27.76
N THR B 332 17.32 -23.34 -28.97
CA THR B 332 18.71 -23.12 -29.36
C THR B 332 19.12 -21.68 -29.09
N LEU B 333 18.14 -20.77 -29.18
CA LEU B 333 18.38 -19.34 -28.98
C LEU B 333 18.80 -18.98 -27.57
N VAL B 334 19.14 -17.71 -27.39
CA VAL B 334 19.57 -17.21 -26.10
C VAL B 334 18.44 -17.31 -25.08
N ARG B 335 18.74 -17.97 -23.97
CA ARG B 335 17.77 -18.12 -22.90
C ARG B 335 16.54 -18.92 -23.33
N GLY B 336 16.71 -19.75 -24.37
CA GLY B 336 15.61 -20.57 -24.85
C GLY B 336 14.54 -19.69 -25.47
N LEU B 337 14.98 -18.52 -25.94
CA LEU B 337 14.07 -17.56 -26.53
C LEU B 337 13.19 -17.07 -25.38
N ASP B 338 13.52 -15.92 -24.82
CA ASP B 338 12.75 -15.38 -23.74
C ASP B 338 12.64 -13.86 -23.85
N LEU B 339 11.53 -13.39 -24.40
CA LEU B 339 11.29 -11.97 -24.59
C LEU B 339 9.97 -11.60 -23.94
N PRO B 340 9.98 -11.49 -22.60
CA PRO B 340 8.81 -11.16 -21.78
C PRO B 340 8.01 -10.00 -22.31
N GLU B 341 8.68 -9.10 -23.01
CA GLU B 341 8.03 -7.92 -23.54
C GLU B 341 7.56 -8.00 -24.99
N ARG B 342 8.43 -8.49 -25.88
CA ARG B 342 8.12 -8.61 -27.32
C ARG B 342 7.07 -9.67 -27.68
N ILE B 343 7.30 -10.89 -27.23
CA ILE B 343 6.37 -11.95 -27.51
C ILE B 343 5.04 -11.61 -26.84
N ARG B 344 3.94 -11.80 -27.57
CA ARG B 344 2.63 -11.48 -27.05
C ARG B 344 1.68 -12.63 -27.27
N PHE B 345 2.14 -13.66 -27.97
CA PHE B 345 1.32 -14.86 -28.21
C PHE B 345 2.02 -15.81 -29.18
N ALA B 346 1.55 -17.06 -29.18
CA ALA B 346 2.12 -18.07 -30.05
C ALA B 346 1.01 -18.89 -30.67
N VAL B 347 1.27 -19.39 -31.87
CA VAL B 347 0.32 -20.22 -32.58
C VAL B 347 1.01 -21.54 -32.88
N PHE B 348 0.28 -22.64 -32.67
CA PHE B 348 0.85 -23.95 -32.95
C PHE B 348 0.23 -24.56 -34.20
N VAL B 349 1.05 -24.72 -35.23
CA VAL B 349 0.60 -25.32 -36.46
C VAL B 349 0.70 -26.81 -36.25
N GLY B 350 -0.39 -27.43 -35.80
CA GLY B 350 -0.37 -28.86 -35.56
C GLY B 350 0.05 -29.17 -34.14
N CYS B 351 -0.84 -29.86 -33.43
CA CYS B 351 -0.58 -30.24 -32.05
C CYS B 351 0.72 -31.02 -31.91
N PRO B 352 1.68 -30.48 -31.15
CA PRO B 352 2.95 -31.19 -30.98
C PRO B 352 2.61 -32.58 -30.47
N SER B 353 3.09 -33.61 -31.18
CA SER B 353 2.81 -34.99 -30.82
C SER B 353 4.02 -35.93 -30.81
N PHE B 354 3.83 -37.12 -30.24
CA PHE B 354 4.88 -38.13 -30.15
C PHE B 354 4.36 -39.38 -30.85
N ARG B 355 5.18 -40.01 -31.68
CA ARG B 355 4.77 -41.20 -32.41
C ARG B 355 5.50 -42.46 -31.98
N VAL B 356 4.76 -43.57 -32.01
CA VAL B 356 5.29 -44.89 -31.68
C VAL B 356 4.52 -45.84 -32.59
N THR B 357 5.20 -46.35 -33.60
CA THR B 357 4.59 -47.23 -34.58
C THR B 357 4.25 -48.63 -34.07
N ILE B 358 3.39 -49.30 -34.82
CA ILE B 358 2.97 -50.66 -34.51
C ILE B 358 4.19 -51.55 -34.77
N GLU B 359 4.78 -51.39 -35.94
CA GLU B 359 5.95 -52.14 -36.35
C GLU B 359 7.19 -51.57 -35.69
N ASP B 360 6.99 -50.68 -34.72
CA ASP B 360 8.11 -50.06 -34.01
C ASP B 360 8.46 -50.96 -32.82
N ILE B 361 7.55 -51.01 -31.84
CA ILE B 361 7.69 -51.83 -30.64
C ILE B 361 9.10 -52.34 -30.32
N ASP B 362 9.64 -53.16 -31.21
CA ASP B 362 10.98 -53.76 -31.10
C ASP B 362 11.95 -53.03 -30.17
N SER B 363 12.92 -52.34 -30.76
CA SER B 363 13.92 -51.62 -29.98
C SER B 363 13.37 -50.31 -29.44
N LEU B 364 13.69 -50.03 -28.17
CA LEU B 364 13.26 -48.82 -27.45
C LEU B 364 13.14 -49.11 -25.96
N SER B 365 13.47 -48.11 -25.14
CA SER B 365 13.42 -48.22 -23.69
C SER B 365 12.25 -49.07 -23.18
N PRO B 366 12.55 -50.07 -22.34
CA PRO B 366 11.53 -50.94 -21.77
C PRO B 366 10.54 -50.16 -20.91
N GLN B 367 11.03 -49.07 -20.30
CA GLN B 367 10.18 -48.22 -19.47
C GLN B 367 9.26 -47.39 -20.36
N MET B 368 9.31 -47.68 -21.66
CA MET B 368 8.48 -47.01 -22.65
C MET B 368 7.52 -48.06 -23.18
N VAL B 369 7.76 -49.30 -22.76
CA VAL B 369 6.94 -50.45 -23.15
C VAL B 369 5.80 -50.57 -22.14
N LYS B 370 6.08 -50.16 -20.90
CA LYS B 370 5.11 -50.22 -19.82
C LYS B 370 3.86 -49.43 -20.19
N LEU B 371 4.01 -48.11 -20.36
CA LEU B 371 2.89 -47.25 -20.71
C LEU B 371 1.97 -47.91 -21.72
N LEU B 372 2.51 -48.17 -22.91
CA LEU B 372 1.75 -48.81 -23.96
C LEU B 372 1.11 -50.08 -23.44
N ALA B 373 1.86 -50.81 -22.62
CA ALA B 373 1.35 -52.05 -22.04
C ALA B 373 -0.07 -51.77 -21.56
N TYR B 374 -0.24 -50.63 -20.91
CA TYR B 374 -1.55 -50.23 -20.41
C TYR B 374 -2.36 -49.84 -21.64
N LEU B 375 -3.21 -48.82 -21.51
CA LEU B 375 -4.04 -48.38 -22.63
C LEU B 375 -5.09 -49.45 -22.96
N TYR B 376 -4.75 -50.70 -22.68
CA TYR B 376 -5.66 -51.82 -22.92
C TYR B 376 -6.01 -52.46 -21.59
N ARG B 377 -5.65 -53.74 -21.40
CA ARG B 377 -5.90 -54.47 -20.15
C ARG B 377 -6.89 -55.64 -20.28
N ASN B 378 -7.87 -55.48 -21.16
CA ASN B 378 -8.92 -56.47 -21.39
C ASN B 378 -8.62 -57.88 -20.87
N VAL B 379 -7.82 -58.63 -21.61
CA VAL B 379 -7.45 -59.99 -21.21
C VAL B 379 -6.52 -59.97 -20.01
N ASP B 380 -5.57 -60.91 -19.97
CA ASP B 380 -4.64 -61.03 -18.86
C ASP B 380 -3.26 -60.40 -19.10
N GLU B 381 -3.24 -59.09 -19.36
CA GLU B 381 -1.98 -58.39 -19.57
C GLU B 381 -1.69 -57.66 -18.26
N ILE B 382 -2.57 -57.89 -17.30
CA ILE B 382 -2.42 -57.30 -15.97
C ILE B 382 -1.31 -58.11 -15.31
N GLU B 383 -1.08 -59.31 -15.82
CA GLU B 383 -0.05 -60.22 -15.31
C GLU B 383 1.36 -59.72 -15.60
N ARG B 384 1.46 -58.61 -16.31
CA ARG B 384 2.76 -58.02 -16.62
C ARG B 384 2.83 -56.82 -15.69
N LEU B 385 1.66 -56.26 -15.40
CA LEU B 385 1.52 -55.10 -14.51
C LEU B 385 2.43 -55.35 -13.31
N LEU B 386 2.04 -56.32 -12.49
CA LEU B 386 2.81 -56.68 -11.31
C LEU B 386 4.27 -56.95 -11.68
N GLU B 395 6.93 -58.75 -23.15
CA GLU B 395 6.36 -59.73 -22.23
C GLU B 395 5.30 -60.55 -22.96
N VAL B 396 4.42 -61.22 -22.19
CA VAL B 396 3.37 -62.06 -22.78
C VAL B 396 2.36 -61.21 -23.55
N ARG B 397 2.66 -61.01 -24.83
CA ARG B 397 1.90 -60.17 -25.75
C ARG B 397 0.44 -60.55 -26.07
N GLU B 398 -0.04 -61.69 -25.60
CA GLU B 398 -1.42 -62.07 -25.87
C GLU B 398 -2.18 -62.65 -24.67
N ILE B 399 -1.60 -63.65 -24.01
CA ILE B 399 -2.26 -64.30 -22.87
C ILE B 399 -2.97 -63.31 -21.96
N MET B 404 -4.99 -55.36 -31.91
CA MET B 404 -4.66 -53.94 -32.01
C MET B 404 -5.45 -53.28 -33.13
N GLY B 405 -5.29 -53.80 -34.34
CA GLY B 405 -5.99 -53.24 -35.49
C GLY B 405 -7.49 -53.22 -35.27
N LYS B 406 -8.07 -54.39 -35.06
CA LYS B 406 -9.51 -54.50 -34.83
C LYS B 406 -9.95 -53.96 -33.48
N GLU B 407 -9.13 -54.19 -32.45
CA GLU B 407 -9.46 -53.70 -31.13
C GLU B 407 -9.43 -52.18 -31.04
N ARG B 408 -10.45 -51.62 -30.39
CA ARG B 408 -10.56 -50.18 -30.24
C ARG B 408 -10.55 -49.77 -28.77
N PRO B 409 -9.48 -49.09 -28.33
CA PRO B 409 -9.33 -48.64 -26.95
C PRO B 409 -10.54 -47.82 -26.50
N GLN B 410 -10.62 -47.54 -25.21
CA GLN B 410 -11.73 -46.79 -24.64
C GLN B 410 -11.36 -45.36 -24.26
N ALA B 411 -10.06 -45.09 -24.15
CA ALA B 411 -9.58 -43.77 -23.78
C ALA B 411 -10.18 -42.63 -24.61
N LYS B 412 -9.93 -41.40 -24.15
CA LYS B 412 -10.42 -40.19 -24.82
C LYS B 412 -9.21 -39.26 -24.87
N ASP B 413 -8.15 -39.74 -24.24
CA ASP B 413 -6.87 -39.07 -24.10
C ASP B 413 -6.05 -39.12 -25.39
N VAL B 414 -6.29 -40.16 -26.19
CA VAL B 414 -5.59 -40.34 -27.46
C VAL B 414 -6.52 -40.93 -28.52
N VAL B 415 -5.95 -41.20 -29.69
CA VAL B 415 -6.71 -41.77 -30.79
C VAL B 415 -6.05 -43.06 -31.27
N VAL B 416 -6.84 -43.94 -31.88
CA VAL B 416 -6.33 -45.20 -32.37
C VAL B 416 -6.43 -45.28 -33.89
N ARG B 417 -7.57 -44.85 -34.43
CA ARG B 417 -7.82 -44.86 -35.87
C ARG B 417 -7.96 -46.29 -36.36
N GLU B 418 -6.84 -46.86 -36.78
CA GLU B 418 -6.76 -48.22 -37.28
C GLU B 418 -5.28 -48.57 -37.42
N GLY B 419 -4.70 -49.11 -36.36
CA GLY B 419 -3.28 -49.46 -36.42
C GLY B 419 -2.41 -48.21 -36.47
N GLU B 420 -2.17 -47.64 -35.29
CA GLU B 420 -1.36 -46.44 -35.10
C GLU B 420 -1.90 -45.72 -33.87
N VAL B 421 -1.00 -45.26 -33.00
CA VAL B 421 -1.40 -44.55 -31.79
C VAL B 421 -0.69 -43.21 -31.67
N ILE B 422 -1.46 -42.13 -31.78
CA ILE B 422 -0.94 -40.78 -31.68
C ILE B 422 -1.02 -40.25 -30.25
N PHE B 423 0.12 -39.77 -29.75
CA PHE B 423 0.22 -39.24 -28.39
C PHE B 423 0.25 -37.71 -28.31
N PRO B 424 -0.81 -37.08 -27.76
CA PRO B 424 -0.79 -35.62 -27.69
C PRO B 424 0.40 -35.24 -26.81
N ASP B 425 1.07 -34.13 -27.12
CA ASP B 425 2.22 -33.74 -26.30
C ASP B 425 2.01 -32.40 -25.62
N LEU B 426 1.42 -32.43 -24.43
CA LEU B 426 1.18 -31.21 -23.66
C LEU B 426 2.47 -30.57 -23.13
N ARG B 427 3.42 -31.40 -22.72
CA ARG B 427 4.69 -30.91 -22.20
C ARG B 427 5.19 -29.74 -23.08
N THR B 428 5.36 -29.98 -24.38
CA THR B 428 5.82 -28.93 -25.29
C THR B 428 4.82 -27.79 -25.45
N TYR B 429 3.54 -28.11 -25.61
CA TYR B 429 2.54 -27.06 -25.76
C TYR B 429 2.69 -26.07 -24.63
N ILE B 430 2.63 -26.59 -23.40
CA ILE B 430 2.80 -25.73 -22.24
C ILE B 430 4.05 -24.87 -22.44
N GLN B 431 5.22 -25.52 -22.42
CA GLN B 431 6.47 -24.80 -22.61
C GLN B 431 6.36 -23.78 -23.74
N GLY B 432 5.77 -24.19 -24.86
CA GLY B 432 5.64 -23.29 -26.00
C GLY B 432 4.80 -22.07 -25.71
N SER B 433 3.56 -22.28 -25.26
CA SER B 433 2.67 -21.17 -24.98
C SER B 433 3.15 -20.46 -23.74
N GLY B 434 3.98 -21.16 -22.96
CA GLY B 434 4.51 -20.58 -21.74
C GLY B 434 5.21 -19.25 -21.95
N ARG B 435 5.93 -19.12 -23.06
CA ARG B 435 6.63 -17.87 -23.37
C ARG B 435 5.64 -16.71 -23.48
N THR B 436 4.36 -17.02 -23.63
CA THR B 436 3.33 -16.00 -23.79
C THR B 436 2.81 -15.47 -22.45
N SER B 437 3.44 -15.93 -21.37
CA SER B 437 3.05 -15.52 -20.04
C SER B 437 4.17 -15.69 -19.03
N ARG B 438 4.61 -14.59 -18.44
CA ARG B 438 5.67 -14.64 -17.44
C ARG B 438 5.13 -14.14 -16.10
N LEU B 439 5.86 -14.46 -15.04
CA LEU B 439 5.51 -14.06 -13.68
C LEU B 439 6.37 -12.85 -13.31
N PHE B 440 5.73 -11.74 -12.96
CA PHE B 440 6.51 -10.56 -12.58
C PHE B 440 5.99 -9.95 -11.27
N ALA B 441 6.76 -9.02 -10.72
CA ALA B 441 6.42 -8.37 -9.46
C ALA B 441 4.99 -7.83 -9.47
N GLY B 442 4.43 -7.67 -10.65
CA GLY B 442 3.08 -7.16 -10.77
C GLY B 442 2.03 -8.16 -11.19
N GLY B 443 2.36 -9.45 -11.06
CA GLY B 443 1.40 -10.47 -11.43
C GLY B 443 1.88 -11.47 -12.48
N LEU B 444 1.01 -11.73 -13.46
CA LEU B 444 1.32 -12.68 -14.50
C LEU B 444 0.81 -12.18 -15.85
N THR B 445 1.72 -11.70 -16.69
CA THR B 445 1.38 -11.20 -18.01
C THR B 445 0.31 -12.08 -18.64
N LYS B 446 -0.62 -11.47 -19.37
CA LYS B 446 -1.68 -12.23 -20.02
C LYS B 446 -1.06 -12.90 -21.24
N GLY B 447 -1.58 -14.06 -21.61
CA GLY B 447 -1.06 -14.76 -22.77
C GLY B 447 -2.16 -15.14 -23.75
N ALA B 448 -1.76 -15.81 -24.83
CA ALA B 448 -2.70 -16.24 -25.86
C ALA B 448 -2.08 -17.33 -26.71
N SER B 449 -2.71 -18.51 -26.71
CA SER B 449 -2.24 -19.65 -27.49
C SER B 449 -3.30 -20.20 -28.43
N PHE B 450 -3.04 -20.05 -29.74
CA PHE B 450 -3.96 -20.51 -30.76
C PHE B 450 -3.49 -21.83 -31.35
N LEU B 451 -4.23 -22.88 -31.02
CA LEU B 451 -3.94 -24.23 -31.49
C LEU B 451 -4.91 -24.57 -32.62
N LEU B 452 -4.36 -24.79 -33.81
CA LEU B 452 -5.16 -25.12 -34.99
C LEU B 452 -4.69 -26.46 -35.52
N GLU B 453 -5.63 -27.39 -35.69
CA GLU B 453 -5.31 -28.73 -36.20
C GLU B 453 -6.48 -29.29 -37.01
N ASP B 454 -6.17 -29.83 -38.19
CA ASP B 454 -7.19 -30.39 -39.07
C ASP B 454 -7.65 -31.77 -38.64
N ASP B 455 -6.75 -32.51 -38.01
CA ASP B 455 -7.03 -33.87 -37.54
C ASP B 455 -8.08 -33.90 -36.43
N SER B 456 -9.32 -33.57 -36.78
CA SER B 456 -10.45 -33.55 -35.83
C SER B 456 -10.24 -34.42 -34.62
N GLU B 457 -10.19 -35.73 -34.84
CA GLU B 457 -9.99 -36.68 -33.76
C GLU B 457 -8.87 -36.19 -32.85
N LEU B 458 -7.66 -36.13 -33.40
CA LEU B 458 -6.52 -35.70 -32.62
C LEU B 458 -6.81 -34.46 -31.79
N LEU B 459 -7.16 -33.36 -32.44
CA LEU B 459 -7.45 -32.12 -31.73
C LEU B 459 -8.24 -32.37 -30.45
N SER B 460 -9.32 -33.15 -30.55
CA SER B 460 -10.14 -33.45 -29.39
C SER B 460 -9.31 -34.10 -28.29
N ALA B 461 -8.46 -35.05 -28.68
CA ALA B 461 -7.61 -35.76 -27.73
C ALA B 461 -6.79 -34.75 -26.94
N PHE B 462 -6.07 -33.91 -27.67
CA PHE B 462 -5.25 -32.87 -27.05
C PHE B 462 -6.21 -32.16 -26.11
N ILE B 463 -7.24 -31.55 -26.68
CA ILE B 463 -8.24 -30.85 -25.89
C ILE B 463 -8.43 -31.59 -24.56
N GLU B 464 -8.76 -32.87 -24.66
CA GLU B 464 -9.00 -33.67 -23.47
C GLU B 464 -7.75 -33.82 -22.62
N ARG B 465 -6.67 -34.32 -23.22
CA ARG B 465 -5.41 -34.50 -22.51
C ARG B 465 -5.02 -33.21 -21.80
N ALA B 466 -5.46 -32.09 -22.35
CA ALA B 466 -5.18 -30.79 -21.75
C ALA B 466 -5.77 -30.83 -20.34
N LYS B 467 -7.06 -31.08 -20.26
CA LYS B 467 -7.77 -31.15 -18.99
C LYS B 467 -6.93 -31.69 -17.82
N LEU B 468 -6.23 -32.79 -18.07
CA LEU B 468 -5.39 -33.41 -17.04
C LEU B 468 -4.37 -32.45 -16.51
N TYR B 469 -4.06 -31.44 -17.29
CA TYR B 469 -3.13 -30.43 -16.87
C TYR B 469 -3.96 -29.24 -16.39
N ASP B 470 -5.09 -29.58 -15.77
CA ASP B 470 -6.03 -28.59 -15.26
C ASP B 470 -6.03 -27.38 -16.14
N ILE B 471 -5.90 -26.19 -15.55
CA ILE B 471 -5.87 -24.94 -16.31
C ILE B 471 -5.41 -25.24 -17.71
N GLU B 472 -6.34 -25.72 -18.54
CA GLU B 472 -6.01 -26.06 -19.92
C GLU B 472 -7.26 -26.22 -20.74
N PHE B 473 -8.22 -25.34 -20.50
CA PHE B 473 -9.47 -25.35 -21.23
C PHE B 473 -9.25 -24.59 -22.54
N LYS B 474 -10.08 -24.87 -23.56
CA LYS B 474 -9.96 -24.21 -24.85
C LYS B 474 -11.27 -23.50 -25.23
N SER B 475 -11.15 -22.44 -26.01
CA SER B 475 -12.31 -21.68 -26.48
C SER B 475 -12.44 -21.95 -27.97
N ILE B 476 -13.34 -21.24 -28.66
CA ILE B 476 -13.53 -21.48 -30.08
C ILE B 476 -13.69 -20.19 -30.86
N ASP B 477 -12.63 -19.39 -30.88
CA ASP B 477 -12.66 -18.11 -31.57
C ASP B 477 -13.83 -17.26 -31.10
N GLU B 478 -14.48 -17.73 -30.04
CA GLU B 478 -15.58 -17.05 -29.39
C GLU B 478 -14.83 -16.08 -28.48
N VAL B 479 -13.81 -15.48 -29.06
CA VAL B 479 -12.92 -14.53 -28.41
C VAL B 479 -13.35 -13.10 -28.71
N ASP B 480 -13.04 -12.20 -27.78
CA ASP B 480 -13.39 -10.78 -27.93
C ASP B 480 -12.17 -10.03 -28.49
N PHE B 481 -11.46 -10.67 -29.42
CA PHE B 481 -10.25 -10.09 -30.04
C PHE B 481 -9.97 -8.65 -29.65
N GLU B 482 -10.98 -7.79 -29.78
CA GLU B 482 -10.82 -6.38 -29.39
C GLU B 482 -10.14 -6.31 -28.03
N LYS B 483 -10.74 -6.95 -27.03
CA LYS B 483 -10.21 -6.96 -25.67
C LYS B 483 -8.83 -7.59 -25.59
N LEU B 484 -8.73 -8.82 -26.07
CA LEU B 484 -7.47 -9.54 -26.05
C LEU B 484 -6.28 -8.71 -26.47
N SER B 485 -6.36 -8.10 -27.65
CA SER B 485 -5.27 -7.28 -28.16
C SER B 485 -4.86 -6.23 -27.13
N ARG B 486 -5.85 -5.67 -26.43
CA ARG B 486 -5.61 -4.67 -25.41
C ARG B 486 -5.09 -5.32 -24.14
N GLU B 487 -5.75 -6.38 -23.68
CA GLU B 487 -5.29 -7.06 -22.48
C GLU B 487 -3.80 -7.39 -22.59
N LEU B 488 -3.37 -7.88 -23.75
CA LEU B 488 -1.97 -8.23 -23.95
C LEU B 488 -1.09 -6.99 -23.84
N ASP B 489 -1.16 -6.12 -24.84
CA ASP B 489 -0.38 -4.87 -24.87
C ASP B 489 -0.42 -4.21 -23.50
N GLU B 490 -1.62 -4.15 -22.93
CA GLU B 490 -1.82 -3.57 -21.61
C GLU B 490 -0.95 -4.29 -20.59
N SER B 491 -1.32 -5.52 -20.26
CA SER B 491 -0.58 -6.32 -19.28
C SER B 491 0.93 -6.16 -19.43
N ARG B 492 1.45 -6.32 -20.64
CA ARG B 492 2.89 -6.19 -20.85
C ARG B 492 3.35 -4.79 -20.48
N ASP B 493 2.43 -3.85 -20.51
CA ASP B 493 2.72 -2.47 -20.13
C ASP B 493 3.13 -2.52 -18.66
N ARG B 494 2.36 -3.23 -17.86
CA ARG B 494 2.64 -3.38 -16.44
C ARG B 494 4.06 -3.90 -16.29
N TYR B 495 4.28 -5.11 -16.78
CA TYR B 495 5.58 -5.73 -16.69
C TYR B 495 6.70 -4.70 -16.88
N ARG B 496 6.57 -3.82 -17.87
CA ARG B 496 7.61 -2.82 -18.08
C ARG B 496 7.79 -1.99 -16.81
N ARG B 497 6.67 -1.72 -16.17
CA ARG B 497 6.64 -0.95 -14.93
C ARG B 497 6.69 -1.91 -13.74
N ARG B 498 7.27 -3.10 -13.95
CA ARG B 498 7.38 -4.09 -12.87
C ARG B 498 8.05 -3.51 -11.63
N GLN B 499 9.08 -2.68 -11.84
CA GLN B 499 9.81 -2.04 -10.76
C GLN B 499 8.86 -1.25 -9.87
N GLU B 500 7.63 -1.07 -10.34
CA GLU B 500 6.63 -0.33 -9.60
C GLU B 500 5.72 -1.17 -8.71
N PHE B 501 5.87 -2.48 -8.70
CA PHE B 501 5.00 -3.31 -7.87
C PHE B 501 5.70 -4.17 -6.81
N ASP B 502 4.86 -4.86 -6.05
CA ASP B 502 5.29 -5.76 -4.98
C ASP B 502 4.06 -6.52 -4.54
N LEU B 503 3.19 -6.85 -5.49
CA LEU B 503 1.96 -7.59 -5.19
C LEU B 503 2.33 -8.95 -4.57
N ILE B 504 3.23 -9.65 -5.25
CA ILE B 504 3.68 -10.96 -4.81
C ILE B 504 4.49 -10.89 -3.52
N LYS B 505 3.94 -11.43 -2.45
CA LYS B 505 4.65 -11.42 -1.19
C LYS B 505 4.84 -12.83 -0.65
N PRO B 506 5.67 -13.00 0.38
CA PRO B 506 5.89 -14.33 0.95
C PRO B 506 4.71 -14.75 1.82
N ALA B 507 4.64 -16.03 2.19
CA ALA B 507 3.55 -16.54 3.03
C ALA B 507 3.69 -17.99 3.46
N LEU B 508 4.47 -18.24 4.50
CA LEU B 508 4.69 -19.58 5.03
C LEU B 508 3.38 -20.37 4.97
N PHE B 509 3.34 -21.40 4.12
CA PHE B 509 2.14 -22.23 3.96
C PHE B 509 2.34 -23.54 4.69
N ILE B 510 1.76 -23.60 5.88
CA ILE B 510 1.91 -24.74 6.78
C ILE B 510 0.94 -25.90 6.63
N VAL B 511 1.44 -27.02 6.13
CA VAL B 511 0.62 -28.22 5.98
C VAL B 511 1.05 -29.23 7.03
N GLU B 512 0.30 -30.33 7.16
CA GLU B 512 0.65 -31.34 8.14
C GLU B 512 1.78 -32.31 7.76
N SER B 513 1.63 -33.02 6.64
CA SER B 513 2.60 -34.01 6.18
C SER B 513 3.54 -33.56 5.08
N PRO B 514 4.79 -34.05 5.10
CA PRO B 514 5.75 -33.67 4.06
C PRO B 514 5.15 -33.98 2.70
N THR B 515 4.44 -35.09 2.61
CA THR B 515 3.82 -35.47 1.35
C THR B 515 3.05 -34.25 0.85
N LYS B 516 1.97 -33.90 1.54
CA LYS B 516 1.17 -32.75 1.14
C LYS B 516 2.07 -31.59 0.72
N ALA B 517 3.18 -31.45 1.41
CA ALA B 517 4.11 -30.38 1.09
C ALA B 517 4.60 -30.56 -0.33
N ARG B 518 5.47 -31.54 -0.52
CA ARG B 518 6.02 -31.81 -1.83
C ARG B 518 4.95 -31.69 -2.91
N GLN B 519 3.82 -32.35 -2.71
CA GLN B 519 2.75 -32.27 -3.69
C GLN B 519 2.50 -30.82 -4.03
N ILE B 520 1.89 -30.10 -3.09
CA ILE B 520 1.56 -28.68 -3.25
C ILE B 520 2.73 -27.89 -3.89
N SER B 521 3.86 -27.87 -3.20
CA SER B 521 5.03 -27.12 -3.67
C SER B 521 5.47 -27.50 -5.08
N ARG B 522 4.94 -28.60 -5.59
CA ARG B 522 5.32 -29.00 -6.93
C ARG B 522 4.25 -28.65 -7.94
N PHE B 523 3.14 -28.11 -7.45
CA PHE B 523 2.03 -27.70 -8.30
C PHE B 523 2.43 -26.45 -9.09
N PHE B 524 3.47 -25.79 -8.63
CA PHE B 524 3.92 -24.56 -9.25
C PHE B 524 5.28 -24.72 -9.92
N GLY B 525 5.85 -25.91 -9.86
CA GLY B 525 7.16 -26.11 -10.48
C GLY B 525 8.13 -26.79 -9.54
N LYS B 526 9.42 -26.59 -9.78
CA LYS B 526 10.47 -27.18 -8.94
C LYS B 526 10.94 -26.12 -7.97
N PRO B 527 10.39 -26.13 -6.74
CA PRO B 527 10.77 -25.14 -5.71
C PRO B 527 12.17 -25.38 -5.16
N SER B 528 12.73 -24.38 -4.49
CA SER B 528 14.05 -24.50 -3.90
C SER B 528 13.91 -25.01 -2.47
N VAL B 529 14.91 -25.73 -1.98
CA VAL B 529 14.84 -26.27 -0.64
C VAL B 529 15.82 -25.64 0.34
N LYS B 530 15.42 -25.64 1.61
CA LYS B 530 16.23 -25.11 2.68
C LYS B 530 15.84 -25.92 3.90
N VAL B 531 16.82 -26.41 4.64
CA VAL B 531 16.53 -27.20 5.84
C VAL B 531 16.92 -26.42 7.08
N LEU B 532 15.92 -25.91 7.79
CA LEU B 532 16.18 -25.16 9.00
C LEU B 532 16.28 -26.08 10.19
N ASP B 533 17.11 -25.68 11.16
CA ASP B 533 17.33 -26.45 12.39
C ASP B 533 16.49 -27.72 12.49
N GLY B 534 15.17 -27.58 12.49
CA GLY B 534 14.31 -28.75 12.59
C GLY B 534 13.14 -28.80 11.63
N ALA B 535 13.33 -28.31 10.40
CA ALA B 535 12.25 -28.32 9.42
C ALA B 535 12.71 -28.17 7.96
N VAL B 536 11.97 -28.80 7.05
CA VAL B 536 12.25 -28.75 5.63
C VAL B 536 11.29 -27.78 4.97
N VAL B 537 11.80 -26.90 4.12
CA VAL B 537 10.95 -25.91 3.48
C VAL B 537 11.09 -25.88 1.95
N TYR B 538 10.00 -26.20 1.27
CA TYR B 538 9.97 -26.17 -0.19
C TYR B 538 9.51 -24.77 -0.52
N GLU B 539 10.40 -23.98 -1.12
CA GLU B 539 10.08 -22.59 -1.45
C GLU B 539 9.83 -22.39 -2.92
N ILE B 540 8.64 -21.89 -3.25
CA ILE B 540 8.27 -21.63 -4.64
C ILE B 540 7.42 -20.38 -4.77
N PRO B 541 7.54 -19.67 -5.91
CA PRO B 541 6.81 -18.43 -6.25
C PRO B 541 5.59 -18.66 -7.15
N MET B 542 4.56 -17.84 -6.98
CA MET B 542 3.36 -17.97 -7.81
C MET B 542 2.38 -16.81 -7.68
N GLN B 543 1.56 -16.66 -8.72
CA GLN B 543 0.57 -15.60 -8.80
C GLN B 543 0.03 -15.04 -7.49
N LYS B 544 -0.02 -15.83 -6.45
CA LYS B 544 -0.55 -15.33 -5.18
C LYS B 544 0.46 -14.93 -4.13
N TYR B 545 1.56 -15.67 -4.03
CA TYR B 545 2.58 -15.37 -3.05
C TYR B 545 3.86 -16.12 -3.36
N VAL B 546 4.81 -16.02 -2.45
CA VAL B 546 6.08 -16.71 -2.54
C VAL B 546 5.97 -17.77 -1.44
N LEU B 547 5.01 -18.67 -1.63
CA LEU B 547 4.72 -19.75 -0.71
C LEU B 547 5.94 -20.44 -0.19
N MET B 548 5.91 -20.70 1.10
CA MET B 548 6.98 -21.40 1.77
C MET B 548 6.26 -22.52 2.52
N VAL B 549 5.95 -23.59 1.79
CA VAL B 549 5.25 -24.71 2.35
C VAL B 549 6.21 -25.51 3.24
N THR B 550 5.73 -25.86 4.43
CA THR B 550 6.52 -26.63 5.40
C THR B 550 5.55 -27.50 6.17
N ALA B 551 5.96 -28.73 6.45
CA ALA B 551 5.10 -29.65 7.19
C ALA B 551 5.35 -29.56 8.69
N SER B 552 4.28 -29.46 9.45
CA SER B 552 4.37 -29.38 10.90
C SER B 552 4.55 -30.78 11.46
N ILE B 553 4.19 -31.78 10.66
CA ILE B 553 4.29 -33.17 11.07
C ILE B 553 3.25 -33.40 12.17
N GLY B 554 1.98 -33.19 11.81
CA GLY B 554 0.89 -33.38 12.76
C GLY B 554 0.85 -32.30 13.81
N HIS B 555 0.18 -32.58 14.93
CA HIS B 555 0.06 -31.61 16.03
C HIS B 555 1.43 -31.18 16.52
N VAL B 556 1.57 -29.89 16.81
CA VAL B 556 2.82 -29.33 17.30
C VAL B 556 2.90 -29.58 18.79
N VAL B 557 1.73 -29.67 19.42
CA VAL B 557 1.67 -29.93 20.85
C VAL B 557 0.55 -30.91 21.18
N ASP B 558 0.38 -31.16 22.47
CA ASP B 558 -0.65 -32.05 22.95
C ASP B 558 -0.85 -31.80 24.43
N LEU B 559 -2.01 -32.20 24.94
CA LEU B 559 -2.31 -31.98 26.34
C LEU B 559 -1.21 -32.57 27.22
N ILE B 560 -0.81 -31.78 28.20
CA ILE B 560 0.21 -32.16 29.16
C ILE B 560 -0.35 -33.29 30.03
N THR B 561 0.45 -33.79 30.95
CA THR B 561 0.01 -34.89 31.84
C THR B 561 0.29 -34.61 33.32
N ASN B 562 0.75 -33.41 33.64
CA ASN B 562 1.05 -33.07 35.02
C ASN B 562 0.22 -31.88 35.51
N ARG B 563 0.54 -30.69 35.01
CA ARG B 563 -0.19 -29.48 35.38
C ARG B 563 -1.69 -29.80 35.50
N GLY B 564 -2.35 -29.19 36.49
CA GLY B 564 -3.78 -29.38 36.70
C GLY B 564 -4.28 -30.81 36.69
N PHE B 565 -5.59 -30.96 36.81
CA PHE B 565 -6.23 -32.26 36.83
C PHE B 565 -6.11 -32.94 35.46
N HIS B 566 -5.09 -33.76 35.30
CA HIS B 566 -4.87 -34.47 34.04
C HIS B 566 -4.77 -33.57 32.83
N GLY B 567 -4.04 -32.46 32.99
CA GLY B 567 -3.86 -31.54 31.88
C GLY B 567 -4.71 -30.29 31.93
N VAL B 568 -5.71 -30.26 32.81
CA VAL B 568 -6.58 -29.09 32.91
C VAL B 568 -6.52 -28.44 34.29
N LEU B 569 -6.60 -27.11 34.33
CA LEU B 569 -6.59 -26.39 35.59
C LEU B 569 -8.06 -26.16 35.99
N VAL B 570 -8.49 -26.77 37.09
CA VAL B 570 -9.87 -26.65 37.53
C VAL B 570 -10.13 -25.56 38.55
N ASN B 571 -11.12 -25.81 39.42
CA ASN B 571 -11.52 -24.86 40.45
C ASN B 571 -12.27 -23.71 39.81
N GLY B 572 -13.47 -23.98 39.30
CA GLY B 572 -14.24 -22.94 38.64
C GLY B 572 -13.35 -22.31 37.58
N ARG B 573 -12.72 -23.18 36.78
CA ARG B 573 -11.81 -22.73 35.72
C ARG B 573 -11.91 -23.52 34.41
N PHE B 574 -11.20 -24.63 34.34
CA PHE B 574 -11.15 -25.45 33.13
C PHE B 574 -10.23 -24.76 32.13
N VAL B 575 -8.92 -24.88 32.33
CA VAL B 575 -7.97 -24.23 31.44
C VAL B 575 -7.00 -25.25 30.85
N PRO B 576 -7.09 -25.47 29.53
CA PRO B 576 -6.21 -26.41 28.84
C PRO B 576 -4.74 -26.03 28.97
N VAL B 577 -3.91 -27.03 29.23
CA VAL B 577 -2.48 -26.82 29.36
C VAL B 577 -1.82 -27.63 28.28
N TYR B 578 -1.11 -26.95 27.39
CA TYR B 578 -0.43 -27.66 26.33
C TYR B 578 1.08 -27.62 26.45
N ALA B 579 1.71 -28.69 25.99
CA ALA B 579 3.16 -28.81 26.03
C ALA B 579 3.67 -29.47 24.76
N SER B 580 4.97 -29.35 24.52
CA SER B 580 5.62 -29.93 23.34
C SER B 580 5.26 -31.41 23.19
N ILE B 581 5.84 -32.10 22.20
CA ILE B 581 5.52 -33.50 22.01
C ILE B 581 6.76 -34.41 21.95
N LYS B 582 6.56 -35.67 22.31
CA LYS B 582 7.61 -36.69 22.33
C LYS B 582 8.55 -36.50 23.50
N ARG B 583 9.18 -35.33 23.62
CA ARG B 583 10.07 -35.10 24.75
C ARG B 583 9.21 -34.58 25.88
N CYS B 584 7.90 -34.71 25.69
CA CYS B 584 6.92 -34.26 26.68
C CYS B 584 5.65 -35.11 26.57
N ARG B 585 5.82 -36.37 26.17
CA ARG B 585 4.71 -37.32 26.02
C ARG B 585 3.85 -36.97 24.81
N VAL B 606 13.99 -39.71 17.85
CA VAL B 606 13.85 -39.10 19.18
C VAL B 606 13.95 -37.57 19.14
N ASP B 607 12.98 -36.94 18.46
CA ASP B 607 12.93 -35.48 18.32
C ASP B 607 11.75 -34.91 19.10
N ASN B 608 11.91 -33.68 19.56
CA ASN B 608 10.85 -33.01 20.33
C ASN B 608 10.16 -31.99 19.45
N SER B 609 8.85 -32.14 19.29
CA SER B 609 8.09 -31.22 18.46
C SER B 609 8.36 -29.77 18.88
N ARG B 610 9.01 -29.58 20.02
CA ARG B 610 9.32 -28.23 20.49
C ARG B 610 10.22 -27.51 19.51
N SER B 611 10.96 -28.27 18.71
CA SER B 611 11.86 -27.67 17.74
C SER B 611 11.07 -27.11 16.56
N ARG B 612 10.16 -27.91 16.04
CA ARG B 612 9.33 -27.50 14.91
C ARG B 612 8.75 -26.13 15.21
N ILE B 613 8.12 -26.02 16.38
CA ILE B 613 7.51 -24.78 16.82
C ILE B 613 8.58 -23.71 16.75
N GLU B 614 9.68 -24.00 17.42
CA GLU B 614 10.80 -23.09 17.47
C GLU B 614 11.31 -22.76 16.07
N ALA B 615 11.11 -23.70 15.14
CA ALA B 615 11.54 -23.51 13.76
C ALA B 615 10.51 -22.67 13.04
N LEU B 616 9.26 -23.11 13.08
CA LEU B 616 8.17 -22.41 12.44
C LEU B 616 8.15 -20.93 12.80
N ARG B 617 8.08 -20.62 14.09
CA ARG B 617 8.04 -19.23 14.54
C ARG B 617 9.08 -18.42 13.78
N LYS B 618 10.18 -19.07 13.40
CA LYS B 618 11.26 -18.42 12.66
C LYS B 618 10.85 -18.10 11.23
N LEU B 619 10.24 -19.08 10.57
CA LEU B 619 9.77 -18.89 9.21
C LEU B 619 8.79 -17.74 9.31
N ALA B 620 7.72 -17.99 10.06
CA ALA B 620 6.66 -17.00 10.28
C ALA B 620 7.27 -15.63 10.51
N HIS B 621 8.40 -15.61 11.21
CA HIS B 621 9.09 -14.35 11.49
C HIS B 621 9.48 -13.67 10.17
N ASP B 622 10.14 -14.42 9.30
CA ASP B 622 10.59 -13.93 8.00
C ASP B 622 9.51 -13.61 6.98
N ALA B 623 8.29 -14.08 7.22
CA ALA B 623 7.23 -13.81 6.27
C ALA B 623 6.28 -12.78 6.82
N GLU B 624 6.17 -12.74 8.14
CA GLU B 624 5.26 -11.79 8.77
C GLU B 624 3.84 -12.16 8.35
N PHE B 625 3.67 -13.37 7.81
CA PHE B 625 2.36 -13.82 7.34
C PHE B 625 2.27 -15.35 7.23
N VAL B 626 1.27 -15.94 7.88
CA VAL B 626 1.11 -17.39 7.86
C VAL B 626 -0.28 -17.87 7.43
N ILE B 627 -0.31 -19.01 6.74
CA ILE B 627 -1.56 -19.57 6.25
C ILE B 627 -1.65 -21.09 6.47
N VAL B 628 -2.45 -21.48 7.46
CA VAL B 628 -2.62 -22.89 7.78
C VAL B 628 -3.52 -23.55 6.77
N GLY B 629 -3.06 -24.67 6.23
CA GLY B 629 -3.83 -25.41 5.24
C GLY B 629 -4.04 -26.86 5.62
N THR B 630 -4.10 -27.10 6.94
CA THR B 630 -4.29 -28.44 7.46
C THR B 630 -5.57 -29.10 6.91
N ASP B 631 -6.07 -30.11 7.63
CA ASP B 631 -7.29 -30.80 7.21
C ASP B 631 -8.51 -29.96 7.54
N PRO B 632 -9.53 -30.00 6.68
CA PRO B 632 -10.77 -29.23 6.88
C PRO B 632 -11.66 -29.71 8.03
N ASP B 633 -11.03 -30.17 9.11
CA ASP B 633 -11.78 -30.64 10.28
C ASP B 633 -11.42 -29.90 11.56
N THR B 634 -11.94 -30.36 12.68
CA THR B 634 -11.65 -29.72 13.95
C THR B 634 -10.19 -29.89 14.36
N GLU B 635 -9.65 -31.11 14.28
CA GLU B 635 -8.26 -31.34 14.65
C GLU B 635 -7.39 -30.46 13.76
N GLY B 636 -7.80 -30.33 12.51
CA GLY B 636 -7.05 -29.49 11.59
C GLY B 636 -7.13 -28.07 12.10
N GLU B 637 -8.35 -27.59 12.30
CA GLU B 637 -8.53 -26.24 12.79
C GLU B 637 -7.78 -26.04 14.10
N LYS B 638 -7.70 -27.10 14.90
CA LYS B 638 -7.00 -27.03 16.18
C LYS B 638 -5.54 -26.70 15.96
N ILE B 639 -4.90 -27.41 15.05
CA ILE B 639 -3.51 -27.14 14.81
C ILE B 639 -3.33 -25.66 14.53
N ALA B 640 -4.06 -25.16 13.55
CA ALA B 640 -3.97 -23.75 13.17
C ALA B 640 -4.13 -22.90 14.42
N TRP B 641 -5.12 -23.25 15.22
CA TRP B 641 -5.39 -22.50 16.44
C TRP B 641 -4.10 -22.32 17.24
N ASP B 642 -3.48 -23.44 17.60
CA ASP B 642 -2.24 -23.43 18.36
C ASP B 642 -1.29 -22.45 17.68
N LEU B 643 -1.09 -22.68 16.38
CA LEU B 643 -0.21 -21.86 15.56
C LEU B 643 -0.51 -20.37 15.67
N LYS B 644 -1.79 -20.02 15.67
CA LYS B 644 -2.19 -18.63 15.78
C LYS B 644 -1.50 -18.10 17.02
N ASN B 645 -1.73 -18.78 18.14
CA ASN B 645 -1.15 -18.41 19.43
C ASN B 645 0.37 -18.48 19.38
N LEU B 646 0.87 -19.70 19.35
CA LEU B 646 2.30 -19.96 19.32
C LEU B 646 3.12 -18.97 18.52
N LEU B 647 2.62 -18.55 17.38
CA LEU B 647 3.38 -17.61 16.55
C LEU B 647 2.89 -16.18 16.71
N SER B 648 2.34 -15.86 17.88
CA SER B 648 1.83 -14.51 18.14
C SER B 648 2.82 -13.42 17.71
N GLY B 649 2.26 -12.30 17.29
CA GLY B 649 3.07 -11.18 16.88
C GLY B 649 3.82 -11.36 15.58
N CYS B 650 4.34 -12.56 15.34
CA CYS B 650 5.10 -12.83 14.12
C CYS B 650 4.47 -12.38 12.84
N GLY B 651 3.15 -12.49 12.77
CA GLY B 651 2.47 -12.05 11.57
C GLY B 651 1.05 -12.56 11.49
N ALA B 652 0.31 -12.02 10.54
CA ALA B 652 -1.07 -12.43 10.33
C ALA B 652 -1.06 -13.93 10.10
N VAL B 653 -2.03 -14.60 10.71
CA VAL B 653 -2.14 -16.04 10.59
C VAL B 653 -3.53 -16.38 10.11
N LYS B 654 -3.71 -16.41 8.80
CA LYS B 654 -5.01 -16.74 8.22
C LYS B 654 -5.13 -18.23 7.95
N ARG B 655 -6.37 -18.69 7.82
CA ARG B 655 -6.65 -20.09 7.57
C ARG B 655 -7.21 -20.36 6.17
N ALA B 656 -6.55 -21.23 5.43
CA ALA B 656 -6.97 -21.60 4.09
C ALA B 656 -7.82 -22.85 4.27
N GLU B 657 -8.94 -22.91 3.56
CA GLU B 657 -9.81 -24.07 3.67
C GLU B 657 -10.17 -24.70 2.33
N PHE B 658 -9.78 -25.95 2.16
CA PHE B 658 -10.06 -26.67 0.92
C PHE B 658 -10.29 -28.15 1.23
N HIS B 659 -11.20 -28.78 0.52
CA HIS B 659 -11.52 -30.18 0.76
C HIS B 659 -10.84 -31.19 -0.16
N GLU B 660 -9.85 -30.74 -0.94
CA GLU B 660 -9.12 -31.62 -1.86
C GLU B 660 -7.75 -30.99 -2.17
N VAL B 661 -6.75 -31.82 -2.44
CA VAL B 661 -5.41 -31.32 -2.70
C VAL B 661 -5.10 -31.15 -4.17
N THR B 662 -5.61 -30.07 -4.75
CA THR B 662 -5.39 -29.82 -6.16
C THR B 662 -5.09 -28.36 -6.40
N ARG B 663 -4.19 -28.12 -7.35
CA ARG B 663 -3.82 -26.76 -7.72
C ARG B 663 -5.04 -25.86 -7.57
N ARG B 664 -6.05 -26.07 -8.42
CA ARG B 664 -7.26 -25.27 -8.38
C ARG B 664 -7.82 -25.07 -6.98
N ALA B 665 -8.14 -26.17 -6.31
CA ALA B 665 -8.69 -26.11 -4.98
C ALA B 665 -7.84 -25.20 -4.10
N ILE B 666 -6.53 -25.36 -4.20
CA ILE B 666 -5.64 -24.52 -3.42
C ILE B 666 -5.96 -23.08 -3.79
N LEU B 667 -5.55 -22.66 -4.98
CA LEU B 667 -5.80 -21.30 -5.45
C LEU B 667 -7.12 -20.74 -4.91
N GLU B 668 -8.21 -21.46 -5.17
CA GLU B 668 -9.53 -21.04 -4.71
C GLU B 668 -9.43 -20.58 -3.28
N ALA B 669 -8.87 -21.43 -2.44
CA ALA B 669 -8.69 -21.13 -1.04
C ALA B 669 -7.95 -19.82 -0.87
N LEU B 670 -6.82 -19.70 -1.55
CA LEU B 670 -6.01 -18.49 -1.45
C LEU B 670 -6.79 -17.24 -1.81
N GLU B 671 -8.00 -17.42 -2.31
CA GLU B 671 -8.85 -16.32 -2.70
C GLU B 671 -10.02 -16.19 -1.74
N SER B 672 -10.02 -17.02 -0.71
CA SER B 672 -11.08 -17.03 0.29
C SER B 672 -10.60 -17.50 1.66
N LEU B 673 -9.56 -16.85 2.17
CA LEU B 673 -9.04 -17.21 3.48
C LEU B 673 -10.04 -16.78 4.54
N ARG B 674 -9.85 -17.27 5.75
CA ARG B 674 -10.72 -16.90 6.86
C ARG B 674 -9.88 -16.98 8.12
N ASP B 675 -10.49 -16.73 9.27
CA ASP B 675 -9.75 -16.81 10.52
C ASP B 675 -10.11 -18.10 11.23
N VAL B 676 -9.27 -18.49 12.18
CA VAL B 676 -9.49 -19.73 12.94
C VAL B 676 -10.91 -19.83 13.49
N ASP B 677 -11.66 -20.83 13.03
CA ASP B 677 -13.03 -21.02 13.47
C ASP B 677 -13.07 -21.57 14.89
N GLU B 678 -13.02 -20.64 15.84
CA GLU B 678 -13.05 -20.98 17.26
C GLU B 678 -13.95 -22.17 17.53
N ASN B 679 -15.20 -22.07 17.11
CA ASN B 679 -16.18 -23.13 17.30
C ASN B 679 -15.62 -24.52 17.08
N LEU B 680 -14.89 -24.71 15.99
CA LEU B 680 -14.31 -26.02 15.73
C LEU B 680 -13.38 -26.37 16.87
N VAL B 681 -12.44 -25.47 17.16
CA VAL B 681 -11.48 -25.71 18.22
C VAL B 681 -12.12 -26.31 19.45
N LYS B 682 -13.08 -25.58 20.02
CA LYS B 682 -13.78 -26.00 21.23
C LYS B 682 -14.23 -27.45 21.19
N ALA B 683 -14.92 -27.83 20.13
CA ALA B 683 -15.35 -29.22 20.02
C ALA B 683 -14.09 -30.08 19.98
N GLN B 684 -13.05 -29.59 19.30
CA GLN B 684 -11.78 -30.30 19.18
C GLN B 684 -11.19 -30.49 20.56
N VAL B 685 -11.22 -29.45 21.37
CA VAL B 685 -10.70 -29.51 22.74
C VAL B 685 -11.53 -30.50 23.58
N VAL B 686 -12.76 -30.12 23.89
CA VAL B 686 -13.67 -30.95 24.67
C VAL B 686 -13.49 -32.40 24.27
N ARG B 687 -13.80 -32.67 23.01
CA ARG B 687 -13.68 -34.00 22.40
C ARG B 687 -12.44 -34.68 22.96
N ARG B 688 -11.34 -33.93 22.95
CA ARG B 688 -10.09 -34.44 23.45
C ARG B 688 -10.16 -34.78 24.93
N ILE B 689 -10.52 -33.79 25.73
CA ILE B 689 -10.60 -33.96 27.17
C ILE B 689 -11.42 -35.17 27.64
N GLU B 690 -12.52 -35.48 26.97
CA GLU B 690 -13.28 -36.64 27.38
C GLU B 690 -12.36 -37.86 27.32
N ASP B 691 -11.93 -38.21 26.10
CA ASP B 691 -11.05 -39.34 25.91
C ASP B 691 -9.94 -39.36 26.94
N ARG B 692 -9.55 -38.17 27.41
CA ARG B 692 -8.51 -38.08 28.43
C ARG B 692 -9.06 -38.50 29.78
N TRP B 693 -10.00 -37.73 30.32
CA TRP B 693 -10.58 -38.08 31.61
C TRP B 693 -11.25 -39.44 31.61
N ILE B 694 -12.40 -39.53 30.98
CA ILE B 694 -13.15 -40.76 30.93
C ILE B 694 -12.31 -41.92 30.40
N GLY B 695 -11.41 -41.62 29.47
CA GLY B 695 -10.58 -42.68 28.93
C GLY B 695 -9.59 -43.15 29.96
N PHE B 696 -8.95 -42.20 30.65
CA PHE B 696 -7.93 -42.49 31.66
C PHE B 696 -8.50 -43.23 32.87
N VAL B 697 -9.32 -42.54 33.65
CA VAL B 697 -9.93 -43.08 34.86
C VAL B 697 -10.47 -44.50 34.73
N LEU B 698 -11.26 -44.75 33.70
CA LEU B 698 -11.79 -46.08 33.47
C LEU B 698 -10.61 -47.05 33.30
N SER B 699 -9.84 -46.84 32.23
CA SER B 699 -8.68 -47.70 31.94
C SER B 699 -7.85 -47.93 33.20
N GLN B 700 -7.86 -46.96 34.11
CA GLN B 700 -7.12 -47.09 35.35
C GLN B 700 -7.76 -48.21 36.17
N LYS B 701 -9.08 -48.15 36.28
CA LYS B 701 -9.85 -49.14 37.03
C LYS B 701 -9.55 -50.54 36.52
N LEU B 702 -9.31 -50.66 35.21
CA LEU B 702 -8.99 -51.95 34.61
C LEU B 702 -7.60 -52.39 35.01
N TRP B 703 -6.82 -51.46 35.56
CA TRP B 703 -5.46 -51.77 36.00
C TRP B 703 -5.46 -52.09 37.49
N GLU B 704 -6.43 -51.54 38.21
CA GLU B 704 -6.54 -51.77 39.64
C GLU B 704 -6.88 -53.22 39.91
N ARG B 705 -8.01 -53.66 39.37
CA ARG B 705 -8.42 -55.05 39.54
C ARG B 705 -7.84 -55.80 38.35
N PHE B 706 -7.30 -56.98 38.55
CA PHE B 706 -6.79 -57.74 37.41
C PHE B 706 -5.43 -57.16 36.97
N ASN B 707 -4.64 -56.68 37.95
CA ASN B 707 -3.33 -56.07 37.69
C ASN B 707 -2.64 -56.45 36.38
N ASN B 708 -3.04 -55.79 35.30
CA ASN B 708 -2.45 -56.02 33.99
C ASN B 708 -2.59 -54.73 33.21
N ARG B 709 -1.54 -53.92 33.23
CA ARG B 709 -1.57 -52.67 32.51
C ARG B 709 -1.69 -53.02 31.04
N ASN B 710 -1.47 -52.06 30.16
CA ASN B 710 -1.58 -52.33 28.74
C ASN B 710 -3.04 -52.62 28.38
N LEU B 711 -3.94 -52.31 29.30
CA LEU B 711 -5.36 -52.50 29.09
C LEU B 711 -5.92 -51.13 28.73
N SER B 712 -7.19 -51.08 28.30
CA SER B 712 -7.76 -49.80 27.94
C SER B 712 -9.28 -49.79 27.90
N ALA B 713 -9.84 -48.62 28.23
CA ALA B 713 -11.28 -48.40 28.22
C ALA B 713 -11.55 -47.21 27.31
N GLY B 714 -12.67 -47.25 26.58
CA GLY B 714 -12.96 -46.15 25.69
C GLY B 714 -14.43 -45.79 25.56
N ARG B 715 -15.25 -46.20 26.52
CA ARG B 715 -16.67 -45.90 26.48
C ARG B 715 -17.26 -46.38 25.16
N ALA B 716 -17.11 -45.57 24.13
CA ALA B 716 -17.61 -45.92 22.81
C ALA B 716 -17.16 -47.33 22.43
N GLN B 717 -15.91 -47.68 22.79
CA GLN B 717 -15.37 -48.99 22.47
C GLN B 717 -15.91 -50.09 23.38
N THR B 718 -16.30 -49.69 24.59
CA THR B 718 -16.88 -50.64 25.51
C THR B 718 -18.23 -51.00 24.91
N LEU B 719 -19.05 -49.96 24.70
CA LEU B 719 -20.37 -50.12 24.13
C LEU B 719 -20.38 -51.04 22.94
N VAL B 720 -19.58 -50.71 21.92
CA VAL B 720 -19.51 -51.52 20.73
C VAL B 720 -19.08 -52.92 21.12
N LEU B 721 -18.04 -52.99 21.95
CA LEU B 721 -17.53 -54.28 22.42
C LEU B 721 -18.74 -55.13 22.78
N GLY B 722 -19.67 -54.50 23.49
CA GLY B 722 -20.89 -55.19 23.90
C GLY B 722 -21.62 -55.79 22.73
N TRP B 723 -22.06 -54.97 21.78
CA TRP B 723 -22.79 -55.49 20.63
C TRP B 723 -21.98 -56.57 19.93
N ILE B 724 -20.66 -56.51 20.08
CA ILE B 724 -19.79 -57.50 19.45
C ILE B 724 -20.04 -58.88 20.05
N ILE B 725 -20.40 -58.88 21.32
CA ILE B 725 -20.69 -60.10 22.07
C ILE B 725 -22.16 -60.47 21.89
N ASP B 726 -23.03 -59.47 22.03
CA ASP B 726 -24.48 -59.68 21.89
C ASP B 726 -24.80 -59.95 20.42
N ARG B 727 -24.00 -60.84 19.83
CA ARG B 727 -24.15 -61.25 18.45
C ARG B 727 -23.50 -62.61 18.35
N PHE B 728 -22.51 -62.82 19.21
CA PHE B 728 -21.78 -64.08 19.26
C PHE B 728 -22.64 -65.08 20.02
N GLN B 729 -23.11 -64.66 21.19
CA GLN B 729 -23.95 -65.53 22.02
C GLN B 729 -25.23 -65.92 21.29
N GLU B 730 -25.55 -65.20 20.23
CA GLU B 730 -26.76 -65.46 19.43
C GLU B 730 -26.47 -66.24 18.16
N SER B 731 -25.22 -66.63 17.95
CA SER B 731 -24.88 -67.36 16.72
C SER B 731 -24.91 -68.88 16.80
N ARG B 732 -24.44 -69.45 17.90
CA ARG B 732 -24.37 -70.91 18.07
C ARG B 732 -25.72 -71.62 18.09
N GLU B 733 -26.76 -71.02 17.54
CA GLU B 733 -28.07 -71.65 17.58
C GLU B 733 -28.71 -71.94 16.22
N ARG B 734 -29.98 -72.32 16.26
CA ARG B 734 -30.77 -72.65 15.07
C ARG B 734 -29.99 -73.23 13.90
N ARG B 735 -29.34 -74.37 14.13
CA ARG B 735 -28.55 -75.05 13.12
C ARG B 735 -29.45 -75.67 12.05
N LYS B 736 -30.51 -74.97 11.67
CA LYS B 736 -31.47 -75.45 10.68
C LYS B 736 -31.05 -75.30 9.22
N ILE B 737 -32.06 -75.08 8.38
CA ILE B 737 -31.91 -74.87 6.94
C ILE B 737 -31.32 -76.00 6.11
N ALA B 738 -31.72 -76.03 4.85
CA ALA B 738 -31.26 -77.04 3.90
C ALA B 738 -30.85 -76.32 2.62
N ILE B 739 -30.11 -76.99 1.74
CA ILE B 739 -29.64 -76.38 0.50
C ILE B 739 -30.04 -77.19 -0.72
N VAL B 740 -30.79 -76.58 -1.63
CA VAL B 740 -31.20 -77.26 -2.85
C VAL B 740 -29.94 -77.46 -3.70
N ARG B 741 -30.04 -78.25 -4.76
CA ARG B 741 -28.88 -78.49 -5.60
C ARG B 741 -28.83 -77.63 -6.87
N ASP B 742 -29.99 -77.35 -7.45
CA ASP B 742 -30.04 -76.54 -8.67
C ASP B 742 -30.47 -75.08 -8.44
N PHE B 743 -31.45 -74.88 -7.55
CA PHE B 743 -31.96 -73.54 -7.26
C PHE B 743 -31.19 -72.90 -6.11
N ASP B 744 -30.91 -71.61 -6.23
CA ASP B 744 -30.18 -70.88 -5.19
C ASP B 744 -31.05 -70.77 -3.94
N LEU B 745 -31.89 -71.77 -3.72
CA LEU B 745 -32.79 -71.78 -2.57
C LEU B 745 -32.10 -72.08 -1.25
N VAL B 746 -32.62 -71.47 -0.19
CA VAL B 746 -32.11 -71.65 1.16
C VAL B 746 -33.30 -71.56 2.12
N LEU B 747 -33.84 -72.72 2.51
CA LEU B 747 -34.99 -72.79 3.41
C LEU B 747 -34.62 -73.39 4.75
N ASP B 750 -35.72 -79.37 7.36
CA ASP B 750 -34.80 -80.38 7.90
C ASP B 750 -34.96 -81.73 7.21
N GLU B 751 -35.47 -81.72 5.98
CA GLU B 751 -35.67 -82.95 5.22
C GLU B 751 -34.74 -83.05 4.01
N GLU B 752 -34.15 -84.22 3.83
CA GLU B 752 -33.22 -84.49 2.72
C GLU B 752 -33.93 -84.31 1.38
N GLU B 753 -34.58 -85.37 0.90
CA GLU B 753 -35.31 -85.32 -0.36
C GLU B 753 -36.72 -84.82 -0.05
N PHE B 754 -37.37 -84.25 -1.06
CA PHE B 754 -38.74 -83.76 -0.88
C PHE B 754 -39.31 -83.24 -2.19
N ASP B 755 -40.47 -82.60 -2.11
CA ASP B 755 -41.16 -82.07 -3.28
C ASP B 755 -41.56 -80.61 -3.00
N LEU B 756 -40.91 -79.68 -3.69
CA LEU B 756 -41.19 -78.25 -3.51
C LEU B 756 -42.14 -77.69 -4.57
N THR B 757 -42.77 -76.56 -4.25
CA THR B 757 -43.70 -75.92 -5.17
C THR B 757 -43.36 -74.45 -5.43
N ILE B 758 -43.05 -74.13 -6.69
CA ILE B 758 -42.71 -72.76 -7.07
C ILE B 758 -43.94 -72.10 -7.70
N LYS B 759 -44.58 -71.19 -6.97
CA LYS B 759 -45.77 -70.52 -7.50
C LYS B 759 -45.46 -69.07 -7.88
N LEU B 760 -45.33 -68.81 -9.19
CA LEU B 760 -45.05 -67.46 -9.70
C LEU B 760 -46.15 -66.49 -9.31
N VAL B 761 -45.83 -65.51 -8.49
CA VAL B 761 -46.84 -64.54 -8.10
C VAL B 761 -46.58 -63.23 -8.82
N GLU B 762 -45.77 -62.37 -8.22
CA GLU B 762 -45.46 -61.08 -8.80
C GLU B 762 -44.20 -61.13 -9.67
N GLU B 763 -44.06 -60.11 -10.53
CA GLU B 763 -42.92 -59.99 -11.43
C GLU B 763 -42.93 -58.60 -12.06
N ARG B 764 -42.55 -57.60 -11.29
CA ARG B 764 -42.54 -56.23 -11.79
C ARG B 764 -41.19 -55.79 -12.32
N GLU B 765 -41.20 -54.70 -13.10
CA GLU B 765 -39.99 -54.14 -13.68
C GLU B 765 -39.78 -52.73 -13.14
N GLU B 766 -39.01 -52.64 -12.07
CA GLU B 766 -38.74 -51.36 -11.42
C GLU B 766 -37.47 -50.69 -11.93
N LEU B 767 -37.49 -49.36 -11.89
CA LEU B 767 -36.38 -48.53 -12.32
C LEU B 767 -36.12 -47.55 -11.19
N ARG B 768 -34.95 -47.66 -10.57
CA ARG B 768 -34.60 -46.80 -9.43
C ARG B 768 -33.28 -46.04 -9.45
N THR B 769 -33.15 -45.13 -8.50
CA THR B 769 -31.97 -44.29 -8.33
C THR B 769 -30.89 -45.06 -7.56
N PRO B 770 -29.62 -44.93 -7.99
CA PRO B 770 -28.48 -45.60 -7.34
C PRO B 770 -28.30 -45.21 -5.86
N LEU B 771 -27.10 -45.46 -5.35
CA LEU B 771 -26.81 -45.13 -3.97
C LEU B 771 -26.08 -43.79 -3.88
N PRO B 772 -26.15 -43.13 -2.71
CA PRO B 772 -25.50 -41.83 -2.50
C PRO B 772 -24.00 -41.92 -2.70
N PRO B 773 -23.28 -40.79 -2.59
CA PRO B 773 -21.83 -40.86 -2.76
C PRO B 773 -21.27 -41.44 -1.46
N TYR B 774 -20.14 -42.13 -1.56
CA TYR B 774 -19.54 -42.73 -0.38
C TYR B 774 -19.33 -41.71 0.73
N THR B 775 -19.49 -42.16 1.97
CA THR B 775 -19.30 -41.30 3.14
C THR B 775 -18.39 -42.17 3.99
N THR B 776 -17.54 -41.59 4.82
CA THR B 776 -16.65 -42.39 5.66
C THR B 776 -17.32 -43.70 6.11
N GLU B 777 -18.51 -43.59 6.68
CA GLU B 777 -19.27 -44.75 7.14
C GLU B 777 -19.36 -45.80 6.04
N THR B 778 -20.24 -45.56 5.07
CA THR B 778 -20.44 -46.47 3.97
C THR B 778 -19.14 -46.91 3.29
N MET B 779 -18.13 -46.04 3.30
CA MET B 779 -16.85 -46.40 2.69
C MET B 779 -16.20 -47.57 3.41
N LEU B 780 -15.94 -47.40 4.70
CA LEU B 780 -15.33 -48.45 5.50
C LEU B 780 -16.08 -49.77 5.36
N SER B 781 -17.38 -49.67 5.12
CA SER B 781 -18.23 -50.84 4.96
C SER B 781 -17.92 -51.60 3.68
N ASP B 782 -18.14 -50.95 2.53
CA ASP B 782 -17.87 -51.60 1.25
C ASP B 782 -16.41 -52.01 1.15
N ALA B 783 -15.55 -51.29 1.87
CA ALA B 783 -14.12 -51.59 1.88
C ALA B 783 -13.91 -52.89 2.64
N ASN B 784 -14.84 -53.20 3.54
CA ASN B 784 -14.75 -54.42 4.32
C ASN B 784 -15.52 -55.55 3.65
N ARG B 785 -16.57 -55.21 2.91
CA ARG B 785 -17.39 -56.21 2.23
C ARG B 785 -16.79 -56.66 0.90
N ILE B 786 -16.56 -55.74 -0.03
CA ILE B 786 -15.99 -56.10 -1.34
C ILE B 786 -14.51 -56.40 -1.15
N LEU B 787 -13.74 -55.37 -0.81
CA LEU B 787 -12.32 -55.57 -0.57
C LEU B 787 -12.32 -56.13 0.85
N LYS B 788 -11.29 -56.87 1.21
CA LYS B 788 -11.21 -57.43 2.55
C LYS B 788 -10.30 -56.59 3.42
N PHE B 789 -10.39 -55.27 3.27
CA PHE B 789 -9.57 -54.37 4.04
C PHE B 789 -10.12 -54.10 5.43
N SER B 790 -9.23 -53.98 6.40
CA SER B 790 -9.64 -53.70 7.76
C SER B 790 -9.97 -52.21 7.82
N VAL B 791 -10.96 -51.86 8.63
CA VAL B 791 -11.34 -50.47 8.76
C VAL B 791 -10.12 -49.56 8.96
N LYS B 792 -9.14 -50.01 9.76
CA LYS B 792 -7.93 -49.21 9.99
C LYS B 792 -7.12 -49.02 8.72
N GLN B 793 -7.12 -50.04 7.88
CA GLN B 793 -6.39 -49.98 6.63
C GLN B 793 -7.04 -48.99 5.66
N THR B 794 -8.28 -49.25 5.30
CA THR B 794 -9.01 -48.39 4.39
C THR B 794 -8.73 -46.93 4.69
N MET B 795 -8.80 -46.55 5.97
CA MET B 795 -8.53 -45.17 6.37
C MET B 795 -7.14 -44.76 5.91
N GLN B 796 -6.13 -45.45 6.40
CA GLN B 796 -4.74 -45.17 6.06
C GLN B 796 -4.62 -44.99 4.56
N ILE B 797 -5.32 -45.83 3.81
CA ILE B 797 -5.32 -45.77 2.35
C ILE B 797 -6.09 -44.51 1.92
N ALA B 798 -7.19 -44.26 2.62
CA ALA B 798 -8.02 -43.10 2.32
C ALA B 798 -7.21 -41.84 2.47
N GLN B 799 -6.39 -41.79 3.50
CA GLN B 799 -5.55 -40.64 3.74
C GLN B 799 -4.58 -40.46 2.56
N GLU B 800 -3.62 -41.37 2.46
CA GLU B 800 -2.63 -41.34 1.39
C GLU B 800 -3.28 -41.06 0.04
N LEU B 801 -4.55 -41.41 -0.10
CA LEU B 801 -5.26 -41.17 -1.35
C LEU B 801 -5.58 -39.68 -1.44
N PHE B 802 -6.19 -39.18 -0.37
CA PHE B 802 -6.54 -37.77 -0.24
C PHE B 802 -5.28 -36.92 -0.39
N GLU B 803 -4.20 -37.38 0.23
CA GLU B 803 -2.93 -36.67 0.20
C GLU B 803 -2.27 -36.60 -1.16
N ASN B 804 -2.88 -37.21 -2.16
CA ASN B 804 -2.29 -37.14 -3.47
C ASN B 804 -3.31 -36.59 -4.44
N GLY B 805 -4.18 -35.73 -3.92
CA GLY B 805 -5.22 -35.07 -4.71
C GLY B 805 -6.05 -35.92 -5.67
N LEU B 806 -6.36 -37.15 -5.28
CA LEU B 806 -7.15 -38.04 -6.13
C LEU B 806 -8.60 -38.14 -5.67
N ILE B 807 -8.87 -37.81 -4.42
CA ILE B 807 -10.23 -37.88 -3.90
C ILE B 807 -10.40 -36.84 -2.83
N THR B 808 -11.65 -36.40 -2.63
CA THR B 808 -11.90 -35.41 -1.61
C THR B 808 -11.54 -35.97 -0.26
N TYR B 809 -11.59 -35.10 0.75
CA TYR B 809 -11.25 -35.48 2.11
C TYR B 809 -12.02 -36.73 2.54
N HIS B 810 -11.37 -37.61 3.30
CA HIS B 810 -12.01 -38.84 3.72
C HIS B 810 -12.90 -38.76 4.96
N ARG B 811 -12.45 -38.08 6.01
CA ARG B 811 -13.28 -37.96 7.21
C ARG B 811 -14.51 -37.09 6.97
N THR B 812 -15.62 -37.71 6.57
CA THR B 812 -16.85 -36.96 6.30
C THR B 812 -18.14 -37.75 6.56
N ASP B 813 -19.17 -37.02 6.99
CA ASP B 813 -20.46 -37.64 7.27
C ASP B 813 -21.53 -37.03 6.38
N SER B 814 -21.10 -36.27 5.38
CA SER B 814 -22.02 -35.65 4.46
C SER B 814 -22.03 -36.42 3.15
N THR B 815 -23.15 -36.33 2.45
CA THR B 815 -23.30 -37.01 1.17
C THR B 815 -23.24 -35.95 0.10
N ARG B 816 -23.33 -34.69 0.54
CA ARG B 816 -23.33 -33.54 -0.35
C ARG B 816 -22.32 -33.57 -1.50
N VAL B 817 -22.73 -33.03 -2.65
CA VAL B 817 -21.87 -32.96 -3.82
C VAL B 817 -21.75 -31.51 -4.32
N SER B 818 -20.53 -31.00 -4.29
CA SER B 818 -20.23 -29.65 -4.73
C SER B 818 -20.47 -29.56 -6.24
N ASP B 819 -20.97 -28.41 -6.70
CA ASP B 819 -21.21 -28.21 -8.11
C ASP B 819 -20.08 -28.83 -8.91
N VAL B 820 -18.85 -28.55 -8.49
CA VAL B 820 -17.68 -29.07 -9.16
C VAL B 820 -17.76 -30.58 -9.27
N GLY B 821 -18.25 -31.21 -8.21
CA GLY B 821 -18.40 -32.65 -8.22
C GLY B 821 -19.18 -33.11 -9.43
N GLN B 822 -20.39 -32.60 -9.59
CA GLN B 822 -21.23 -32.98 -10.71
C GLN B 822 -20.47 -32.75 -12.03
N ARG B 823 -19.96 -31.54 -12.20
CA ARG B 823 -19.24 -31.17 -13.40
C ARG B 823 -18.18 -32.23 -13.74
N ILE B 824 -17.75 -32.98 -12.74
CA ILE B 824 -16.75 -34.03 -12.96
C ILE B 824 -17.44 -35.26 -13.54
N ALA B 825 -18.61 -35.57 -12.99
CA ALA B 825 -19.36 -36.72 -13.45
C ALA B 825 -19.82 -36.48 -14.87
N LYS B 826 -20.53 -35.38 -15.07
CA LYS B 826 -21.03 -35.03 -16.39
C LYS B 826 -19.98 -35.21 -17.48
N GLU B 827 -18.72 -34.97 -17.16
CA GLU B 827 -17.66 -35.12 -18.13
C GLU B 827 -17.31 -36.57 -18.41
N TYR B 828 -17.68 -37.45 -17.49
CA TYR B 828 -17.39 -38.87 -17.67
C TYR B 828 -18.59 -39.63 -18.21
N LEU B 829 -19.73 -39.44 -17.56
CA LEU B 829 -20.96 -40.11 -17.95
C LEU B 829 -21.48 -39.62 -19.31
N GLY B 830 -21.89 -38.36 -19.39
CA GLY B 830 -22.40 -37.82 -20.65
C GLY B 830 -23.61 -38.61 -21.12
N ASP B 831 -24.74 -37.92 -21.23
CA ASP B 831 -25.99 -38.54 -21.65
C ASP B 831 -26.58 -39.40 -20.53
N ASP B 832 -25.69 -40.02 -19.75
CA ASP B 832 -26.11 -40.86 -18.64
C ASP B 832 -26.00 -40.08 -17.33
N PHE B 833 -25.64 -38.81 -17.44
CA PHE B 833 -25.47 -37.94 -16.29
C PHE B 833 -26.75 -37.22 -15.84
N VAL B 834 -27.12 -37.42 -14.58
CA VAL B 834 -28.31 -36.78 -14.02
C VAL B 834 -27.88 -35.82 -12.91
N GLY B 835 -28.85 -35.17 -12.28
CA GLY B 835 -28.54 -34.25 -11.21
C GLY B 835 -28.16 -34.94 -9.92
N ARG B 836 -28.99 -34.77 -8.89
CA ARG B 836 -28.75 -35.37 -7.59
C ARG B 836 -27.66 -34.70 -6.75
N GLU B 837 -28.06 -33.74 -5.92
CA GLU B 837 -27.11 -33.02 -5.06
C GLU B 837 -26.80 -33.88 -3.85
N TRP B 838 -27.70 -34.82 -3.54
CA TRP B 838 -27.52 -35.71 -2.41
C TRP B 838 -27.22 -34.94 -1.14
N GLY B 839 -28.21 -34.85 -0.26
CA GLY B 839 -28.01 -34.12 0.97
C GLY B 839 -27.86 -32.64 0.68
N GLU B 840 -28.35 -31.80 1.58
CA GLU B 840 -28.26 -30.35 1.42
C GLU B 840 -28.12 -29.71 2.78
N SER B 841 -27.38 -30.39 3.65
CA SER B 841 -27.13 -29.92 5.00
C SER B 841 -25.63 -29.73 5.19
N GLY B 842 -25.23 -29.29 6.39
CA GLY B 842 -23.83 -29.08 6.67
C GLY B 842 -23.10 -28.30 5.59
N ALA B 843 -21.77 -28.28 5.69
CA ALA B 843 -20.93 -27.58 4.73
C ALA B 843 -19.95 -28.62 4.21
N HIS B 844 -20.03 -29.80 4.80
CA HIS B 844 -19.16 -30.89 4.41
C HIS B 844 -19.66 -31.54 3.15
N GLU B 845 -18.76 -32.24 2.46
CA GLU B 845 -19.11 -32.93 1.22
C GLU B 845 -18.59 -34.36 1.20
N CYS B 846 -19.27 -35.19 0.43
CA CYS B 846 -18.91 -36.59 0.28
C CYS B 846 -17.46 -36.84 -0.10
N ILE B 847 -17.12 -38.13 -0.22
CA ILE B 847 -15.80 -38.58 -0.60
C ILE B 847 -15.94 -38.93 -2.07
N ARG B 848 -15.05 -38.44 -2.93
CA ARG B 848 -15.14 -38.76 -4.34
C ARG B 848 -13.89 -38.38 -5.15
N PRO B 849 -13.77 -38.94 -6.36
CA PRO B 849 -12.62 -38.64 -7.21
C PRO B 849 -12.50 -37.15 -7.51
N THR B 850 -11.26 -36.70 -7.58
CA THR B 850 -10.97 -35.31 -7.85
C THR B 850 -11.16 -35.05 -9.34
N ARG B 851 -10.84 -36.03 -10.17
CA ARG B 851 -10.96 -35.89 -11.61
C ARG B 851 -11.66 -37.07 -12.30
N PRO B 852 -12.33 -36.81 -13.43
CA PRO B 852 -13.03 -37.87 -14.14
C PRO B 852 -11.96 -38.81 -14.67
N LEU B 853 -11.49 -39.73 -13.83
CA LEU B 853 -10.45 -40.68 -14.24
C LEU B 853 -10.63 -42.06 -13.62
N THR B 854 -10.88 -43.08 -14.43
CA THR B 854 -11.04 -44.43 -13.90
C THR B 854 -9.69 -44.89 -13.37
N ARG B 855 -9.69 -45.98 -12.60
CA ARG B 855 -8.45 -46.51 -12.04
C ARG B 855 -7.38 -46.66 -13.11
N ASP B 856 -7.73 -47.32 -14.21
CA ASP B 856 -6.77 -47.53 -15.28
C ASP B 856 -6.16 -46.19 -15.65
N ASP B 857 -6.99 -45.29 -16.16
CA ASP B 857 -6.52 -43.96 -16.54
C ASP B 857 -5.50 -43.47 -15.54
N VAL B 858 -5.90 -43.39 -14.28
CA VAL B 858 -5.00 -42.94 -13.23
C VAL B 858 -3.69 -43.71 -13.34
N GLN B 859 -3.76 -45.02 -13.11
CA GLN B 859 -2.58 -45.87 -13.18
C GLN B 859 -1.72 -45.54 -14.39
N ARG B 860 -2.37 -45.37 -15.54
CA ARG B 860 -1.67 -45.04 -16.77
C ARG B 860 -0.96 -43.72 -16.63
N LEU B 861 -1.76 -42.67 -16.47
CA LEU B 861 -1.23 -41.31 -16.31
C LEU B 861 0.01 -41.37 -15.43
N ILE B 862 -0.15 -42.02 -14.27
CA ILE B 862 0.96 -42.14 -13.34
C ILE B 862 2.17 -42.74 -14.04
N GLN B 863 1.96 -43.84 -14.76
CA GLN B 863 3.03 -44.49 -15.48
C GLN B 863 3.58 -43.54 -16.52
N GLU B 864 2.70 -42.75 -17.13
CA GLU B 864 3.10 -41.81 -18.16
C GLU B 864 3.81 -40.57 -17.61
N GLY B 865 3.70 -40.35 -16.31
CA GLY B 865 4.36 -39.22 -15.69
C GLY B 865 3.50 -37.97 -15.58
N VAL B 866 2.24 -38.08 -15.99
CA VAL B 866 1.34 -36.93 -15.92
C VAL B 866 0.98 -36.66 -14.46
N LEU B 867 0.42 -37.65 -13.80
CA LEU B 867 0.06 -37.51 -12.38
C LEU B 867 1.21 -38.06 -11.56
N VAL B 868 1.76 -37.24 -10.69
CA VAL B 868 2.86 -37.66 -9.83
C VAL B 868 2.34 -37.90 -8.43
N VAL B 869 2.82 -38.97 -7.80
CA VAL B 869 2.36 -39.31 -6.45
C VAL B 869 3.41 -40.04 -5.63
N GLU B 870 3.09 -40.28 -4.36
CA GLU B 870 3.98 -40.98 -3.45
C GLU B 870 3.47 -42.38 -3.07
N GLY B 871 4.40 -43.29 -2.80
CA GLY B 871 4.08 -44.65 -2.42
C GLY B 871 2.65 -45.17 -2.50
N LEU B 872 2.19 -45.48 -3.70
CA LEU B 872 0.84 -46.01 -3.90
C LEU B 872 0.88 -47.39 -4.54
N ARG B 873 0.27 -48.38 -3.89
CA ARG B 873 0.26 -49.74 -4.42
C ARG B 873 -1.13 -50.17 -4.90
N TRP B 874 -1.24 -51.39 -5.40
CA TRP B 874 -2.52 -51.91 -5.89
C TRP B 874 -3.67 -51.49 -4.99
N GLU B 875 -3.58 -51.88 -3.71
CA GLU B 875 -4.60 -51.59 -2.70
C GLU B 875 -5.29 -50.24 -2.90
N HIS B 876 -4.47 -49.19 -3.08
CA HIS B 876 -5.00 -47.86 -3.27
C HIS B 876 -6.00 -47.82 -4.44
N PHE B 877 -5.52 -48.13 -5.63
CA PHE B 877 -6.41 -48.13 -6.79
C PHE B 877 -7.53 -49.09 -6.45
N ALA B 878 -7.20 -50.17 -5.77
CA ALA B 878 -8.20 -51.15 -5.39
C ALA B 878 -9.30 -50.34 -4.74
N LEU B 879 -8.90 -49.40 -3.89
CA LEU B 879 -9.85 -48.55 -3.21
C LEU B 879 -10.40 -47.45 -4.13
N TYR B 880 -9.55 -46.53 -4.56
CA TYR B 880 -9.97 -45.46 -5.45
C TYR B 880 -11.05 -45.96 -6.41
N ASP B 881 -10.87 -47.21 -6.84
CA ASP B 881 -11.78 -47.86 -7.78
C ASP B 881 -13.23 -47.83 -7.30
N LEU B 882 -13.44 -48.23 -6.05
CA LEU B 882 -14.78 -48.26 -5.47
C LEU B 882 -15.38 -46.86 -5.31
N ILE B 883 -14.54 -45.90 -4.94
CA ILE B 883 -15.01 -44.53 -4.76
C ILE B 883 -15.51 -44.00 -6.09
N PHE B 884 -14.66 -44.07 -7.11
CA PHE B 884 -15.02 -43.61 -8.45
C PHE B 884 -16.38 -44.16 -8.85
N ARG B 885 -16.48 -45.48 -8.88
CA ARG B 885 -17.72 -46.15 -9.25
C ARG B 885 -18.90 -45.65 -8.43
N ARG B 886 -18.86 -45.90 -7.12
CA ARG B 886 -19.92 -45.48 -6.22
C ARG B 886 -20.41 -44.08 -6.54
N PHE B 887 -19.45 -43.19 -6.78
CA PHE B 887 -19.77 -41.81 -7.12
C PHE B 887 -20.40 -41.69 -8.49
N MET B 888 -19.62 -41.97 -9.53
CA MET B 888 -20.11 -41.88 -10.90
C MET B 888 -21.41 -42.64 -11.04
N ALA B 889 -21.75 -43.40 -10.01
CA ALA B 889 -22.99 -44.17 -9.98
C ALA B 889 -24.11 -43.26 -9.46
N SER B 890 -23.86 -42.64 -8.31
CA SER B 890 -24.83 -41.76 -7.69
C SER B 890 -25.34 -40.70 -8.66
N GLN B 891 -24.47 -40.25 -9.57
CA GLN B 891 -24.85 -39.23 -10.54
C GLN B 891 -25.38 -39.82 -11.84
N CYS B 892 -25.14 -41.11 -12.03
CA CYS B 892 -25.58 -41.80 -13.24
C CYS B 892 -27.10 -41.93 -13.28
N ARG B 893 -27.66 -42.11 -14.47
CA ARG B 893 -29.10 -42.24 -14.60
C ARG B 893 -29.65 -43.53 -14.04
N PRO B 894 -30.92 -43.50 -13.58
CA PRO B 894 -31.59 -44.67 -13.01
C PRO B 894 -31.35 -45.95 -13.80
N PHE B 895 -31.44 -47.09 -13.12
CA PHE B 895 -31.24 -48.38 -13.77
C PHE B 895 -32.46 -49.30 -13.61
N LYS B 896 -32.63 -50.22 -14.55
CA LYS B 896 -33.75 -51.15 -14.54
C LYS B 896 -33.44 -52.43 -13.78
N VAL B 897 -34.29 -52.75 -12.81
CA VAL B 897 -34.12 -53.96 -12.01
C VAL B 897 -35.36 -54.84 -12.11
N VAL B 898 -35.17 -56.11 -12.44
CA VAL B 898 -36.28 -57.04 -12.55
C VAL B 898 -36.35 -57.93 -11.32
N VAL B 899 -37.45 -57.80 -10.58
CA VAL B 899 -37.65 -58.56 -9.35
C VAL B 899 -38.81 -59.56 -9.47
N LYS B 900 -38.47 -60.84 -9.47
CA LYS B 900 -39.48 -61.89 -9.57
C LYS B 900 -39.73 -62.55 -8.23
N LYS B 901 -40.93 -62.36 -7.70
CA LYS B 901 -41.29 -62.96 -6.42
C LYS B 901 -41.58 -64.43 -6.63
N TYR B 902 -41.54 -65.19 -5.55
CA TYR B 902 -41.80 -66.62 -5.61
C TYR B 902 -42.45 -67.09 -4.31
N SER B 903 -43.45 -67.96 -4.44
CA SER B 903 -44.15 -68.51 -3.29
C SER B 903 -43.97 -70.02 -3.29
N ILE B 904 -43.37 -70.54 -2.24
CA ILE B 904 -43.13 -71.96 -2.12
C ILE B 904 -43.83 -72.59 -0.91
N GLU B 905 -44.35 -73.80 -1.12
CA GLU B 905 -45.05 -74.53 -0.07
C GLU B 905 -44.49 -75.95 -0.02
N PHE B 906 -44.15 -76.39 1.19
CA PHE B 906 -43.59 -77.72 1.40
C PHE B 906 -43.87 -78.15 2.83
N ASP B 907 -44.09 -79.45 3.02
CA ASP B 907 -44.39 -80.01 4.34
C ASP B 907 -45.21 -79.05 5.21
N GLU B 912 -42.83 -67.25 1.33
CA GLU B 912 -42.82 -66.43 0.13
C GLU B 912 -41.68 -65.40 0.17
N GLU B 913 -40.78 -65.47 -0.80
CA GLU B 913 -39.66 -64.55 -0.87
C GLU B 913 -39.54 -63.95 -2.26
N GLU B 914 -38.95 -62.76 -2.33
CA GLU B 914 -38.75 -62.07 -3.60
C GLU B 914 -37.27 -62.07 -3.95
N ARG B 915 -36.95 -62.04 -5.23
CA ARG B 915 -35.55 -62.04 -5.65
C ARG B 915 -35.29 -61.18 -6.88
N ILE B 916 -34.02 -60.83 -7.08
CA ILE B 916 -33.60 -60.00 -8.20
C ILE B 916 -32.98 -60.91 -9.26
N VAL B 917 -33.65 -60.97 -10.41
CA VAL B 917 -33.21 -61.83 -11.50
C VAL B 917 -32.39 -61.14 -12.58
N ARG B 918 -32.42 -59.82 -12.63
CA ARG B 918 -31.66 -59.08 -13.64
C ARG B 918 -31.68 -57.57 -13.45
N ALA B 919 -30.51 -56.96 -13.46
CA ALA B 919 -30.39 -55.52 -13.31
C ALA B 919 -29.49 -54.98 -14.41
N GLU B 920 -29.91 -53.89 -15.03
CA GLU B 920 -29.13 -53.28 -16.11
C GLU B 920 -29.06 -51.77 -15.99
N GLY B 921 -28.18 -51.17 -16.79
CA GLY B 921 -28.03 -49.72 -16.76
C GLY B 921 -26.58 -49.32 -16.57
N ARG B 922 -26.30 -48.04 -16.79
CA ARG B 922 -24.96 -47.49 -16.65
C ARG B 922 -24.51 -47.59 -15.20
N ALA B 923 -25.41 -47.19 -14.30
CA ALA B 923 -25.15 -47.19 -12.86
C ALA B 923 -24.69 -48.53 -12.30
N TYR B 924 -25.34 -49.60 -12.74
CA TYR B 924 -24.99 -50.93 -12.26
C TYR B 924 -23.63 -51.37 -12.81
N GLU B 925 -23.38 -51.05 -14.07
CA GLU B 925 -22.11 -51.41 -14.69
C GLU B 925 -20.99 -50.88 -13.79
N LEU B 926 -21.26 -49.73 -13.19
CA LEU B 926 -20.30 -49.06 -12.32
C LEU B 926 -20.35 -49.59 -10.89
N TYR B 927 -21.53 -49.52 -10.29
CA TYR B 927 -21.73 -49.97 -8.92
C TYR B 927 -22.81 -51.03 -8.85
N ARG B 928 -22.38 -52.27 -8.63
CA ARG B 928 -23.29 -53.40 -8.53
C ARG B 928 -23.88 -53.44 -7.12
N ALA B 929 -24.79 -52.51 -6.84
CA ALA B 929 -25.43 -52.38 -5.54
C ALA B 929 -26.31 -53.56 -5.14
N VAL B 930 -27.30 -53.86 -5.97
CA VAL B 930 -28.22 -54.96 -5.69
C VAL B 930 -27.66 -56.34 -6.02
N TRP B 931 -28.16 -57.35 -5.32
CA TRP B 931 -27.74 -58.74 -5.52
C TRP B 931 -28.57 -59.41 -6.62
N VAL B 932 -27.91 -59.78 -7.70
CA VAL B 932 -28.59 -60.45 -8.80
C VAL B 932 -28.57 -61.95 -8.56
N LYS B 933 -29.42 -62.42 -7.66
CA LYS B 933 -29.50 -63.85 -7.35
C LYS B 933 -29.95 -64.64 -8.58
N ASN B 934 -29.84 -65.95 -8.50
CA ASN B 934 -30.22 -66.81 -9.61
C ASN B 934 -31.74 -66.94 -9.74
N GLU B 935 -32.21 -66.90 -10.98
CA GLU B 935 -33.64 -67.01 -11.28
C GLU B 935 -34.02 -68.49 -11.27
N LEU B 936 -35.32 -68.79 -11.20
CA LEU B 936 -35.76 -70.18 -11.18
C LEU B 936 -37.17 -70.44 -11.72
N PRO B 937 -37.26 -71.13 -12.87
CA PRO B 937 -38.57 -71.43 -13.47
C PRO B 937 -39.45 -72.19 -12.48
N THR B 938 -40.76 -71.92 -12.52
CA THR B 938 -41.70 -72.59 -11.63
C THR B 938 -41.80 -74.08 -11.93
N GLY B 939 -41.99 -74.87 -10.88
CA GLY B 939 -42.11 -76.31 -11.05
C GLY B 939 -42.02 -77.04 -9.73
N THR B 940 -42.93 -77.99 -9.52
CA THR B 940 -42.94 -78.77 -8.28
C THR B 940 -42.34 -80.15 -8.54
N PHE B 941 -41.04 -80.18 -8.83
CA PHE B 941 -40.36 -81.44 -9.11
C PHE B 941 -39.56 -81.96 -7.92
N ARG B 942 -38.83 -83.05 -8.15
CA ARG B 942 -38.02 -83.68 -7.11
C ARG B 942 -36.77 -82.89 -6.73
N VAL B 943 -36.66 -82.52 -5.46
CA VAL B 943 -35.53 -81.76 -4.94
C VAL B 943 -34.41 -82.63 -4.38
N LYS B 944 -33.21 -82.06 -4.33
CA LYS B 944 -32.02 -82.73 -3.81
C LYS B 944 -31.27 -81.72 -2.95
N ALA B 945 -31.43 -81.81 -1.63
CA ALA B 945 -30.77 -80.88 -0.71
C ALA B 945 -29.62 -81.50 0.09
N GLU B 946 -28.69 -80.66 0.53
CA GLU B 946 -27.55 -81.14 1.32
C GLU B 946 -27.78 -80.94 2.81
N VAL B 947 -28.56 -79.92 3.16
CA VAL B 947 -28.88 -79.64 4.55
C VAL B 947 -27.62 -79.37 5.36
N LYS B 948 -27.74 -78.53 6.39
CA LYS B 948 -26.62 -78.19 7.26
C LYS B 948 -27.02 -77.56 8.59
N SER B 949 -26.11 -77.64 9.55
CA SER B 949 -26.33 -77.09 10.89
C SER B 949 -25.71 -75.69 10.92
N VAL B 950 -26.47 -74.73 10.44
CA VAL B 950 -26.01 -73.35 10.38
C VAL B 950 -26.43 -72.52 11.57
N PRO B 951 -25.54 -71.64 12.06
CA PRO B 951 -25.79 -70.77 13.20
C PRO B 951 -27.10 -70.01 13.03
N LYS B 952 -27.69 -69.56 14.14
CA LYS B 952 -28.94 -68.80 14.09
C LYS B 952 -28.69 -67.61 13.20
N VAL B 953 -27.68 -66.84 13.58
CA VAL B 953 -27.26 -65.66 12.84
C VAL B 953 -25.75 -65.80 12.75
N LEU B 954 -25.09 -64.94 11.99
CA LEU B 954 -23.64 -65.00 11.90
C LEU B 954 -23.02 -63.76 12.54
N PRO B 955 -21.89 -63.95 13.24
CA PRO B 955 -21.16 -62.87 13.92
C PRO B 955 -20.88 -61.63 13.07
N PHE B 956 -20.99 -60.46 13.69
CA PHE B 956 -20.75 -59.18 13.03
C PHE B 956 -19.44 -59.10 12.26
N THR B 957 -19.44 -58.28 11.23
CA THR B 957 -18.26 -58.07 10.41
C THR B 957 -17.94 -56.58 10.49
N GLN B 958 -16.66 -56.24 10.45
CA GLN B 958 -16.24 -54.85 10.52
C GLN B 958 -17.25 -53.98 9.79
N SER B 959 -17.60 -54.37 8.57
CA SER B 959 -18.56 -53.62 7.79
C SER B 959 -19.85 -53.39 8.56
N GLU B 960 -20.49 -54.50 8.95
CA GLU B 960 -21.75 -54.44 9.69
C GLU B 960 -21.65 -53.67 10.99
N ILE B 961 -20.59 -53.92 11.76
CA ILE B 961 -20.44 -53.23 13.04
C ILE B 961 -20.41 -51.71 12.86
N ILE B 962 -19.79 -51.27 11.78
CA ILE B 962 -19.70 -49.84 11.49
C ILE B 962 -21.10 -49.27 11.34
N GLN B 963 -21.86 -49.83 10.41
CA GLN B 963 -23.22 -49.36 10.15
C GLN B 963 -24.01 -49.25 11.44
N MET B 964 -23.76 -50.18 12.36
CA MET B 964 -24.46 -50.17 13.64
C MET B 964 -24.12 -48.91 14.41
N MET B 965 -22.86 -48.52 14.39
CA MET B 965 -22.44 -47.32 15.11
C MET B 965 -23.10 -46.07 14.55
N LYS B 966 -23.45 -46.11 13.27
CA LYS B 966 -24.10 -44.98 12.62
C LYS B 966 -25.57 -44.99 13.00
N GLU B 967 -26.28 -45.99 12.49
CA GLU B 967 -27.71 -46.12 12.77
C GLU B 967 -28.00 -45.81 14.24
N ARG B 968 -27.38 -46.55 15.15
CA ARG B 968 -27.59 -46.31 16.57
C ARG B 968 -27.09 -44.94 16.99
N GLY B 969 -26.15 -44.38 16.23
CA GLY B 969 -25.63 -43.07 16.54
C GLY B 969 -24.47 -42.99 17.51
N ILE B 970 -23.44 -43.81 17.31
CA ILE B 970 -22.26 -43.82 18.16
C ILE B 970 -20.99 -43.74 17.32
N GLY B 971 -19.98 -43.06 17.87
CA GLY B 971 -18.72 -42.91 17.17
C GLY B 971 -18.91 -41.87 16.08
N ARG B 972 -17.80 -41.35 15.56
CA ARG B 972 -17.84 -40.35 14.49
C ARG B 972 -16.78 -40.66 13.45
N PRO B 973 -16.85 -40.00 12.28
CA PRO B 973 -15.86 -40.24 11.23
C PRO B 973 -14.44 -40.31 11.77
N SER B 974 -14.06 -39.29 12.53
CA SER B 974 -12.73 -39.22 13.10
C SER B 974 -12.53 -40.24 14.21
N THR B 975 -13.44 -41.20 14.32
CA THR B 975 -13.30 -42.16 15.39
C THR B 975 -13.77 -43.57 15.03
N TYR B 976 -14.78 -43.64 14.17
CA TYR B 976 -15.32 -44.93 13.74
C TYR B 976 -14.25 -46.00 13.65
N ALA B 977 -13.22 -45.75 12.84
CA ALA B 977 -12.13 -46.69 12.65
C ALA B 977 -11.28 -46.98 13.89
N THR B 978 -10.83 -45.92 14.56
CA THR B 978 -9.99 -46.10 15.74
C THR B 978 -10.64 -46.90 16.85
N ILE B 979 -11.96 -46.76 16.99
CA ILE B 979 -12.65 -47.51 18.02
C ILE B 979 -12.59 -49.01 17.72
N VAL B 980 -13.19 -49.42 16.62
CA VAL B 980 -13.17 -50.82 16.21
C VAL B 980 -11.78 -51.43 16.34
N ASP B 981 -10.76 -50.70 15.88
CA ASP B 981 -9.41 -51.21 15.95
C ASP B 981 -9.00 -51.42 17.40
N ARG B 982 -8.87 -50.34 18.15
CA ARG B 982 -8.49 -50.42 19.55
C ARG B 982 -8.81 -51.79 20.12
N LEU B 983 -10.06 -52.21 19.96
CA LEU B 983 -10.48 -53.50 20.46
C LEU B 983 -9.52 -54.63 20.10
N PHE B 984 -9.18 -54.74 18.81
CA PHE B 984 -8.27 -55.79 18.36
C PHE B 984 -6.86 -55.69 18.97
N MET B 985 -6.45 -54.48 19.34
CA MET B 985 -5.11 -54.29 19.91
C MET B 985 -5.05 -54.33 21.43
N ARG B 986 -6.20 -54.45 22.09
CA ARG B 986 -6.22 -54.54 23.55
C ARG B 986 -6.67 -55.94 23.90
N ASN B 987 -6.59 -56.81 22.89
CA ASN B 987 -6.93 -58.22 22.99
C ASN B 987 -8.39 -58.49 23.38
N TYR B 988 -9.29 -57.61 22.97
CA TYR B 988 -10.70 -57.78 23.28
C TYR B 988 -11.38 -58.55 22.15
N VAL B 989 -10.87 -58.40 20.94
CA VAL B 989 -11.45 -59.08 19.80
C VAL B 989 -10.43 -59.69 18.85
N VAL B 990 -10.88 -60.67 18.07
CA VAL B 990 -10.05 -61.35 17.06
C VAL B 990 -11.04 -61.60 15.93
N GLU B 991 -10.63 -62.36 14.92
CA GLU B 991 -11.52 -62.59 13.79
C GLU B 991 -11.38 -63.96 13.14
N LYS B 992 -12.50 -64.65 12.98
CA LYS B 992 -12.54 -65.97 12.35
C LYS B 992 -13.40 -65.90 11.10
N TYR B 993 -12.91 -66.51 10.01
CA TYR B 993 -13.64 -66.52 8.75
C TYR B 993 -13.99 -65.11 8.30
N GLY B 994 -13.37 -64.11 8.93
CA GLY B 994 -13.65 -62.74 8.56
C GLY B 994 -14.77 -62.12 9.36
N ARG B 995 -15.08 -62.72 10.51
CA ARG B 995 -16.13 -62.20 11.37
C ARG B 995 -15.51 -61.86 12.72
N MET B 996 -16.00 -60.79 13.34
CA MET B 996 -15.49 -60.33 14.63
C MET B 996 -15.90 -61.27 15.77
N ILE B 997 -14.94 -61.63 16.61
CA ILE B 997 -15.19 -62.53 17.73
C ILE B 997 -14.56 -62.01 19.00
N PRO B 998 -15.29 -62.06 20.13
CA PRO B 998 -14.74 -61.58 21.40
C PRO B 998 -13.84 -62.61 22.07
N THR B 999 -13.33 -62.28 23.25
CA THR B 999 -12.45 -63.17 23.99
C THR B 999 -12.75 -63.04 25.47
N LYS B 1000 -12.39 -64.06 26.24
CA LYS B 1000 -12.60 -64.04 27.68
C LYS B 1000 -12.15 -62.68 28.17
N LEU B 1001 -10.84 -62.46 28.12
CA LEU B 1001 -10.24 -61.19 28.55
C LEU B 1001 -11.19 -60.04 28.22
N GLY B 1002 -11.56 -59.93 26.94
CA GLY B 1002 -12.47 -58.87 26.55
C GLY B 1002 -13.72 -58.91 27.41
N ILE B 1003 -14.48 -60.00 27.25
CA ILE B 1003 -15.71 -60.20 27.99
C ILE B 1003 -15.60 -59.85 29.48
N ASP B 1004 -14.77 -60.58 30.20
CA ASP B 1004 -14.59 -60.32 31.63
C ASP B 1004 -14.42 -58.82 31.81
N VAL B 1005 -13.68 -58.21 30.89
CA VAL B 1005 -13.47 -56.77 30.93
C VAL B 1005 -14.83 -56.11 30.73
N PHE B 1006 -15.41 -56.32 29.55
CA PHE B 1006 -16.71 -55.74 29.25
C PHE B 1006 -17.63 -55.83 30.46
N ARG B 1007 -17.95 -57.06 30.84
CA ARG B 1007 -18.84 -57.33 31.95
C ARG B 1007 -18.45 -56.61 33.24
N PHE B 1008 -17.17 -56.32 33.41
CA PHE B 1008 -16.76 -55.62 34.61
C PHE B 1008 -17.38 -54.23 34.60
N LEU B 1009 -17.00 -53.46 33.59
CA LEU B 1009 -17.49 -52.09 33.43
C LEU B 1009 -19.02 -52.03 33.45
N VAL B 1010 -19.65 -52.93 32.69
CA VAL B 1010 -21.10 -52.95 32.63
C VAL B 1010 -21.74 -53.16 33.99
N ARG B 1011 -21.38 -54.25 34.68
CA ARG B 1011 -21.96 -54.54 35.99
C ARG B 1011 -21.83 -53.41 36.99
N ARG B 1012 -20.67 -52.75 37.00
CA ARG B 1012 -20.43 -51.64 37.90
C ARG B 1012 -20.09 -50.43 37.04
N TYR B 1013 -20.98 -49.45 36.97
CA TYR B 1013 -20.77 -48.22 36.20
C TYR B 1013 -21.44 -48.24 34.83
N ALA B 1014 -22.38 -49.17 34.62
CA ALA B 1014 -23.10 -49.26 33.35
C ALA B 1014 -23.75 -47.94 32.96
N LYS B 1015 -23.87 -47.04 33.93
CA LYS B 1015 -24.50 -45.74 33.70
C LYS B 1015 -23.57 -44.73 33.04
N PHE B 1016 -22.30 -45.09 32.90
CA PHE B 1016 -21.33 -44.21 32.27
C PHE B 1016 -21.09 -44.69 30.84
N VAL B 1017 -21.43 -45.96 30.61
CA VAL B 1017 -21.27 -46.59 29.30
C VAL B 1017 -22.62 -46.71 28.60
N SER B 1018 -23.67 -46.26 29.27
CA SER B 1018 -25.02 -46.32 28.70
C SER B 1018 -25.06 -45.82 27.27
N GLU B 1019 -25.43 -46.70 26.33
CA GLU B 1019 -25.51 -46.34 24.92
C GLU B 1019 -26.16 -44.98 24.77
N ASP B 1020 -27.18 -44.72 25.58
CA ASP B 1020 -27.89 -43.45 25.54
C ASP B 1020 -26.99 -42.30 26.00
N ARG B 1021 -26.18 -42.54 27.03
CA ARG B 1021 -25.27 -41.51 27.52
C ARG B 1021 -24.21 -41.21 26.49
N THR B 1022 -23.72 -42.26 25.83
CA THR B 1022 -22.70 -42.09 24.80
C THR B 1022 -23.31 -41.39 23.59
N ARG B 1023 -24.42 -41.94 23.09
CA ARG B 1023 -25.10 -41.37 21.94
C ARG B 1023 -25.44 -39.89 22.16
N ASP B 1024 -26.02 -39.57 23.32
CA ASP B 1024 -26.37 -38.19 23.62
C ASP B 1024 -25.14 -37.31 23.67
N LEU B 1025 -24.20 -37.65 24.54
CA LEU B 1025 -22.99 -36.87 24.67
C LEU B 1025 -22.29 -36.81 23.33
N GLU B 1026 -22.38 -37.89 22.56
CA GLU B 1026 -21.76 -37.95 21.25
C GLU B 1026 -22.36 -36.84 20.39
N SER B 1027 -23.52 -36.32 20.81
CA SER B 1027 -24.24 -35.26 20.10
C SER B 1027 -23.93 -33.87 20.65
N ARG B 1028 -23.71 -33.78 21.95
CA ARG B 1028 -23.40 -32.50 22.56
C ARG B 1028 -22.16 -31.92 21.91
N MET B 1029 -21.27 -32.80 21.46
CA MET B 1029 -20.03 -32.41 20.81
C MET B 1029 -20.31 -31.72 19.48
N ASP B 1030 -21.03 -32.42 18.61
CA ASP B 1030 -21.38 -31.86 17.31
C ASP B 1030 -22.17 -30.57 17.59
N ALA B 1031 -22.95 -30.58 18.66
CA ALA B 1031 -23.73 -29.42 19.04
C ALA B 1031 -22.78 -28.26 19.28
N ILE B 1032 -21.83 -28.45 20.18
CA ILE B 1032 -20.86 -27.41 20.48
C ILE B 1032 -20.10 -27.02 19.22
N GLU B 1033 -19.75 -28.01 18.40
CA GLU B 1033 -19.02 -27.73 17.17
C GLU B 1033 -19.81 -26.76 16.30
N ARG B 1034 -21.12 -26.95 16.23
CA ARG B 1034 -21.95 -26.07 15.43
C ARG B 1034 -22.17 -24.76 16.19
N GLY B 1035 -21.73 -24.74 17.44
CA GLY B 1035 -21.85 -23.55 18.27
C GLY B 1035 -23.17 -23.34 19.00
N GLU B 1036 -23.95 -24.41 19.09
CA GLU B 1036 -25.25 -24.34 19.74
C GLU B 1036 -25.18 -24.55 21.25
N LEU B 1037 -24.35 -25.51 21.69
CA LEU B 1037 -24.22 -25.80 23.10
C LEU B 1037 -22.93 -25.19 23.66
N ASP B 1038 -23.03 -24.53 24.80
CA ASP B 1038 -21.87 -23.89 25.43
C ASP B 1038 -20.93 -24.91 26.04
N TYR B 1039 -19.68 -24.93 25.56
CA TYR B 1039 -18.66 -25.86 26.05
C TYR B 1039 -18.44 -25.74 27.55
N LEU B 1040 -18.31 -24.52 28.06
CA LEU B 1040 -18.13 -24.33 29.48
C LEU B 1040 -19.26 -25.09 30.19
N LYS B 1041 -20.48 -24.88 29.74
CA LYS B 1041 -21.64 -25.54 30.32
C LYS B 1041 -21.71 -27.00 29.88
N ALA B 1042 -20.74 -27.42 29.09
CA ALA B 1042 -20.69 -28.80 28.61
C ALA B 1042 -19.69 -29.55 29.47
N LEU B 1043 -18.68 -28.82 29.96
CA LEU B 1043 -17.63 -29.40 30.80
C LEU B 1043 -18.13 -29.78 32.19
N GLU B 1044 -18.87 -28.88 32.83
CA GLU B 1044 -19.40 -29.13 34.17
C GLU B 1044 -20.05 -30.51 34.22
N ASP B 1045 -21.05 -30.71 33.37
CA ASP B 1045 -21.75 -31.98 33.33
C ASP B 1045 -20.76 -33.11 33.11
N MET B 1046 -19.61 -32.78 32.55
CA MET B 1046 -18.58 -33.78 32.32
C MET B 1046 -17.70 -33.96 33.55
N TYR B 1047 -17.34 -32.84 34.17
CA TYR B 1047 -16.49 -32.84 35.36
C TYR B 1047 -17.23 -33.47 36.54
N ALA B 1048 -18.48 -33.06 36.72
CA ALA B 1048 -19.30 -33.62 37.77
C ALA B 1048 -19.35 -35.12 37.49
N GLU B 1049 -19.92 -35.46 36.35
CA GLU B 1049 -20.06 -36.85 35.89
C GLU B 1049 -18.82 -37.70 36.14
N ILE B 1050 -17.64 -37.09 36.08
CA ILE B 1050 -16.40 -37.81 36.28
C ILE B 1050 -16.00 -37.90 37.76
N LYS B 1051 -16.15 -36.82 38.51
CA LYS B 1051 -15.81 -36.87 39.93
C LYS B 1051 -16.86 -37.66 40.69
N SER B 1052 -17.93 -38.03 39.98
CA SER B 1052 -19.02 -38.81 40.55
C SER B 1052 -18.55 -40.23 40.85
N ILE B 1053 -17.23 -40.42 40.78
CA ILE B 1053 -16.60 -41.70 41.04
C ILE B 1053 -15.17 -41.41 41.49
N ASP B 1054 -14.54 -40.47 40.80
CA ASP B 1054 -13.18 -40.04 41.10
C ASP B 1054 -12.17 -41.19 41.07
#